data_5Z15
#
_entry.id   5Z15
#
_cell.length_a   143.892
_cell.length_b   98.747
_cell.length_c   139.476
_cell.angle_alpha   90.00
_cell.angle_beta   109.04
_cell.angle_gamma   90.00
#
_symmetry.space_group_name_H-M   'C 1 2 1'
#
loop_
_entity.id
_entity.type
_entity.pdbx_description
1 polymer 'Toll-like receptor 8'
2 branched alpha-D-mannopyranose-(1-3)-beta-D-mannopyranose-(1-4)-2-acetamido-2-deoxy-beta-D-glucopyranose-(1-4)-2-acetamido-2-deoxy-beta-D-glucopyranose
3 branched 2-acetamido-2-deoxy-beta-D-glucopyranose-(1-4)-2-acetamido-2-deoxy-beta-D-glucopyranose
4 branched alpha-D-mannopyranose-(1-3)-[alpha-D-mannopyranose-(1-6)]beta-D-mannopyranose-(1-4)-2-acetamido-2-deoxy-beta-D-glucopyranose-(1-4)-2-acetamido-2-deoxy-beta-D-glucopyranose
5 branched alpha-D-mannopyranose-(1-6)-beta-D-mannopyranose-(1-4)-2-acetamido-2-deoxy-beta-D-glucopyranose-(1-4)-2-acetamido-2-deoxy-beta-D-glucopyranose
6 non-polymer 4-(7-chloranylquinolin-4-yl)-2-methyl-phenol
7 non-polymer alpha-D-mannopyranose
8 non-polymer 2-acetamido-2-deoxy-beta-D-glucopyranose
9 water water
#
_entity_poly.entity_id   1
_entity_poly.type   'polypeptide(L)'
_entity_poly.pdbx_seq_one_letter_code
;RSPWEENFSRSYPCDEKKQNDSVIAECSNRRLQEVPQTVGKYVTELDLSDNFITHITNESFQGLQNLTKINLNHNPNVQH
QNGNPGIQSNGLNITDGAFLNLKNLRELLLEDNQLPQIPSGLPESLTELSLIQNNIYNITKEGISRLINLKNLYLAWNCY
FNKVCEKTNIEDGVFETLTNLELLSLSFNSLSHVPPKLPSSLRKLFLSNTQIKYISEEDFKGLINLTLLDLSGNCPRCFN
APFPCVPCDGGASINIDRFAFQNLTQLRYLNLSSTSLRKINAAWFKNMPHLKVLDLEFNYLVGEIASGAFLTMLPRLEIL
DLSFNYIKGSYPQHINISRNFSKLLSLRALHLRGYVFQELREDDFQPLMQLPNLSTINLGINFIKQIDFKLFQNFSNLEI
IYLSENRISPLVKDTRQSYANSSSFQRHIRKRRSTDFEFDPHSNFYHFTRPLIKPQCAAYGKALDLSLNSIFFIGPNQFE
NLPDIACLNLSANSNAQVLSGTEFSAIPHVKYLDLTNNRLDFDNASALTELSDLEVLDLSYNSHYFRIAGVTHHLEFIQN
FTNLKVLNLSHNNIYTLTDKYNLESKSLVELVFSGNRLDILWNDDDNRYISIFKGLKNLTRLDLSLNRLKHIPNEAFLNL
PASLTELHINDNMLKFFNWTLLQQFPRLELLDLRGNKLLFLTDSLSDFTSSLRTLLLSHNRISHLPSGFLSEVSSLKHLD
LSSNLLKTINKSALETKTTTKLSMLELHGNPFECTCDIGDFRRWMDEHLNVKIPRLVDVICASPGDQRGKSIVSLELTTC
VSDVTEFLVPR
;
_entity_poly.pdbx_strand_id   A,B
#
# COMPACT_ATOMS: atom_id res chain seq x y z
N ARG A 10 22.40 -36.05 -12.65
CA ARG A 10 21.52 -35.17 -11.82
C ARG A 10 22.27 -34.66 -10.59
N SER A 11 22.95 -33.53 -10.78
CA SER A 11 23.79 -32.92 -9.74
C SER A 11 23.07 -32.64 -8.42
N TYR A 12 23.84 -32.70 -7.33
CA TYR A 12 23.39 -32.37 -5.99
C TYR A 12 24.64 -31.96 -5.21
N PRO A 13 24.53 -30.99 -4.30
CA PRO A 13 23.36 -30.12 -4.17
C PRO A 13 23.31 -28.99 -5.22
N CYS A 14 24.34 -28.85 -6.06
CA CYS A 14 24.39 -27.79 -7.07
C CYS A 14 23.40 -28.01 -8.25
N ASP A 15 23.16 -26.93 -9.01
CA ASP A 15 22.44 -26.96 -10.29
C ASP A 15 23.49 -26.70 -11.38
N GLU A 16 24.05 -27.76 -11.91
CA GLU A 16 25.05 -27.62 -12.96
C GLU A 16 24.36 -27.39 -14.28
N LYS A 17 25.05 -26.77 -15.23
CA LYS A 17 24.51 -26.46 -16.57
C LYS A 17 25.56 -25.80 -17.48
N LYS A 18 25.28 -25.83 -18.76
CA LYS A 18 26.19 -25.27 -19.77
C LYS A 18 26.16 -23.72 -19.78
N GLN A 19 27.30 -23.07 -19.87
CA GLN A 19 27.34 -21.62 -20.05
C GLN A 19 28.28 -21.39 -21.20
N ASN A 20 27.73 -20.97 -22.34
CA ASN A 20 28.55 -20.76 -23.52
C ASN A 20 29.33 -22.07 -23.79
N ASP A 21 30.63 -22.09 -23.51
CA ASP A 21 31.46 -23.26 -23.84
C ASP A 21 32.20 -23.83 -22.63
N SER A 22 31.45 -23.98 -21.55
CA SER A 22 32.02 -24.38 -20.28
C SER A 22 30.84 -24.62 -19.36
N VAL A 23 31.09 -25.11 -18.15
CA VAL A 23 30.01 -25.63 -17.34
C VAL A 23 30.07 -25.00 -15.96
N ILE A 24 28.89 -24.72 -15.43
CA ILE A 24 28.70 -23.81 -14.32
C ILE A 24 27.90 -24.49 -13.21
N ALA A 25 28.36 -24.31 -11.98
CA ALA A 25 27.68 -24.89 -10.84
C ALA A 25 27.10 -23.74 -10.04
N GLU A 26 25.77 -23.64 -10.04
CA GLU A 26 25.08 -22.68 -9.20
C GLU A 26 24.76 -23.37 -7.91
N CYS A 27 25.42 -22.97 -6.84
CA CYS A 27 25.27 -23.66 -5.59
C CYS A 27 24.96 -22.72 -4.44
N SER A 28 24.14 -21.70 -4.71
CA SER A 28 23.90 -20.65 -3.73
C SER A 28 22.56 -20.79 -3.01
N ASN A 29 22.34 -19.98 -1.98
CA ASN A 29 21.10 -20.04 -1.19
C ASN A 29 20.65 -21.47 -1.00
N ARG A 30 21.57 -22.30 -0.49
CA ARG A 30 21.35 -23.73 -0.29
C ARG A 30 21.81 -24.26 1.08
N ARG A 31 21.88 -23.36 2.05
CA ARG A 31 22.14 -23.72 3.44
C ARG A 31 23.28 -24.73 3.70
N LEU A 32 24.26 -24.80 2.80
CA LEU A 32 25.40 -25.72 2.95
C LEU A 32 26.33 -25.19 4.03
N GLN A 33 27.00 -26.11 4.73
CA GLN A 33 27.88 -25.75 5.86
C GLN A 33 29.35 -26.03 5.56
N GLU A 34 29.60 -26.82 4.52
CA GLU A 34 30.91 -26.94 3.94
C GLU A 34 30.80 -26.76 2.42
N VAL A 35 31.94 -26.71 1.76
CA VAL A 35 32.01 -26.87 0.31
C VAL A 35 31.55 -28.29 -0.02
N PRO A 36 30.71 -28.49 -1.05
CA PRO A 36 30.38 -29.87 -1.45
C PRO A 36 31.51 -30.59 -2.16
N GLN A 37 31.61 -31.90 -1.93
CA GLN A 37 32.56 -32.74 -2.65
C GLN A 37 31.77 -33.60 -3.66
N THR A 38 30.49 -33.28 -3.82
CA THR A 38 29.60 -33.99 -4.74
C THR A 38 29.44 -33.18 -6.04
N VAL A 39 30.41 -32.32 -6.34
CA VAL A 39 30.33 -31.37 -7.44
C VAL A 39 30.81 -32.06 -8.70
N GLY A 40 30.13 -31.80 -9.82
CA GLY A 40 30.51 -32.31 -11.14
C GLY A 40 31.97 -32.04 -11.46
N LYS A 41 32.55 -32.86 -12.33
CA LYS A 41 33.98 -32.80 -12.53
C LYS A 41 34.32 -31.90 -13.71
N TYR A 42 33.28 -31.51 -14.41
CA TYR A 42 33.43 -30.67 -15.58
C TYR A 42 33.38 -29.17 -15.24
N VAL A 43 32.82 -28.86 -14.07
CA VAL A 43 32.61 -27.49 -13.63
C VAL A 43 33.91 -26.67 -13.57
N THR A 44 33.87 -25.48 -14.17
CA THR A 44 34.98 -24.54 -14.16
C THR A 44 34.64 -23.25 -13.40
N GLU A 45 33.40 -23.11 -12.97
CA GLU A 45 32.96 -21.92 -12.27
C GLU A 45 31.93 -22.36 -11.25
N LEU A 46 32.22 -22.08 -9.98
CA LEU A 46 31.42 -22.54 -8.88
C LEU A 46 30.92 -21.36 -8.01
N ASP A 47 29.61 -21.20 -7.91
CA ASP A 47 28.99 -20.20 -7.05
C ASP A 47 28.44 -20.87 -5.78
N LEU A 48 29.19 -20.76 -4.68
CA LEU A 48 28.73 -21.23 -3.35
C LEU A 48 28.23 -20.09 -2.41
N SER A 49 27.82 -18.95 -2.97
CA SER A 49 27.58 -17.75 -2.16
C SER A 49 26.33 -17.80 -1.32
N ASP A 50 26.23 -16.86 -0.39
CA ASP A 50 25.01 -16.73 0.40
C ASP A 50 24.60 -18.08 1.03
N ASN A 51 25.44 -18.56 1.94
CA ASN A 51 25.35 -19.89 2.52
C ASN A 51 25.85 -19.90 3.99
N PHE A 52 25.96 -21.09 4.59
CA PHE A 52 26.41 -21.24 5.97
C PHE A 52 27.77 -21.90 6.03
N ILE A 53 28.67 -21.53 5.12
CA ILE A 53 30.01 -22.14 5.05
C ILE A 53 30.98 -21.38 5.95
N THR A 54 31.75 -22.11 6.75
CA THR A 54 32.56 -21.50 7.83
C THR A 54 34.06 -21.62 7.66
N HIS A 55 34.50 -22.74 7.11
CA HIS A 55 35.92 -22.98 6.95
C HIS A 55 36.30 -23.35 5.53
N ILE A 56 37.42 -22.82 5.07
CA ILE A 56 38.01 -23.24 3.81
C ILE A 56 39.45 -23.62 4.12
N THR A 57 39.79 -24.86 3.81
CA THR A 57 41.16 -25.35 3.88
C THR A 57 41.56 -25.69 2.45
N ASN A 58 42.82 -26.03 2.24
CA ASN A 58 43.31 -26.44 0.91
C ASN A 58 42.78 -27.81 0.48
N GLU A 59 42.01 -28.43 1.36
CA GLU A 59 41.28 -29.66 1.06
C GLU A 59 39.99 -29.35 0.29
N SER A 60 39.33 -28.24 0.65
CA SER A 60 37.98 -27.92 0.18
C SER A 60 37.73 -27.95 -1.35
N PHE A 61 38.74 -27.69 -2.19
CA PHE A 61 38.59 -27.68 -3.68
C PHE A 61 39.55 -28.61 -4.42
N GLN A 62 40.02 -29.67 -3.76
CA GLN A 62 40.81 -30.67 -4.47
C GLN A 62 39.83 -31.44 -5.38
N GLY A 63 40.36 -32.06 -6.43
CA GLY A 63 39.54 -32.77 -7.42
C GLY A 63 38.70 -31.87 -8.32
N LEU A 64 39.04 -30.58 -8.32
CA LEU A 64 38.40 -29.53 -9.11
C LEU A 64 39.50 -28.55 -9.46
N GLN A 65 40.56 -29.03 -10.09
CA GLN A 65 41.75 -28.22 -10.31
C GLN A 65 41.47 -27.31 -11.52
N ASN A 66 40.56 -27.78 -12.37
CA ASN A 66 40.16 -27.06 -13.55
C ASN A 66 39.38 -25.75 -13.24
N LEU A 67 38.85 -25.60 -12.02
CA LEU A 67 38.17 -24.34 -11.61
C LEU A 67 38.86 -23.02 -12.02
N THR A 68 38.03 -22.13 -12.54
CA THR A 68 38.39 -20.80 -12.96
C THR A 68 37.79 -19.71 -12.11
N LYS A 69 36.55 -19.89 -11.67
CA LYS A 69 35.85 -18.85 -10.93
C LYS A 69 35.10 -19.43 -9.71
N ILE A 70 35.51 -18.98 -8.52
CA ILE A 70 34.85 -19.30 -7.25
C ILE A 70 34.23 -18.02 -6.64
N ASN A 71 33.00 -18.17 -6.14
CA ASN A 71 32.33 -17.10 -5.43
C ASN A 71 31.90 -17.58 -4.05
N LEU A 72 32.55 -17.07 -3.02
CA LEU A 72 32.18 -17.44 -1.67
C LEU A 72 31.47 -16.32 -0.92
N ASN A 73 30.97 -15.33 -1.67
CA ASN A 73 30.29 -14.17 -1.05
C ASN A 73 29.26 -14.54 0.02
N HIS A 74 29.02 -13.63 0.96
CA HIS A 74 28.04 -13.83 2.04
C HIS A 74 28.10 -15.26 2.62
N ASN A 75 29.20 -15.55 3.30
CA ASN A 75 29.37 -16.80 4.04
C ASN A 75 30.09 -16.50 5.37
N PRO A 76 29.46 -16.85 6.50
CA PRO A 76 28.13 -17.48 6.55
C PRO A 76 26.99 -16.48 6.79
N ASN A 77 25.76 -16.98 6.82
CA ASN A 77 24.59 -16.18 7.22
C ASN A 77 23.99 -16.62 8.58
N VAL A 78 23.15 -15.75 9.17
CA VAL A 78 22.42 -16.02 10.44
C VAL A 78 23.17 -16.95 11.39
N ASN A 90 31.35 -16.23 13.73
CA ASN A 90 32.35 -15.18 13.59
C ASN A 90 32.55 -14.79 12.09
N GLY A 91 33.75 -15.01 11.53
CA GLY A 91 34.01 -14.72 10.11
C GLY A 91 34.08 -15.97 9.24
N LEU A 92 34.86 -15.91 8.17
CA LEU A 92 35.15 -17.09 7.36
C LEU A 92 36.62 -17.47 7.56
N ASN A 93 36.89 -18.72 7.93
CA ASN A 93 38.24 -19.13 8.27
C ASN A 93 38.86 -19.69 6.98
N ILE A 94 39.88 -19.01 6.49
CA ILE A 94 40.58 -19.41 5.29
C ILE A 94 42.02 -19.77 5.67
N THR A 95 42.33 -21.05 5.66
CA THR A 95 43.64 -21.49 6.09
C THR A 95 44.58 -21.04 5.02
N ASP A 96 45.63 -20.32 5.39
CA ASP A 96 46.65 -19.91 4.47
C ASP A 96 46.87 -21.00 3.41
N GLY A 97 47.19 -20.59 2.18
CA GLY A 97 47.42 -21.49 1.02
C GLY A 97 46.22 -22.27 0.48
N ALA A 98 45.02 -21.91 0.93
CA ALA A 98 43.83 -22.71 0.68
C ALA A 98 43.53 -22.90 -0.79
N PHE A 99 43.90 -21.93 -1.61
CA PHE A 99 43.62 -21.98 -3.03
C PHE A 99 44.89 -22.14 -3.87
N LEU A 100 46.06 -21.95 -3.30
CA LEU A 100 47.29 -21.99 -4.09
C LEU A 100 47.24 -23.16 -5.04
N ASN A 101 46.68 -24.28 -4.58
CA ASN A 101 46.45 -25.49 -5.42
C ASN A 101 45.68 -25.32 -6.72
N LEU A 102 44.92 -24.24 -6.87
CA LEU A 102 44.12 -24.00 -8.07
C LEU A 102 44.92 -23.15 -9.08
N LYS A 103 45.49 -23.81 -10.09
CA LYS A 103 46.42 -23.17 -11.00
C LYS A 103 45.72 -22.35 -12.06
N ASN A 104 44.42 -22.61 -12.28
CA ASN A 104 43.63 -21.87 -13.27
C ASN A 104 42.56 -20.94 -12.69
N LEU A 105 42.71 -20.58 -11.41
CA LEU A 105 41.76 -19.69 -10.76
C LEU A 105 42.07 -18.26 -11.18
N ARG A 106 41.14 -17.68 -11.94
CA ARG A 106 41.25 -16.32 -12.49
C ARG A 106 40.52 -15.31 -11.61
N GLU A 107 39.32 -15.67 -11.16
CA GLU A 107 38.41 -14.76 -10.48
C GLU A 107 37.92 -15.38 -9.18
N LEU A 108 38.01 -14.62 -8.10
CA LEU A 108 37.71 -15.13 -6.77
C LEU A 108 36.97 -14.08 -5.98
N LEU A 109 35.76 -14.39 -5.59
CA LEU A 109 34.91 -13.40 -5.00
C LEU A 109 34.73 -13.78 -3.56
N LEU A 110 35.04 -12.83 -2.67
CA LEU A 110 35.03 -13.04 -1.24
C LEU A 110 34.46 -11.82 -0.55
N GLU A 111 33.26 -11.45 -0.99
CA GLU A 111 32.56 -10.33 -0.41
C GLU A 111 31.81 -10.80 0.82
N ASP A 112 31.64 -9.89 1.78
CA ASP A 112 30.80 -10.12 2.95
C ASP A 112 31.16 -11.44 3.58
N ASN A 113 32.45 -11.64 3.82
CA ASN A 113 32.92 -12.81 4.55
C ASN A 113 33.48 -12.43 5.91
N GLN A 114 33.29 -11.17 6.31
CA GLN A 114 33.79 -10.72 7.60
C GLN A 114 35.30 -11.02 7.77
N LEU A 115 36.05 -11.04 6.68
CA LEU A 115 37.48 -11.31 6.77
C LEU A 115 38.19 -10.26 7.64
N PRO A 116 39.25 -10.67 8.37
CA PRO A 116 40.08 -9.72 9.13
C PRO A 116 41.39 -9.37 8.44
N GLN A 117 41.68 -10.02 7.32
CA GLN A 117 42.87 -9.71 6.55
C GLN A 117 42.71 -10.31 5.18
N ILE A 118 43.49 -9.80 4.23
CA ILE A 118 43.61 -10.43 2.92
C ILE A 118 44.07 -11.86 3.19
N PRO A 119 43.42 -12.83 2.55
CA PRO A 119 43.93 -14.19 2.64
C PRO A 119 45.40 -14.29 2.24
N SER A 120 46.14 -14.97 3.10
CA SER A 120 47.53 -15.28 2.82
C SER A 120 47.60 -16.36 1.75
N GLY A 121 48.62 -16.29 0.92
CA GLY A 121 48.92 -17.39 -0.01
C GLY A 121 47.88 -17.58 -1.10
N LEU A 122 47.51 -16.48 -1.76
CA LEU A 122 46.51 -16.50 -2.84
C LEU A 122 47.23 -16.79 -4.16
N PRO A 123 46.53 -17.46 -5.11
CA PRO A 123 47.19 -18.00 -6.31
C PRO A 123 47.52 -16.98 -7.40
N GLU A 124 48.81 -16.91 -7.75
CA GLU A 124 49.35 -16.03 -8.80
C GLU A 124 48.50 -15.94 -10.08
N SER A 125 47.70 -16.96 -10.37
CA SER A 125 46.95 -16.98 -11.62
C SER A 125 45.84 -15.94 -11.67
N LEU A 126 45.52 -15.33 -10.51
CA LEU A 126 44.36 -14.43 -10.38
C LEU A 126 44.44 -13.15 -11.21
N THR A 127 43.26 -12.77 -11.68
CA THR A 127 43.10 -11.61 -12.53
C THR A 127 42.01 -10.67 -11.98
N GLU A 128 40.94 -11.22 -11.41
CA GLU A 128 39.93 -10.46 -10.70
C GLU A 128 39.79 -10.97 -9.25
N LEU A 129 39.80 -10.05 -8.28
CA LEU A 129 39.75 -10.39 -6.85
C LEU A 129 38.86 -9.38 -6.15
N SER A 130 37.81 -9.83 -5.48
CA SER A 130 36.95 -8.92 -4.71
C SER A 130 36.92 -9.26 -3.20
N LEU A 131 37.20 -8.25 -2.38
CA LEU A 131 37.28 -8.42 -0.93
C LEU A 131 36.39 -7.43 -0.21
N ILE A 132 35.40 -6.93 -0.94
CA ILE A 132 34.45 -5.94 -0.45
C ILE A 132 33.69 -6.46 0.77
N GLN A 133 33.25 -5.57 1.66
CA GLN A 133 32.43 -5.93 2.85
C GLN A 133 33.13 -6.90 3.82
N ASN A 134 34.36 -6.54 4.16
CA ASN A 134 35.13 -7.29 5.13
C ASN A 134 35.64 -6.37 6.19
N ASN A 135 36.54 -6.86 7.01
CA ASN A 135 37.11 -6.06 8.07
C ASN A 135 38.60 -6.05 7.85
N ILE A 136 38.96 -5.80 6.59
CA ILE A 136 40.35 -5.70 6.14
C ILE A 136 40.78 -4.26 6.25
N TYR A 137 41.65 -4.00 7.21
CA TYR A 137 42.19 -2.66 7.43
C TYR A 137 43.64 -2.51 7.01
N ASN A 138 44.24 -3.61 6.52
CA ASN A 138 45.68 -3.68 6.19
C ASN A 138 45.94 -4.24 4.77
N ILE A 139 46.42 -3.40 3.86
CA ILE A 139 46.74 -3.80 2.48
C ILE A 139 48.26 -4.05 2.31
N THR A 140 48.68 -5.31 2.39
CA THR A 140 50.12 -5.63 2.46
C THR A 140 50.77 -6.19 1.17
N LYS A 141 52.10 -6.14 1.11
CA LYS A 141 52.86 -6.77 0.02
C LYS A 141 52.82 -8.30 0.20
N GLU A 142 52.67 -8.69 1.47
CA GLU A 142 52.48 -10.08 1.86
C GLU A 142 51.27 -10.70 1.17
N GLY A 143 50.21 -9.91 1.05
CA GLY A 143 48.91 -10.38 0.54
C GLY A 143 48.67 -10.30 -0.96
N ILE A 144 49.11 -9.22 -1.61
CA ILE A 144 48.73 -8.99 -3.01
C ILE A 144 49.83 -8.65 -4.00
N SER A 145 51.06 -8.36 -3.56
CA SER A 145 52.06 -7.86 -4.50
C SER A 145 52.67 -8.99 -5.30
N ARG A 146 52.26 -10.22 -4.97
CA ARG A 146 52.65 -11.42 -5.69
C ARG A 146 51.72 -11.69 -6.89
N LEU A 147 50.56 -11.01 -6.93
CA LEU A 147 49.55 -11.22 -7.97
C LEU A 147 49.82 -10.21 -9.09
N ILE A 148 50.85 -10.48 -9.87
CA ILE A 148 51.21 -9.59 -10.97
C ILE A 148 50.20 -9.64 -12.11
N ASN A 149 49.31 -10.63 -12.08
CA ASN A 149 48.30 -10.77 -13.13
C ASN A 149 46.96 -10.09 -12.88
N LEU A 150 46.68 -9.64 -11.66
CA LEU A 150 45.47 -8.85 -11.40
C LEU A 150 45.19 -7.78 -12.48
N LYS A 151 43.95 -7.78 -13.00
CA LYS A 151 43.38 -6.68 -13.77
C LYS A 151 42.43 -5.86 -12.92
N ASN A 152 41.69 -6.54 -12.06
CA ASN A 152 40.55 -5.96 -11.37
C ASN A 152 40.64 -6.30 -9.93
N LEU A 153 40.92 -5.29 -9.10
CA LEU A 153 40.98 -5.48 -7.66
C LEU A 153 39.91 -4.62 -7.03
N TYR A 154 39.14 -5.21 -6.12
CA TYR A 154 38.07 -4.49 -5.45
C TYR A 154 38.17 -4.66 -3.95
N LEU A 155 38.42 -3.57 -3.23
CA LEU A 155 38.61 -3.58 -1.77
C LEU A 155 37.65 -2.71 -0.96
N ALA A 156 36.60 -2.20 -1.59
CA ALA A 156 35.66 -1.24 -0.95
C ALA A 156 34.91 -1.75 0.25
N TRP A 157 34.19 -0.85 0.92
CA TRP A 157 33.44 -1.15 2.17
C TRP A 157 34.25 -2.02 3.14
N ASN A 158 35.43 -1.56 3.53
CA ASN A 158 36.31 -2.28 4.45
C ASN A 158 36.63 -1.51 5.73
N CYS A 159 36.77 -0.18 5.65
CA CYS A 159 36.81 0.66 6.85
C CYS A 159 35.90 1.90 6.71
N TYR A 160 34.67 1.69 7.11
CA TYR A 160 33.62 2.67 6.89
C TYR A 160 32.83 2.79 8.19
N PHE A 161 33.10 3.85 8.94
CA PHE A 161 32.58 4.02 10.31
C PHE A 161 32.75 2.74 11.15
N ASN A 162 33.93 2.16 11.02
CA ASN A 162 34.30 1.05 11.84
C ASN A 162 35.20 1.60 12.93
N LYS A 163 34.71 1.57 14.18
CA LYS A 163 35.48 2.02 15.34
C LYS A 163 36.68 1.07 15.61
N VAL A 164 37.73 1.28 14.82
CA VAL A 164 38.80 0.31 14.47
C VAL A 164 38.34 -0.37 13.17
N CYS A 165 38.93 -0.01 12.02
CA CYS A 165 40.08 0.88 11.94
C CYS A 165 39.69 2.35 12.16
N GLU A 166 40.64 3.11 12.71
CA GLU A 166 40.56 4.57 12.69
C GLU A 166 40.85 5.03 11.26
N LYS A 167 41.68 4.25 10.56
CA LYS A 167 42.14 4.56 9.21
C LYS A 167 42.75 3.32 8.53
N THR A 168 42.56 3.21 7.22
CA THR A 168 43.03 2.04 6.45
C THR A 168 44.50 2.17 6.29
N ASN A 169 45.22 1.08 6.49
CA ASN A 169 46.68 1.07 6.33
C ASN A 169 47.09 0.55 4.96
N ILE A 170 47.62 1.41 4.09
CA ILE A 170 48.03 0.97 2.74
C ILE A 170 49.56 0.89 2.65
N GLU A 171 50.09 -0.27 2.97
CA GLU A 171 51.53 -0.46 2.94
C GLU A 171 52.08 0.19 1.69
N ASP A 172 53.14 0.98 1.85
CA ASP A 172 53.67 1.76 0.74
C ASP A 172 54.07 0.86 -0.42
N GLY A 173 53.79 1.31 -1.64
CA GLY A 173 54.16 0.58 -2.88
C GLY A 173 53.40 -0.71 -3.18
N VAL A 174 52.52 -1.12 -2.27
CA VAL A 174 51.85 -2.40 -2.38
C VAL A 174 51.33 -2.62 -3.78
N PHE A 175 50.86 -1.54 -4.40
CA PHE A 175 50.23 -1.66 -5.71
C PHE A 175 51.17 -1.57 -6.91
N GLU A 176 52.37 -1.01 -6.77
CA GLU A 176 53.21 -0.76 -7.98
C GLU A 176 53.69 -2.02 -8.74
N THR A 177 53.77 -3.17 -8.07
CA THR A 177 54.13 -4.41 -8.76
C THR A 177 52.98 -5.02 -9.59
N LEU A 178 51.75 -4.61 -9.28
CA LEU A 178 50.58 -4.86 -10.12
C LEU A 178 50.64 -4.09 -11.48
N THR A 179 51.53 -4.50 -12.37
CA THR A 179 51.80 -3.67 -13.56
C THR A 179 50.79 -3.85 -14.71
N ASN A 180 49.75 -4.66 -14.46
CA ASN A 180 48.68 -4.93 -15.44
C ASN A 180 47.29 -4.67 -14.84
N LEU A 181 47.26 -3.96 -13.72
CA LEU A 181 46.02 -3.63 -13.01
C LEU A 181 45.27 -2.52 -13.71
N GLU A 182 44.02 -2.76 -14.06
CA GLU A 182 43.19 -1.76 -14.74
C GLU A 182 42.11 -1.17 -13.86
N LEU A 183 41.75 -1.87 -12.80
CA LEU A 183 40.66 -1.41 -11.97
C LEU A 183 40.96 -1.62 -10.51
N LEU A 184 40.90 -0.51 -9.79
CA LEU A 184 41.16 -0.45 -8.37
C LEU A 184 40.00 0.27 -7.67
N SER A 185 39.29 -0.41 -6.81
CA SER A 185 38.25 0.22 -6.05
C SER A 185 38.60 0.27 -4.56
N LEU A 186 38.57 1.47 -3.98
CA LEU A 186 38.85 1.66 -2.56
C LEU A 186 37.75 2.49 -1.95
N SER A 187 36.59 2.52 -2.58
CA SER A 187 35.56 3.38 -2.07
C SER A 187 35.09 2.91 -0.68
N PHE A 188 34.59 3.85 0.12
CA PHE A 188 34.06 3.50 1.44
C PHE A 188 35.12 2.82 2.28
N ASN A 189 36.22 3.53 2.37
CA ASN A 189 37.33 3.20 3.23
C ASN A 189 37.83 4.54 3.67
N SER A 190 38.31 4.64 4.91
CA SER A 190 38.97 5.86 5.37
C SER A 190 40.44 5.85 4.91
N LEU A 191 40.76 6.67 3.91
CA LEU A 191 42.12 6.79 3.42
C LEU A 191 42.74 8.18 3.63
N SER A 192 41.92 9.20 3.91
CA SER A 192 42.43 10.53 4.21
C SER A 192 43.30 11.07 3.07
N HIS A 193 44.21 10.27 2.52
CA HIS A 193 44.96 10.68 1.32
C HIS A 193 45.15 9.56 0.26
N VAL A 194 45.32 10.00 -0.98
CA VAL A 194 45.43 9.11 -2.13
C VAL A 194 46.68 8.28 -2.01
N PRO A 195 46.56 6.98 -2.19
CA PRO A 195 47.75 6.19 -2.11
C PRO A 195 48.75 6.59 -3.18
N PRO A 196 50.02 6.71 -2.79
CA PRO A 196 51.08 6.84 -3.80
C PRO A 196 51.47 5.51 -4.45
N LYS A 197 52.30 5.63 -5.47
CA LYS A 197 52.86 4.49 -6.18
C LYS A 197 51.79 3.56 -6.76
N LEU A 198 50.88 4.12 -7.56
CA LEU A 198 49.84 3.35 -8.27
C LEU A 198 50.32 3.04 -9.69
N PRO A 199 49.98 1.86 -10.21
CA PRO A 199 50.54 1.46 -11.51
C PRO A 199 50.03 2.25 -12.69
N SER A 200 50.82 2.31 -13.74
CA SER A 200 50.50 3.13 -14.91
C SER A 200 49.32 2.51 -15.62
N SER A 201 49.17 1.20 -15.45
CA SER A 201 48.18 0.40 -16.18
C SER A 201 46.72 0.69 -15.84
N LEU A 202 46.46 1.43 -14.76
CA LEU A 202 45.09 1.72 -14.35
C LEU A 202 44.31 2.45 -15.39
N ARG A 203 43.06 2.06 -15.54
CA ARG A 203 42.15 2.82 -16.36
C ARG A 203 40.96 3.32 -15.57
N LYS A 204 40.76 2.81 -14.35
CA LYS A 204 39.58 3.13 -13.57
C LYS A 204 39.94 3.03 -12.11
N LEU A 205 39.85 4.17 -11.41
CA LEU A 205 40.25 4.29 -10.00
C LEU A 205 39.05 4.84 -9.26
N PHE A 206 38.57 4.09 -8.25
CA PHE A 206 37.38 4.49 -7.52
C PHE A 206 37.77 4.85 -6.11
N LEU A 207 37.63 6.14 -5.77
CA LEU A 207 37.94 6.60 -4.42
C LEU A 207 36.78 7.29 -3.76
N SER A 208 35.58 6.82 -4.02
CA SER A 208 34.40 7.49 -3.49
C SER A 208 34.40 7.29 -2.00
N ASN A 209 33.79 8.21 -1.28
CA ASN A 209 33.67 8.11 0.19
C ASN A 209 34.92 7.62 0.91
N THR A 210 36.05 8.30 0.68
CA THR A 210 37.33 7.96 1.30
C THR A 210 37.90 9.05 2.23
N GLN A 211 37.07 10.03 2.60
CA GLN A 211 37.52 11.20 3.36
C GLN A 211 38.82 11.79 2.80
N ILE A 212 38.98 11.73 1.49
CA ILE A 212 40.07 12.40 0.85
C ILE A 212 39.53 13.78 0.57
N LYS A 213 40.05 14.78 1.29
CA LYS A 213 39.58 16.17 1.19
C LYS A 213 40.48 17.12 0.34
N TYR A 214 41.74 16.76 0.17
CA TYR A 214 42.64 17.56 -0.64
C TYR A 214 43.15 16.63 -1.75
N ILE A 215 43.42 17.16 -2.93
CA ILE A 215 43.92 16.39 -4.06
C ILE A 215 45.08 17.18 -4.63
N SER A 216 46.29 16.60 -4.64
CA SER A 216 47.45 17.35 -5.11
C SER A 216 47.86 17.01 -6.55
N GLU A 217 48.72 17.88 -7.09
CA GLU A 217 49.35 17.71 -8.41
C GLU A 217 50.11 16.37 -8.53
N GLU A 218 50.56 15.84 -7.39
CA GLU A 218 51.30 14.58 -7.31
C GLU A 218 50.37 13.36 -7.35
N ASP A 219 49.24 13.46 -6.66
CA ASP A 219 48.37 12.29 -6.39
C ASP A 219 48.07 11.39 -7.61
N PHE A 220 47.60 11.97 -8.71
CA PHE A 220 47.37 11.20 -9.95
C PHE A 220 48.38 11.49 -11.05
N LYS A 221 49.64 11.66 -10.70
CA LYS A 221 50.64 11.73 -11.75
C LYS A 221 50.95 10.28 -12.11
N GLY A 222 51.28 10.09 -13.38
CA GLY A 222 51.73 8.81 -13.89
C GLY A 222 50.62 7.83 -14.17
N LEU A 223 49.40 8.38 -14.26
CA LEU A 223 48.22 7.65 -14.63
C LEU A 223 47.76 8.22 -15.97
N ILE A 224 48.60 8.05 -16.97
CA ILE A 224 48.29 8.53 -18.31
C ILE A 224 47.30 7.65 -19.09
N ASN A 225 46.82 6.56 -18.47
CA ASN A 225 45.77 5.76 -19.10
C ASN A 225 44.40 5.84 -18.41
N LEU A 226 44.24 6.73 -17.43
CA LEU A 226 42.97 6.78 -16.65
C LEU A 226 41.77 7.20 -17.49
N THR A 227 40.76 6.32 -17.57
CA THR A 227 39.51 6.66 -18.23
C THR A 227 38.40 6.99 -17.22
N LEU A 228 38.54 6.53 -15.98
CA LEU A 228 37.57 6.86 -14.94
C LEU A 228 38.23 7.19 -13.61
N LEU A 229 37.77 8.28 -13.01
CA LEU A 229 38.14 8.66 -11.64
C LEU A 229 36.89 8.98 -10.81
N ASP A 230 36.78 8.40 -9.62
CA ASP A 230 35.62 8.64 -8.76
C ASP A 230 36.10 9.22 -7.43
N LEU A 231 35.76 10.49 -7.21
CA LEU A 231 36.10 11.18 -5.99
C LEU A 231 34.86 11.65 -5.27
N SER A 232 33.70 11.16 -5.70
CA SER A 232 32.40 11.41 -5.02
C SER A 232 32.42 11.14 -3.51
N GLY A 233 31.54 11.81 -2.79
CA GLY A 233 31.34 11.51 -1.38
C GLY A 233 32.44 11.96 -0.43
N ASN A 234 33.51 12.54 -0.97
CA ASN A 234 34.51 13.25 -0.19
C ASN A 234 34.21 14.76 -0.05
N CYS A 235 34.10 15.23 1.19
CA CYS A 235 33.52 16.53 1.58
C CYS A 235 32.04 16.53 1.22
N PRO A 236 31.33 15.54 1.76
CA PRO A 236 29.97 15.27 1.31
C PRO A 236 29.06 16.42 1.51
N ARG A 237 28.05 16.48 0.66
CA ARG A 237 26.84 17.23 0.96
C ARG A 237 26.06 16.30 1.86
N CYS A 238 26.41 16.39 3.15
CA CYS A 238 25.98 15.48 4.21
C CYS A 238 24.66 15.87 4.79
N PHE A 239 24.26 17.09 4.48
CA PHE A 239 22.88 17.51 4.52
C PHE A 239 22.09 16.63 3.52
N ASN A 240 20.81 16.35 3.79
CA ASN A 240 19.98 15.57 2.85
C ASN A 240 20.62 14.21 2.53
N ALA A 241 21.48 13.75 3.44
CA ALA A 241 22.26 12.55 3.21
C ALA A 241 21.57 11.38 3.89
N PRO A 242 21.20 10.34 3.10
CA PRO A 242 20.57 9.20 3.77
C PRO A 242 21.45 8.53 4.85
N PHE A 243 22.74 8.36 4.56
CA PHE A 243 23.67 7.52 5.34
C PHE A 243 24.49 8.30 6.35
N PRO A 244 25.36 7.60 7.11
CA PRO A 244 26.14 8.36 8.10
C PRO A 244 27.13 9.23 7.36
N CYS A 245 27.24 10.48 7.79
CA CYS A 245 27.68 11.51 6.90
C CYS A 245 28.37 12.65 7.66
N VAL A 246 29.69 12.73 7.53
CA VAL A 246 30.50 13.73 8.21
C VAL A 246 30.94 14.77 7.20
N PRO A 247 30.25 15.92 7.15
CA PRO A 247 30.64 16.98 6.23
C PRO A 247 31.90 17.58 6.72
N CYS A 248 32.73 18.07 5.78
CA CYS A 248 34.02 18.66 6.11
C CYS A 248 33.83 19.87 7.01
N ASP A 249 34.86 20.22 7.77
CA ASP A 249 34.82 21.36 8.70
C ASP A 249 34.47 22.66 7.94
N GLY A 250 33.58 23.47 8.54
CA GLY A 250 32.96 24.59 7.84
C GLY A 250 31.82 24.04 7.00
N GLY A 251 31.69 24.54 5.77
CA GLY A 251 30.83 23.90 4.76
C GLY A 251 31.71 23.50 3.59
N ALA A 252 32.97 23.18 3.90
CA ALA A 252 34.05 23.20 2.90
C ALA A 252 33.91 22.13 1.82
N SER A 253 34.35 22.47 0.61
CA SER A 253 34.25 21.59 -0.52
C SER A 253 35.47 20.72 -0.49
N ILE A 254 35.50 19.69 -1.31
CA ILE A 254 36.72 18.96 -1.57
C ILE A 254 37.66 20.00 -2.17
N ASN A 255 38.95 19.93 -1.84
CA ASN A 255 39.92 20.87 -2.38
C ASN A 255 40.81 20.19 -3.41
N ILE A 256 40.60 20.54 -4.67
CA ILE A 256 41.28 19.89 -5.75
C ILE A 256 42.20 20.88 -6.40
N ASP A 257 43.49 20.62 -6.34
CA ASP A 257 44.51 21.49 -6.91
C ASP A 257 44.28 21.86 -8.39
N ARG A 258 44.89 22.96 -8.81
CA ARG A 258 44.68 23.52 -10.14
C ARG A 258 45.17 22.59 -11.27
N PHE A 259 46.22 21.82 -11.02
CA PHE A 259 46.86 20.94 -12.02
C PHE A 259 46.75 19.45 -11.65
N ALA A 260 45.75 19.14 -10.81
CA ALA A 260 45.53 17.79 -10.29
C ALA A 260 45.23 16.78 -11.37
N PHE A 261 44.46 17.22 -12.38
CA PHE A 261 44.12 16.38 -13.54
C PHE A 261 44.89 16.73 -14.80
N GLN A 262 46.08 17.29 -14.67
CA GLN A 262 46.75 17.81 -15.86
C GLN A 262 47.27 16.68 -16.78
N ASN A 263 47.79 15.60 -16.19
CA ASN A 263 48.37 14.51 -17.00
C ASN A 263 47.31 13.40 -17.30
N LEU A 264 46.05 13.65 -16.95
CA LEU A 264 44.91 12.73 -17.15
C LEU A 264 44.21 12.82 -18.53
N THR A 265 44.96 12.81 -19.62
CA THR A 265 44.37 13.13 -20.93
C THR A 265 43.36 12.13 -21.48
N GLN A 266 43.38 10.90 -20.96
CA GLN A 266 42.40 9.86 -21.34
C GLN A 266 41.04 9.88 -20.58
N LEU A 267 40.79 10.84 -19.68
CA LEU A 267 39.67 10.72 -18.77
C LEU A 267 38.38 10.85 -19.54
N ARG A 268 37.47 9.90 -19.29
CA ARG A 268 36.16 9.84 -19.89
C ARG A 268 35.03 10.04 -18.89
N TYR A 269 35.20 9.54 -17.68
CA TYR A 269 34.14 9.56 -16.68
C TYR A 269 34.70 10.18 -15.41
N LEU A 270 34.12 11.30 -14.99
CA LEU A 270 34.52 11.93 -13.76
C LEU A 270 33.29 12.11 -12.87
N ASN A 271 33.41 11.63 -11.64
CA ASN A 271 32.32 11.71 -10.71
C ASN A 271 32.77 12.50 -9.50
N LEU A 272 32.21 13.71 -9.37
CA LEU A 272 32.47 14.58 -8.23
C LEU A 272 31.17 14.87 -7.46
N SER A 273 30.30 13.88 -7.43
CA SER A 273 29.05 14.01 -6.72
C SER A 273 29.31 14.13 -5.24
N SER A 274 28.57 15.00 -4.60
CA SER A 274 28.62 15.13 -3.15
C SER A 274 30.04 15.36 -2.70
N THR A 275 30.60 16.45 -3.21
CA THR A 275 31.88 16.99 -2.79
C THR A 275 31.74 18.46 -2.32
N SER A 276 30.50 18.87 -2.08
CA SER A 276 30.13 20.21 -1.62
C SER A 276 30.68 21.36 -2.47
N LEU A 277 30.89 21.09 -3.75
CA LEU A 277 31.49 22.08 -4.62
C LEU A 277 30.61 23.30 -4.75
N ARG A 278 31.21 24.48 -4.58
CA ARG A 278 30.56 25.78 -4.82
C ARG A 278 31.00 26.42 -6.15
N LYS A 279 32.29 26.24 -6.47
CA LYS A 279 32.95 26.74 -7.66
C LYS A 279 33.54 25.55 -8.41
N ILE A 280 33.72 25.70 -9.70
CA ILE A 280 34.36 24.65 -10.48
C ILE A 280 35.41 25.27 -11.34
N ASN A 281 36.65 24.85 -11.11
CA ASN A 281 37.79 25.39 -11.84
C ASN A 281 37.84 24.86 -13.25
N ALA A 282 37.82 25.76 -14.22
CA ALA A 282 37.86 25.36 -15.62
C ALA A 282 39.18 24.72 -16.03
N ALA A 283 40.22 24.89 -15.20
CA ALA A 283 41.56 24.39 -15.50
C ALA A 283 41.66 22.87 -15.28
N TRP A 284 40.72 22.33 -14.50
CA TRP A 284 40.73 20.89 -14.25
C TRP A 284 40.53 20.12 -15.54
N PHE A 285 39.91 20.78 -16.53
CA PHE A 285 39.50 20.16 -17.79
C PHE A 285 40.30 20.62 -19.02
N LYS A 286 41.42 21.31 -18.82
CA LYS A 286 42.24 21.82 -19.95
C LYS A 286 42.89 20.69 -20.78
N ASN A 287 43.20 19.56 -20.12
CA ASN A 287 43.82 18.42 -20.79
C ASN A 287 42.93 17.21 -20.78
N MET A 288 41.64 17.42 -21.07
CA MET A 288 40.63 16.36 -20.92
C MET A 288 39.69 16.43 -22.10
N PRO A 289 40.25 16.37 -23.30
CA PRO A 289 39.42 16.64 -24.45
C PRO A 289 38.32 15.59 -24.70
N HIS A 290 38.37 14.44 -24.02
CA HIS A 290 37.40 13.35 -24.28
C HIS A 290 36.37 13.08 -23.15
N LEU A 291 36.37 13.91 -22.10
CA LEU A 291 35.44 13.76 -21.01
C LEU A 291 34.07 13.54 -21.64
N LYS A 292 33.50 12.40 -21.28
CA LYS A 292 32.24 11.95 -21.81
C LYS A 292 31.08 12.18 -20.81
N VAL A 293 31.38 11.99 -19.51
CA VAL A 293 30.38 11.91 -18.47
C VAL A 293 30.89 12.50 -17.19
N LEU A 294 30.12 13.41 -16.65
CA LEU A 294 30.54 14.18 -15.53
C LEU A 294 29.38 14.25 -14.58
N ASP A 295 29.56 13.69 -13.39
CA ASP A 295 28.52 13.67 -12.37
C ASP A 295 28.81 14.74 -11.33
N LEU A 296 27.89 15.70 -11.19
CA LEU A 296 28.05 16.80 -10.23
C LEU A 296 26.84 17.00 -9.32
N GLU A 297 26.24 15.92 -8.85
CA GLU A 297 25.07 15.98 -7.97
C GLU A 297 25.45 16.15 -6.53
N PHE A 298 24.48 16.60 -5.76
CA PHE A 298 24.68 16.78 -4.36
C PHE A 298 25.90 17.65 -4.13
N ASN A 299 25.85 18.81 -4.78
CA ASN A 299 26.81 19.86 -4.58
C ASN A 299 26.02 21.17 -4.41
N TYR A 300 26.71 22.29 -4.37
CA TYR A 300 26.08 23.57 -4.22
C TYR A 300 26.39 24.45 -5.42
N LEU A 301 26.10 23.97 -6.63
CA LEU A 301 26.50 24.65 -7.88
C LEU A 301 25.45 25.51 -8.60
N VAL A 302 24.47 26.04 -7.87
CA VAL A 302 23.50 26.97 -8.49
C VAL A 302 24.15 28.21 -9.15
N GLY A 303 25.15 28.80 -8.49
CA GLY A 303 25.85 29.94 -9.04
C GLY A 303 26.57 29.58 -10.32
N GLU A 304 27.37 28.51 -10.23
CA GLU A 304 28.10 27.93 -11.36
C GLU A 304 27.25 27.60 -12.56
N ILE A 305 26.05 27.07 -12.33
CA ILE A 305 25.13 26.80 -13.42
C ILE A 305 24.68 28.09 -14.10
N ALA A 306 24.70 29.22 -13.39
CA ALA A 306 24.33 30.47 -14.03
C ALA A 306 25.50 31.09 -14.88
N SER A 307 26.73 30.93 -14.41
CA SER A 307 27.90 31.46 -15.12
C SER A 307 28.57 30.34 -15.87
N GLY A 308 29.39 29.55 -15.17
CA GLY A 308 29.89 28.27 -15.72
C GLY A 308 30.94 28.39 -16.80
N ALA A 309 32.11 28.85 -16.40
CA ALA A 309 33.19 28.94 -17.34
C ALA A 309 33.54 27.54 -17.85
N PHE A 310 33.55 26.55 -16.95
CA PHE A 310 33.92 25.16 -17.28
C PHE A 310 33.14 24.55 -18.45
N LEU A 311 31.88 24.96 -18.62
CA LEU A 311 31.09 24.53 -19.77
C LEU A 311 31.76 24.81 -21.12
N THR A 312 32.75 25.69 -21.17
CA THR A 312 33.45 25.93 -22.42
C THR A 312 34.54 24.87 -22.67
N MET A 313 34.93 24.13 -21.62
CA MET A 313 35.97 23.09 -21.73
C MET A 313 35.46 21.65 -22.04
N LEU A 314 34.23 21.48 -22.57
CA LEU A 314 33.60 20.13 -22.61
C LEU A 314 32.81 19.85 -23.88
N PRO A 315 33.41 20.15 -25.03
CA PRO A 315 32.75 19.90 -26.30
C PRO A 315 32.41 18.44 -26.57
N ARG A 316 32.96 17.50 -25.79
CA ARG A 316 32.64 16.08 -26.01
C ARG A 316 31.74 15.43 -24.95
N LEU A 317 31.32 16.19 -23.94
CA LEU A 317 30.52 15.67 -22.85
C LEU A 317 29.24 15.19 -23.46
N GLU A 318 28.85 13.99 -23.03
CA GLU A 318 27.64 13.36 -23.49
C GLU A 318 26.59 13.27 -22.36
N ILE A 319 27.03 13.19 -21.11
CA ILE A 319 26.10 13.18 -19.99
C ILE A 319 26.54 14.09 -18.85
N LEU A 320 25.69 15.04 -18.50
CA LEU A 320 25.96 15.95 -17.41
C LEU A 320 24.85 15.78 -16.39
N ASP A 321 25.26 15.58 -15.15
CA ASP A 321 24.35 15.49 -14.04
C ASP A 321 24.65 16.57 -12.98
N LEU A 322 23.68 17.48 -12.84
CA LEU A 322 23.69 18.58 -11.88
C LEU A 322 22.50 18.51 -10.91
N SER A 323 22.08 17.31 -10.56
CA SER A 323 20.89 17.14 -9.72
C SER A 323 21.15 17.43 -8.24
N PHE A 324 20.11 17.96 -7.59
CA PHE A 324 20.12 18.20 -6.15
C PHE A 324 21.26 19.14 -5.76
N ASN A 325 21.29 20.32 -6.39
CA ASN A 325 22.18 21.40 -5.96
C ASN A 325 21.41 22.55 -5.35
N TYR A 326 20.12 22.33 -5.10
CA TYR A 326 19.22 23.37 -4.68
C TYR A 326 19.78 24.01 -3.43
N ILE A 327 19.41 25.27 -3.21
CA ILE A 327 19.81 25.98 -1.99
C ILE A 327 18.75 25.74 -0.89
N LYS A 328 19.23 25.31 0.27
CA LYS A 328 18.34 25.14 1.37
C LYS A 328 17.58 26.47 1.67
N GLY A 329 16.28 26.36 1.96
CA GLY A 329 15.47 27.50 2.33
C GLY A 329 14.80 28.23 1.20
N SER A 330 15.05 27.82 -0.04
CA SER A 330 14.66 28.63 -1.18
C SER A 330 13.76 27.94 -2.24
N TYR A 331 12.82 28.69 -2.79
CA TYR A 331 11.98 28.21 -3.85
C TYR A 331 11.86 29.35 -4.87
N PRO A 332 12.98 29.68 -5.57
CA PRO A 332 13.09 30.87 -6.42
C PRO A 332 12.28 30.75 -7.68
N GLN A 333 11.84 31.89 -8.22
CA GLN A 333 10.91 31.94 -9.35
C GLN A 333 11.43 31.23 -10.57
N HIS A 334 12.71 31.41 -10.85
CA HIS A 334 13.26 31.02 -12.13
C HIS A 334 14.53 30.26 -11.98
N ILE A 335 14.79 29.43 -13.00
CA ILE A 335 16.09 28.80 -13.18
C ILE A 335 16.99 29.77 -13.96
N ASN A 336 18.30 29.62 -13.78
CA ASN A 336 19.29 30.46 -14.43
C ASN A 336 20.39 29.60 -15.08
N ILE A 337 20.34 29.54 -16.40
CA ILE A 337 21.25 28.74 -17.23
C ILE A 337 22.32 29.57 -17.94
N SER A 338 23.60 29.35 -17.62
CA SER A 338 24.65 29.99 -18.38
C SER A 338 24.42 29.82 -19.85
N ARG A 339 24.83 30.82 -20.61
CA ARG A 339 24.73 30.71 -22.04
C ARG A 339 25.76 29.71 -22.52
N ASN A 340 26.80 29.51 -21.72
CA ASN A 340 27.79 28.51 -22.03
C ASN A 340 27.29 27.06 -22.24
N PHE A 341 26.13 26.72 -21.69
CA PHE A 341 25.54 25.40 -22.00
C PHE A 341 25.51 25.11 -23.53
N SER A 342 25.44 26.14 -24.37
CA SER A 342 25.48 25.96 -25.82
C SER A 342 26.82 25.41 -26.32
N LYS A 343 27.87 25.61 -25.54
CA LYS A 343 29.19 25.04 -25.87
C LYS A 343 29.32 23.52 -25.53
N LEU A 344 28.19 22.83 -25.38
CA LEU A 344 28.11 21.41 -24.99
C LEU A 344 27.63 20.60 -26.21
N LEU A 345 28.40 20.64 -27.28
CA LEU A 345 27.94 20.16 -28.57
C LEU A 345 27.52 18.70 -28.57
N SER A 346 28.22 17.87 -27.80
CA SER A 346 28.05 16.42 -27.84
C SER A 346 26.99 15.87 -26.88
N LEU A 347 26.30 16.78 -26.19
CA LEU A 347 25.43 16.42 -25.06
C LEU A 347 24.23 15.60 -25.48
N ARG A 348 24.10 14.45 -24.82
CA ARG A 348 23.00 13.54 -25.09
C ARG A 348 21.87 13.65 -24.05
N ALA A 349 22.23 13.99 -22.82
CA ALA A 349 21.34 13.85 -21.68
C ALA A 349 21.75 14.75 -20.54
N LEU A 350 20.84 15.61 -20.12
CA LEU A 350 21.06 16.53 -19.02
C LEU A 350 20.10 16.24 -17.86
N HIS A 351 20.67 16.12 -16.66
CA HIS A 351 19.91 15.78 -15.50
C HIS A 351 19.90 16.92 -14.52
N LEU A 352 18.76 17.59 -14.39
CA LEU A 352 18.58 18.68 -13.43
C LEU A 352 17.50 18.39 -12.42
N ARG A 353 17.65 17.30 -11.69
CA ARG A 353 16.65 16.96 -10.69
C ARG A 353 16.93 17.74 -9.43
N GLY A 354 15.88 18.27 -8.82
CA GLY A 354 16.03 18.90 -7.51
C GLY A 354 16.93 20.12 -7.47
N TYR A 355 16.74 21.00 -8.43
CA TYR A 355 17.31 22.35 -8.38
C TYR A 355 16.31 23.24 -7.65
N VAL A 356 15.04 23.10 -8.04
CA VAL A 356 13.87 23.57 -7.30
C VAL A 356 13.54 24.99 -7.68
N PHE A 357 12.51 25.12 -8.49
CA PHE A 357 12.11 26.43 -8.99
C PHE A 357 10.68 26.41 -9.54
N GLN A 358 10.10 27.58 -9.74
CA GLN A 358 8.66 27.71 -9.99
C GLN A 358 8.26 27.84 -11.43
N GLU A 359 9.05 28.56 -12.21
CA GLU A 359 8.67 28.91 -13.55
C GLU A 359 9.80 28.56 -14.49
N LEU A 360 9.44 27.89 -15.58
CA LEU A 360 10.34 27.63 -16.68
C LEU A 360 9.81 28.33 -17.94
N ARG A 361 10.55 29.37 -18.37
CA ARG A 361 10.19 30.13 -19.60
C ARG A 361 10.98 29.65 -20.80
N GLU A 362 10.40 29.89 -21.97
CA GLU A 362 11.04 29.62 -23.27
C GLU A 362 12.51 30.05 -23.32
N ASP A 363 12.78 31.22 -22.77
CA ASP A 363 14.13 31.79 -22.78
C ASP A 363 15.19 31.06 -21.94
N ASP A 364 14.76 30.47 -20.84
CA ASP A 364 15.67 29.88 -19.86
C ASP A 364 16.41 28.70 -20.49
N PHE A 365 15.78 28.09 -21.49
CA PHE A 365 16.32 26.92 -22.16
C PHE A 365 16.86 27.19 -23.56
N GLN A 366 17.17 28.45 -23.86
CA GLN A 366 17.59 28.78 -25.22
C GLN A 366 18.94 28.11 -25.55
N PRO A 367 19.91 28.15 -24.64
CA PRO A 367 21.20 27.52 -24.86
C PRO A 367 21.13 26.09 -25.35
N LEU A 368 20.22 25.32 -24.76
CA LEU A 368 20.11 23.88 -25.06
C LEU A 368 19.39 23.60 -26.36
N MET A 369 18.74 24.60 -26.93
CA MET A 369 17.90 24.33 -28.10
C MET A 369 18.71 24.01 -29.35
N GLN A 370 19.98 24.43 -29.38
CA GLN A 370 20.83 24.19 -30.55
C GLN A 370 21.57 22.86 -30.51
N LEU A 371 21.91 22.41 -29.30
CA LEU A 371 22.63 21.17 -29.08
C LEU A 371 22.03 20.02 -29.92
N PRO A 372 22.74 19.54 -30.95
CA PRO A 372 22.11 18.63 -31.91
C PRO A 372 21.59 17.28 -31.40
N ASN A 373 22.32 16.67 -30.45
CA ASN A 373 22.06 15.28 -30.03
C ASN A 373 21.41 15.16 -28.66
N LEU A 374 20.85 16.25 -28.18
CA LEU A 374 20.24 16.23 -26.87
C LEU A 374 18.87 15.51 -26.93
N SER A 375 18.79 14.34 -26.26
CA SER A 375 17.58 13.55 -26.27
C SER A 375 16.84 13.43 -24.94
N THR A 376 17.55 13.56 -23.83
CA THR A 376 16.96 13.52 -22.49
C THR A 376 17.14 14.82 -21.73
N ILE A 377 16.03 15.44 -21.38
CA ILE A 377 16.03 16.48 -20.36
C ILE A 377 15.25 15.90 -19.18
N ASN A 378 15.95 15.76 -18.06
CA ASN A 378 15.39 15.29 -16.82
C ASN A 378 15.16 16.49 -15.87
N LEU A 379 13.90 16.83 -15.68
CA LEU A 379 13.59 17.91 -14.79
C LEU A 379 12.71 17.43 -13.64
N GLY A 380 12.89 16.20 -13.19
CA GLY A 380 12.14 15.70 -12.06
C GLY A 380 12.37 16.48 -10.77
N ILE A 381 11.39 16.48 -9.86
CA ILE A 381 11.65 16.89 -8.49
C ILE A 381 12.15 18.37 -8.42
N ASN A 382 11.44 19.24 -9.10
CA ASN A 382 11.72 20.64 -9.02
C ASN A 382 10.53 21.46 -8.53
N PHE A 383 9.37 20.82 -8.36
CA PHE A 383 8.17 21.51 -7.88
C PHE A 383 7.81 22.70 -8.76
N ILE A 384 8.12 22.55 -10.05
CA ILE A 384 7.86 23.60 -11.00
C ILE A 384 6.36 23.76 -11.16
N LYS A 385 5.90 25.02 -11.05
CA LYS A 385 4.49 25.35 -11.18
C LYS A 385 4.00 25.53 -12.61
N GLN A 386 4.79 26.24 -13.40
CA GLN A 386 4.45 26.59 -14.78
C GLN A 386 5.62 26.22 -15.71
N ILE A 387 5.32 25.62 -16.84
CA ILE A 387 6.30 25.44 -17.87
C ILE A 387 5.73 25.97 -19.16
N ASP A 388 6.56 26.72 -19.87
CA ASP A 388 6.16 27.29 -21.14
C ASP A 388 6.36 26.18 -22.16
N PHE A 389 5.38 25.29 -22.26
CA PHE A 389 5.55 24.03 -23.01
C PHE A 389 5.96 24.16 -24.47
N LYS A 390 5.71 25.29 -25.11
CA LYS A 390 6.09 25.48 -26.50
C LYS A 390 7.60 25.32 -26.73
N LEU A 391 8.41 25.47 -25.68
CA LEU A 391 9.87 25.38 -25.82
C LEU A 391 10.37 24.03 -26.29
N PHE A 392 9.69 22.99 -25.92
CA PHE A 392 10.11 21.66 -26.31
C PHE A 392 9.94 21.44 -27.81
N GLN A 393 9.16 22.28 -28.47
CA GLN A 393 9.03 22.17 -29.91
C GLN A 393 10.37 22.44 -30.61
N ASN A 394 11.24 23.27 -30.01
CA ASN A 394 12.56 23.62 -30.60
C ASN A 394 13.76 22.71 -30.28
N PHE A 395 13.58 21.40 -30.33
CA PHE A 395 14.67 20.46 -30.11
C PHE A 395 14.51 19.35 -31.15
N SER A 396 15.46 19.23 -32.07
CA SER A 396 15.33 18.27 -33.16
C SER A 396 15.47 16.79 -32.75
N ASN A 397 15.85 16.54 -31.49
CA ASN A 397 16.09 15.19 -31.00
C ASN A 397 15.56 14.82 -29.61
N LEU A 398 14.67 15.59 -28.97
CA LEU A 398 14.10 15.16 -27.67
C LEU A 398 13.38 13.86 -27.83
N GLU A 399 13.73 12.89 -27.00
CA GLU A 399 13.00 11.64 -26.98
C GLU A 399 12.30 11.42 -25.61
N ILE A 400 12.65 12.25 -24.63
CA ILE A 400 12.38 11.99 -23.24
C ILE A 400 12.36 13.30 -22.52
N ILE A 401 11.17 13.79 -22.27
CA ILE A 401 10.93 14.97 -21.46
C ILE A 401 10.39 14.43 -20.15
N TYR A 402 11.18 14.51 -19.09
CA TYR A 402 10.81 13.89 -17.83
C TYR A 402 10.51 14.93 -16.77
N LEU A 403 9.23 15.12 -16.51
CA LEU A 403 8.80 16.17 -15.60
C LEU A 403 8.06 15.63 -14.40
N SER A 404 8.50 14.48 -13.86
CA SER A 404 7.79 13.86 -12.73
C SER A 404 8.01 14.65 -11.49
N GLU A 405 7.02 14.62 -10.62
CA GLU A 405 7.08 15.34 -9.33
C GLU A 405 7.29 16.84 -9.45
N ASN A 406 6.59 17.45 -10.39
CA ASN A 406 6.50 18.86 -10.42
C ASN A 406 5.09 19.25 -10.13
N ARG A 407 4.73 20.53 -10.26
CA ARG A 407 3.44 21.03 -9.78
C ARG A 407 2.59 21.72 -10.86
N ILE A 408 2.62 21.12 -12.05
CA ILE A 408 1.77 21.52 -13.14
C ILE A 408 0.27 21.35 -12.73
N SER A 409 -0.49 22.43 -12.90
CA SER A 409 -1.89 22.49 -12.59
C SER A 409 -2.60 22.42 -13.91
N PRO A 410 -3.94 22.30 -13.87
CA PRO A 410 -4.68 22.30 -15.12
C PRO A 410 -4.60 23.65 -15.79
N LEU A 411 -4.72 23.65 -17.11
CA LEU A 411 -4.52 24.85 -17.91
C LEU A 411 -5.82 25.34 -18.57
N VAL A 412 -6.00 26.65 -18.52
CA VAL A 412 -7.21 27.30 -18.98
C VAL A 412 -6.84 28.68 -19.54
N ASP A 440 23.33 -3.07 -1.88
CA ASP A 440 24.27 -3.37 -2.95
C ASP A 440 25.41 -2.35 -3.08
N PRO A 441 26.64 -2.77 -2.82
CA PRO A 441 27.74 -1.82 -3.00
C PRO A 441 28.25 -1.67 -4.45
N HIS A 442 27.78 -2.48 -5.40
CA HIS A 442 28.19 -2.37 -6.81
C HIS A 442 27.18 -1.56 -7.60
N SER A 443 26.57 -0.56 -6.97
CA SER A 443 25.53 0.19 -7.62
C SER A 443 25.88 1.66 -7.59
N ASN A 444 25.60 2.36 -8.68
CA ASN A 444 25.72 3.81 -8.69
C ASN A 444 24.95 4.32 -7.50
N PHE A 445 25.66 4.97 -6.62
CA PHE A 445 25.15 5.40 -5.32
C PHE A 445 24.42 6.73 -5.37
N TYR A 446 24.66 7.52 -6.42
CA TYR A 446 24.30 8.94 -6.46
C TYR A 446 23.47 9.36 -7.66
N HIS A 447 23.50 8.57 -8.72
CA HIS A 447 22.82 8.90 -9.95
C HIS A 447 21.93 7.75 -10.24
N PHE A 448 20.65 8.03 -10.43
CA PHE A 448 19.69 6.93 -10.53
C PHE A 448 19.73 6.33 -11.92
N THR A 449 20.07 5.05 -11.93
CA THR A 449 20.55 4.34 -13.10
C THR A 449 19.42 3.73 -13.99
N ARG A 450 18.35 3.22 -13.37
CA ARG A 450 17.17 2.66 -14.07
C ARG A 450 16.51 3.64 -15.06
N PRO A 451 15.87 3.13 -16.14
CA PRO A 451 15.30 4.05 -17.14
C PRO A 451 14.32 5.06 -16.55
N LEU A 452 14.40 6.29 -17.00
CA LEU A 452 13.44 7.32 -16.55
C LEU A 452 12.00 6.94 -16.92
N ILE A 453 11.83 6.34 -18.08
CA ILE A 453 10.53 6.01 -18.60
C ILE A 453 10.65 4.61 -19.09
N LYS A 454 9.60 3.83 -18.86
CA LYS A 454 9.64 2.42 -19.16
C LYS A 454 9.97 2.29 -20.64
N PRO A 455 10.93 1.41 -20.95
CA PRO A 455 11.31 1.07 -22.32
C PRO A 455 10.11 0.86 -23.23
N GLN A 456 9.22 -0.02 -22.80
CA GLN A 456 8.01 -0.33 -23.54
C GLN A 456 7.16 0.90 -23.94
N CYS A 457 7.22 1.95 -23.14
CA CYS A 457 6.55 3.19 -23.48
C CYS A 457 7.41 4.02 -24.42
N ALA A 458 8.65 4.22 -24.00
CA ALA A 458 9.56 5.13 -24.65
C ALA A 458 9.74 4.64 -26.06
N ALA A 459 9.77 3.32 -26.21
CA ALA A 459 9.94 2.70 -27.51
C ALA A 459 9.04 3.18 -28.59
N TYR A 460 7.91 3.80 -28.28
CA TYR A 460 6.93 4.21 -29.32
C TYR A 460 7.26 5.57 -29.91
N GLY A 461 8.13 6.36 -29.26
CA GLY A 461 8.38 7.74 -29.70
C GLY A 461 8.64 8.75 -28.59
N LYS A 462 8.44 10.04 -28.90
CA LYS A 462 8.65 11.08 -27.91
C LYS A 462 7.94 10.68 -26.64
N ALA A 463 8.57 10.89 -25.47
CA ALA A 463 8.02 10.53 -24.18
C ALA A 463 7.92 11.71 -23.28
N LEU A 464 6.75 11.87 -22.67
CA LEU A 464 6.47 12.99 -21.79
C LEU A 464 5.96 12.44 -20.45
N ASP A 465 6.70 12.68 -19.36
CA ASP A 465 6.30 12.15 -18.08
C ASP A 465 5.90 13.28 -17.21
N LEU A 466 4.59 13.41 -17.03
CA LEU A 466 4.00 14.36 -16.07
C LEU A 466 3.41 13.71 -14.81
N SER A 467 3.91 12.53 -14.45
CA SER A 467 3.47 11.87 -13.24
C SER A 467 3.75 12.71 -11.99
N LEU A 468 2.86 12.63 -11.01
CA LEU A 468 3.03 13.27 -9.70
C LEU A 468 3.10 14.80 -9.77
N ASN A 469 2.28 15.37 -10.66
CA ASN A 469 2.03 16.80 -10.67
C ASN A 469 0.65 17.09 -10.10
N SER A 470 0.19 18.35 -10.14
CA SER A 470 -1.17 18.67 -9.71
C SER A 470 -2.15 18.78 -10.84
N ILE A 471 -2.16 17.84 -11.75
CA ILE A 471 -3.11 17.93 -12.85
C ILE A 471 -4.41 17.25 -12.44
N PHE A 472 -5.26 17.96 -11.69
CA PHE A 472 -6.44 17.35 -11.09
C PHE A 472 -7.61 17.14 -12.03
N PHE A 473 -7.76 18.00 -13.02
CA PHE A 473 -8.53 17.68 -14.24
C PHE A 473 -7.65 18.00 -15.47
N ILE A 474 -7.96 17.41 -16.62
CA ILE A 474 -7.23 17.77 -17.86
C ILE A 474 -7.85 19.01 -18.46
N GLY A 475 -7.16 20.14 -18.41
CA GLY A 475 -7.69 21.40 -18.93
C GLY A 475 -7.82 21.38 -20.45
N PRO A 476 -8.56 22.34 -21.00
CA PRO A 476 -8.66 22.38 -22.45
C PRO A 476 -7.33 22.72 -23.16
N ASN A 477 -6.44 23.47 -22.49
CA ASN A 477 -5.16 23.88 -23.06
C ASN A 477 -3.96 23.07 -22.51
N GLN A 478 -4.25 21.93 -21.91
CA GLN A 478 -3.26 21.18 -21.13
C GLN A 478 -2.06 20.69 -21.96
N PHE A 479 -2.31 20.48 -23.24
CA PHE A 479 -1.36 19.87 -24.14
C PHE A 479 -1.20 20.73 -25.38
N GLU A 480 -1.38 22.03 -25.19
CA GLU A 480 -1.28 23.00 -26.26
C GLU A 480 0.21 23.12 -26.51
N ASN A 481 0.59 23.41 -27.74
CA ASN A 481 2.00 23.61 -28.06
C ASN A 481 2.96 22.43 -27.77
N LEU A 482 2.40 21.25 -27.47
CA LEU A 482 3.24 20.09 -27.30
C LEU A 482 3.65 19.54 -28.66
N PRO A 483 4.89 19.07 -28.77
CA PRO A 483 5.28 18.28 -29.92
C PRO A 483 4.51 16.99 -29.95
N ASP A 484 4.71 16.19 -30.99
CA ASP A 484 3.97 14.95 -31.19
C ASP A 484 4.44 13.88 -30.21
N ILE A 485 3.67 13.71 -29.13
CA ILE A 485 3.97 12.77 -28.09
C ILE A 485 3.44 11.40 -28.45
N ALA A 486 4.24 10.38 -28.24
CA ALA A 486 3.82 9.02 -28.46
C ALA A 486 3.55 8.35 -27.12
N CYS A 487 4.15 8.83 -26.06
CA CYS A 487 4.13 8.10 -24.81
C CYS A 487 4.03 9.11 -23.70
N LEU A 488 2.95 9.01 -22.93
CA LEU A 488 2.54 10.08 -22.00
C LEU A 488 2.23 9.46 -20.67
N ASN A 489 2.67 10.11 -19.59
CA ASN A 489 2.46 9.56 -18.27
C ASN A 489 1.83 10.64 -17.41
N LEU A 490 0.59 10.38 -17.02
CA LEU A 490 -0.16 11.24 -16.13
C LEU A 490 -0.42 10.59 -14.79
N SER A 491 0.24 9.47 -14.53
CA SER A 491 0.03 8.73 -13.31
C SER A 491 0.08 9.58 -12.05
N ALA A 492 -0.81 9.28 -11.10
CA ALA A 492 -0.82 9.93 -9.79
C ALA A 492 -0.92 11.45 -9.84
N ASN A 493 -2.00 11.95 -10.44
CA ASN A 493 -2.30 13.35 -10.40
C ASN A 493 -3.60 13.72 -9.70
N SER A 494 -4.18 12.79 -8.93
CA SER A 494 -5.49 13.00 -8.29
C SER A 494 -6.46 13.45 -9.35
N ASN A 495 -6.37 12.86 -10.54
CA ASN A 495 -6.99 13.43 -11.73
C ASN A 495 -8.37 12.83 -11.99
N ALA A 496 -9.38 13.68 -12.03
CA ALA A 496 -10.79 13.24 -11.96
C ALA A 496 -11.54 13.57 -13.25
N GLN A 497 -10.85 13.56 -14.38
CA GLN A 497 -11.47 13.96 -15.61
C GLN A 497 -12.59 13.00 -16.02
N VAL A 498 -13.64 13.58 -16.58
CA VAL A 498 -14.69 12.84 -17.26
C VAL A 498 -14.33 12.89 -18.74
N LEU A 499 -13.93 11.73 -19.24
CA LEU A 499 -13.34 11.65 -20.53
C LEU A 499 -14.44 11.59 -21.55
N SER A 500 -14.35 12.48 -22.53
CA SER A 500 -15.36 12.57 -23.56
C SER A 500 -14.85 12.35 -25.00
N GLY A 501 -13.55 12.17 -25.18
CA GLY A 501 -13.00 12.09 -26.52
C GLY A 501 -12.51 13.43 -27.06
N THR A 502 -12.23 14.39 -26.18
CA THR A 502 -11.79 15.71 -26.61
C THR A 502 -10.55 16.26 -25.87
N GLU A 503 -10.03 15.48 -24.93
CA GLU A 503 -9.01 15.99 -24.03
C GLU A 503 -7.60 15.71 -24.56
N PHE A 504 -7.48 14.75 -25.46
CA PHE A 504 -6.18 14.43 -26.04
C PHE A 504 -6.00 14.86 -27.51
N SER A 505 -6.95 15.62 -28.03
CA SER A 505 -6.99 15.92 -29.44
C SER A 505 -5.75 16.66 -29.92
N ALA A 506 -5.15 17.51 -29.07
CA ALA A 506 -3.90 18.23 -29.43
C ALA A 506 -2.62 17.40 -29.49
N ILE A 507 -2.67 16.16 -28.99
CA ILE A 507 -1.58 15.19 -29.09
C ILE A 507 -2.24 13.89 -29.49
N PRO A 508 -2.82 13.87 -30.67
CA PRO A 508 -3.64 12.74 -31.08
C PRO A 508 -2.94 11.41 -31.30
N HIS A 509 -1.61 11.37 -31.30
CA HIS A 509 -0.92 10.14 -31.74
C HIS A 509 -0.23 9.42 -30.57
N VAL A 510 -0.75 9.62 -29.36
CA VAL A 510 -0.24 8.91 -28.25
C VAL A 510 -0.56 7.43 -28.45
N LYS A 511 0.44 6.58 -28.23
CA LYS A 511 0.37 5.12 -28.40
C LYS A 511 0.46 4.35 -27.10
N TYR A 512 1.08 4.94 -26.10
CA TYR A 512 1.19 4.33 -24.79
C TYR A 512 0.77 5.38 -23.80
N LEU A 513 -0.43 5.25 -23.24
CA LEU A 513 -0.91 6.15 -22.21
C LEU A 513 -0.92 5.45 -20.86
N ASP A 514 -0.28 6.07 -19.88
CA ASP A 514 -0.35 5.58 -18.50
C ASP A 514 -1.11 6.59 -17.64
N LEU A 515 -2.27 6.12 -17.13
CA LEU A 515 -3.20 6.92 -16.34
C LEU A 515 -3.37 6.40 -14.93
N THR A 516 -2.53 5.46 -14.54
CA THR A 516 -2.68 4.75 -13.27
C THR A 516 -2.76 5.67 -12.09
N ASN A 517 -3.47 5.24 -11.03
CA ASN A 517 -3.56 5.98 -9.74
C ASN A 517 -4.11 7.38 -9.89
N ASN A 518 -5.17 7.50 -10.66
CA ASN A 518 -6.00 8.69 -10.65
C ASN A 518 -7.44 8.27 -10.31
N ARG A 519 -8.42 9.09 -10.68
CA ARG A 519 -9.80 8.91 -10.28
C ARG A 519 -10.70 9.10 -11.51
N LEU A 520 -10.18 8.72 -12.65
CA LEU A 520 -10.79 9.07 -13.93
C LEU A 520 -12.14 8.43 -14.13
N ASP A 521 -13.07 9.22 -14.65
CA ASP A 521 -14.39 8.73 -15.02
C ASP A 521 -14.38 8.42 -16.54
N PHE A 522 -14.47 7.15 -16.91
CA PHE A 522 -14.55 6.76 -18.32
C PHE A 522 -15.89 6.08 -18.60
N ASP A 523 -16.96 6.73 -18.12
CA ASP A 523 -18.32 6.20 -18.23
C ASP A 523 -18.73 6.42 -19.67
N ASN A 524 -18.36 7.58 -20.22
CA ASN A 524 -18.69 7.87 -21.62
C ASN A 524 -18.03 6.88 -22.61
N ALA A 525 -18.75 6.49 -23.67
CA ALA A 525 -18.21 5.51 -24.67
C ALA A 525 -17.37 6.19 -25.77
N SER A 526 -17.26 7.52 -25.68
CA SER A 526 -16.41 8.31 -26.52
C SER A 526 -15.04 8.55 -25.86
N ALA A 527 -14.90 8.09 -24.62
CA ALA A 527 -13.70 8.31 -23.82
C ALA A 527 -12.42 7.80 -24.50
N LEU A 528 -11.43 8.68 -24.58
CA LEU A 528 -10.13 8.41 -25.23
C LEU A 528 -10.18 8.04 -26.75
N THR A 529 -11.33 8.22 -27.43
CA THR A 529 -11.43 7.86 -28.86
C THR A 529 -10.65 8.80 -29.77
N GLU A 530 -10.39 10.01 -29.30
CA GLU A 530 -9.60 10.97 -30.08
C GLU A 530 -8.18 10.47 -30.33
N LEU A 531 -7.76 9.48 -29.55
CA LEU A 531 -6.48 8.85 -29.75
C LEU A 531 -6.71 7.59 -30.50
N SER A 532 -6.87 7.70 -31.81
CA SER A 532 -7.15 6.50 -32.61
C SER A 532 -5.97 5.57 -32.80
N ASP A 533 -4.75 5.95 -32.38
CA ASP A 533 -3.57 5.07 -32.58
C ASP A 533 -3.16 4.37 -31.29
N LEU A 534 -3.91 4.60 -30.22
CA LEU A 534 -3.55 4.03 -28.93
C LEU A 534 -3.36 2.50 -28.95
N GLU A 535 -2.21 2.08 -28.45
CA GLU A 535 -1.85 0.68 -28.41
C GLU A 535 -1.77 0.15 -26.99
N VAL A 536 -1.51 1.02 -26.00
CA VAL A 536 -1.36 0.57 -24.63
C VAL A 536 -1.98 1.57 -23.70
N LEU A 537 -2.96 1.11 -22.93
CA LEU A 537 -3.70 1.95 -21.97
C LEU A 537 -3.57 1.29 -20.60
N ASP A 538 -3.11 2.06 -19.61
CA ASP A 538 -2.98 1.59 -18.22
C ASP A 538 -3.83 2.39 -17.25
N LEU A 539 -4.88 1.75 -16.78
CA LEU A 539 -5.82 2.35 -15.84
C LEU A 539 -5.65 1.76 -14.43
N SER A 540 -4.60 0.97 -14.26
CA SER A 540 -4.31 0.36 -12.97
C SER A 540 -4.53 1.34 -11.84
N TYR A 541 -5.21 0.87 -10.80
CA TYR A 541 -5.46 1.61 -9.55
C TYR A 541 -6.30 2.85 -9.78
N ASN A 542 -7.25 2.76 -10.67
CA ASN A 542 -8.11 3.91 -10.86
C ASN A 542 -9.40 3.64 -10.14
N SER A 543 -9.86 4.60 -9.37
CA SER A 543 -11.11 4.51 -8.64
C SER A 543 -11.90 5.84 -8.80
N HIS A 544 -12.92 6.10 -7.96
CA HIS A 544 -13.58 7.43 -7.90
C HIS A 544 -13.01 8.17 -6.68
N TYR A 545 -13.14 9.49 -6.63
CA TYR A 545 -12.51 10.35 -5.62
C TYR A 545 -13.16 10.24 -4.24
N PHE A 546 -13.29 9.01 -3.74
CA PHE A 546 -13.96 8.69 -2.47
C PHE A 546 -13.51 7.34 -1.93
N ARG A 547 -13.35 6.37 -2.83
CA ARG A 547 -13.14 4.95 -2.49
C ARG A 547 -14.13 4.49 -1.41
N ILE A 548 -15.38 4.93 -1.59
CA ILE A 548 -16.53 4.17 -1.13
C ILE A 548 -16.75 3.13 -2.23
N ALA A 549 -17.13 1.91 -1.85
CA ALA A 549 -17.32 0.82 -2.82
C ALA A 549 -18.40 1.19 -3.84
N GLY A 550 -18.90 0.20 -4.56
CA GLY A 550 -20.10 0.39 -5.35
C GLY A 550 -19.99 1.11 -6.69
N VAL A 551 -18.82 1.65 -7.03
CA VAL A 551 -18.65 2.43 -8.26
C VAL A 551 -18.93 1.60 -9.52
N THR A 552 -19.77 2.13 -10.42
CA THR A 552 -20.09 1.45 -11.68
C THR A 552 -19.21 1.89 -12.86
N HIS A 553 -18.97 0.94 -13.74
CA HIS A 553 -18.14 1.18 -14.89
C HIS A 553 -18.90 0.91 -16.17
N HIS A 554 -18.67 1.79 -17.15
CA HIS A 554 -19.08 1.56 -18.51
C HIS A 554 -17.77 1.37 -19.29
N LEU A 555 -17.63 0.24 -20.00
CA LEU A 555 -16.40 -0.10 -20.75
C LEU A 555 -16.64 -0.21 -22.25
N GLU A 556 -17.46 0.68 -22.78
CA GLU A 556 -17.87 0.60 -24.18
C GLU A 556 -16.79 1.21 -25.12
N PHE A 557 -16.09 2.27 -24.66
CA PHE A 557 -14.98 2.90 -25.43
C PHE A 557 -13.94 1.91 -25.98
N ILE A 558 -13.68 0.84 -25.23
CA ILE A 558 -12.70 -0.17 -25.62
C ILE A 558 -12.86 -0.66 -27.06
N GLN A 559 -14.10 -0.93 -27.44
CA GLN A 559 -14.46 -1.45 -28.76
C GLN A 559 -14.12 -0.50 -29.89
N ASN A 560 -14.11 0.80 -29.58
CA ASN A 560 -13.87 1.80 -30.60
C ASN A 560 -12.44 1.70 -31.17
N PHE A 561 -11.48 1.19 -30.43
CA PHE A 561 -10.08 1.21 -30.87
C PHE A 561 -9.74 0.06 -31.76
N THR A 562 -9.00 0.38 -32.81
CA THR A 562 -8.87 -0.52 -33.93
C THR A 562 -7.50 -1.20 -33.97
N ASN A 563 -6.52 -0.63 -33.28
CA ASN A 563 -5.22 -1.29 -33.02
C ASN A 563 -4.82 -1.15 -31.54
N LEU A 564 -5.80 -1.08 -30.61
CA LEU A 564 -5.45 -1.21 -29.19
C LEU A 564 -5.06 -2.67 -28.83
N LYS A 565 -3.92 -2.81 -28.13
CA LYS A 565 -3.25 -4.10 -28.01
C LYS A 565 -3.24 -4.58 -26.59
N VAL A 566 -2.99 -3.68 -25.65
CA VAL A 566 -2.85 -4.06 -24.25
C VAL A 566 -3.59 -3.10 -23.38
N LEU A 567 -4.52 -3.64 -22.60
CA LEU A 567 -5.34 -2.84 -21.68
C LEU A 567 -5.18 -3.43 -20.31
N ASN A 568 -5.00 -2.55 -19.32
CA ASN A 568 -4.75 -2.96 -17.97
C ASN A 568 -5.74 -2.27 -17.07
N LEU A 569 -6.73 -3.08 -16.66
CA LEU A 569 -7.79 -2.66 -15.75
C LEU A 569 -7.56 -3.09 -14.31
N SER A 570 -6.32 -3.42 -13.94
CA SER A 570 -6.06 -4.01 -12.63
C SER A 570 -6.49 -3.09 -11.51
N HIS A 571 -6.87 -3.70 -10.39
CA HIS A 571 -7.28 -2.98 -9.18
C HIS A 571 -8.24 -1.79 -9.38
N ASN A 572 -9.23 -1.96 -10.25
CA ASN A 572 -10.28 -0.97 -10.40
C ASN A 572 -11.52 -1.35 -9.60
N ASN A 573 -11.44 -2.45 -8.86
CA ASN A 573 -12.58 -2.95 -8.09
C ASN A 573 -13.88 -2.92 -8.88
N ILE A 574 -13.85 -3.69 -9.96
CA ILE A 574 -14.93 -3.72 -10.92
C ILE A 574 -15.80 -4.90 -10.54
N TYR A 575 -17.03 -4.59 -10.15
CA TYR A 575 -18.00 -5.64 -9.86
C TYR A 575 -19.24 -5.54 -10.77
N THR A 576 -19.62 -4.33 -11.24
CA THR A 576 -20.75 -4.18 -12.20
C THR A 576 -20.49 -3.28 -13.39
N LEU A 577 -20.96 -3.77 -14.55
CA LEU A 577 -20.99 -3.04 -15.79
C LEU A 577 -22.43 -2.71 -16.12
N THR A 578 -22.66 -1.47 -16.51
CA THR A 578 -24.01 -0.92 -16.71
C THR A 578 -24.36 -0.84 -18.20
N ASP A 579 -25.60 -1.23 -18.58
CA ASP A 579 -26.08 -1.17 -20.00
C ASP A 579 -25.53 -2.27 -20.96
N LYS A 580 -24.26 -2.13 -21.39
CA LYS A 580 -23.53 -3.19 -22.09
C LYS A 580 -22.77 -4.09 -21.10
N TYR A 581 -22.91 -5.40 -21.24
CA TYR A 581 -22.38 -6.33 -20.24
C TYR A 581 -21.21 -7.13 -20.78
N ASN A 582 -20.81 -6.82 -22.01
CA ASN A 582 -19.67 -7.47 -22.64
C ASN A 582 -18.59 -6.47 -23.09
N LEU A 583 -17.34 -6.94 -23.01
CA LEU A 583 -16.18 -6.24 -23.54
C LEU A 583 -16.00 -6.66 -25.00
N GLU A 584 -15.78 -5.69 -25.88
CA GLU A 584 -15.62 -5.97 -27.30
C GLU A 584 -14.45 -5.24 -27.99
N SER A 585 -13.64 -6.01 -28.70
CA SER A 585 -12.48 -5.47 -29.42
C SER A 585 -11.92 -6.55 -30.31
N LYS A 586 -11.71 -6.20 -31.57
CA LYS A 586 -11.10 -7.13 -32.53
C LYS A 586 -9.57 -7.16 -32.42
N SER A 587 -8.99 -6.04 -31.96
CA SER A 587 -7.55 -5.87 -31.86
C SER A 587 -6.92 -6.50 -30.63
N LEU A 588 -7.43 -6.14 -29.47
CA LEU A 588 -6.82 -6.42 -28.16
C LEU A 588 -6.25 -7.82 -28.01
N VAL A 589 -5.10 -7.87 -27.35
CA VAL A 589 -4.26 -9.06 -27.26
C VAL A 589 -4.07 -9.44 -25.80
N GLU A 590 -4.00 -8.43 -24.92
CA GLU A 590 -3.72 -8.64 -23.51
C GLU A 590 -4.73 -7.88 -22.70
N LEU A 591 -5.34 -8.56 -21.72
CA LEU A 591 -6.21 -7.88 -20.75
C LEU A 591 -5.78 -8.26 -19.37
N VAL A 592 -5.60 -7.26 -18.53
CA VAL A 592 -5.23 -7.52 -17.16
C VAL A 592 -6.44 -7.08 -16.34
N PHE A 593 -7.15 -8.09 -15.83
CA PHE A 593 -8.35 -7.90 -15.05
C PHE A 593 -8.18 -8.12 -13.55
N SER A 594 -6.94 -8.26 -13.08
CA SER A 594 -6.64 -8.47 -11.65
C SER A 594 -7.18 -7.42 -10.71
N GLY A 595 -7.52 -7.85 -9.48
CA GLY A 595 -7.94 -6.91 -8.44
C GLY A 595 -9.34 -6.39 -8.65
N ASN A 596 -10.20 -7.18 -9.26
CA ASN A 596 -11.55 -6.78 -9.51
C ASN A 596 -12.45 -7.86 -8.95
N ARG A 597 -13.76 -7.66 -9.07
CA ARG A 597 -14.75 -8.56 -8.49
C ARG A 597 -15.41 -9.40 -9.56
N LEU A 598 -14.63 -10.22 -10.23
CA LEU A 598 -15.21 -11.25 -11.06
C LEU A 598 -16.10 -12.17 -10.21
N ASP A 599 -15.73 -12.38 -8.94
CA ASP A 599 -16.55 -13.23 -8.06
C ASP A 599 -18.02 -12.80 -8.08
N ILE A 600 -18.30 -11.53 -7.80
CA ILE A 600 -19.66 -11.02 -7.92
C ILE A 600 -20.19 -11.22 -9.35
N LEU A 601 -19.59 -10.53 -10.30
CA LEU A 601 -19.98 -10.59 -11.71
C LEU A 601 -20.54 -11.96 -12.20
N TRP A 602 -19.80 -13.02 -11.90
CA TRP A 602 -20.11 -14.34 -12.44
C TRP A 602 -21.14 -15.19 -11.65
N ASN A 603 -21.41 -14.84 -10.40
CA ASN A 603 -22.52 -15.43 -9.65
C ASN A 603 -23.82 -14.60 -9.75
N ASP A 604 -23.82 -13.52 -10.54
CA ASP A 604 -25.03 -12.73 -10.80
C ASP A 604 -26.21 -13.66 -11.07
N ASP A 605 -27.33 -13.39 -10.39
CA ASP A 605 -28.52 -14.28 -10.39
C ASP A 605 -29.05 -14.53 -11.78
N ASP A 606 -28.90 -13.49 -12.60
CA ASP A 606 -29.49 -13.42 -13.92
C ASP A 606 -28.51 -13.82 -15.05
N ASN A 607 -27.29 -14.27 -14.70
CA ASN A 607 -26.30 -14.67 -15.72
C ASN A 607 -25.87 -13.51 -16.66
N ARG A 608 -25.96 -12.29 -16.13
CA ARG A 608 -25.74 -11.05 -16.88
C ARG A 608 -24.41 -11.03 -17.65
N TYR A 609 -23.33 -11.46 -16.99
CA TYR A 609 -21.97 -11.30 -17.46
C TYR A 609 -21.32 -12.63 -17.83
N ILE A 610 -22.12 -13.61 -18.21
CA ILE A 610 -21.59 -14.93 -18.54
C ILE A 610 -20.62 -14.83 -19.74
N SER A 611 -20.70 -13.73 -20.48
CA SER A 611 -19.90 -13.54 -21.69
C SER A 611 -19.11 -12.20 -21.75
N ILE A 612 -18.58 -11.74 -20.60
CA ILE A 612 -17.89 -10.42 -20.58
C ILE A 612 -16.74 -10.36 -21.58
N PHE A 613 -15.89 -11.39 -21.56
CA PHE A 613 -14.64 -11.38 -22.29
C PHE A 613 -14.71 -12.17 -23.62
N LYS A 614 -15.89 -12.64 -24.04
CA LYS A 614 -15.97 -13.42 -25.28
C LYS A 614 -15.67 -12.58 -26.54
N GLY A 615 -16.24 -11.38 -26.62
CA GLY A 615 -16.04 -10.48 -27.75
C GLY A 615 -14.66 -9.84 -27.89
N LEU A 616 -13.75 -10.22 -27.00
CA LEU A 616 -12.33 -9.98 -27.21
C LEU A 616 -11.83 -11.16 -28.06
N LYS A 617 -12.00 -11.00 -29.38
CA LYS A 617 -11.83 -12.12 -30.31
C LYS A 617 -10.35 -12.50 -30.58
N ASN A 618 -9.40 -11.57 -30.44
CA ASN A 618 -7.98 -11.94 -30.67
C ASN A 618 -7.13 -12.20 -29.43
N LEU A 619 -7.71 -12.09 -28.26
CA LEU A 619 -6.99 -12.18 -27.01
C LEU A 619 -6.18 -13.48 -26.82
N THR A 620 -4.89 -13.35 -26.48
CA THR A 620 -4.07 -14.50 -26.09
C THR A 620 -3.72 -14.48 -24.62
N ARG A 621 -3.66 -13.32 -23.99
CA ARG A 621 -3.29 -13.28 -22.60
C ARG A 621 -4.34 -12.61 -21.72
N LEU A 622 -4.80 -13.35 -20.70
CA LEU A 622 -5.79 -12.84 -19.78
C LEU A 622 -5.36 -13.21 -18.38
N ASP A 623 -5.38 -12.20 -17.52
CA ASP A 623 -4.97 -12.34 -16.13
C ASP A 623 -6.19 -12.05 -15.26
N LEU A 624 -6.66 -13.10 -14.58
CA LEU A 624 -7.82 -13.00 -13.70
C LEU A 624 -7.43 -13.26 -12.28
N SER A 625 -6.18 -12.98 -11.96
CA SER A 625 -5.70 -13.15 -10.61
C SER A 625 -6.45 -12.18 -9.66
N LEU A 626 -6.32 -12.39 -8.36
CA LEU A 626 -6.88 -11.47 -7.36
C LEU A 626 -8.31 -11.04 -7.67
N ASN A 627 -9.19 -12.00 -7.89
CA ASN A 627 -10.60 -11.71 -8.03
C ASN A 627 -11.48 -12.49 -7.07
N ARG A 628 -10.86 -13.13 -6.09
CA ARG A 628 -11.60 -13.81 -5.01
C ARG A 628 -12.50 -14.96 -5.44
N LEU A 629 -12.09 -15.72 -6.44
CA LEU A 629 -12.96 -16.71 -7.06
C LEU A 629 -12.89 -18.05 -6.34
N LYS A 630 -14.07 -18.55 -5.99
CA LYS A 630 -14.20 -19.87 -5.38
C LYS A 630 -14.56 -20.88 -6.46
N HIS A 631 -15.51 -20.50 -7.29
CA HIS A 631 -16.03 -21.36 -8.35
C HIS A 631 -16.36 -20.53 -9.58
N ILE A 632 -15.90 -21.04 -10.73
CA ILE A 632 -16.23 -20.43 -12.02
C ILE A 632 -17.36 -21.18 -12.76
N PRO A 633 -18.47 -20.45 -13.05
CA PRO A 633 -19.57 -20.96 -13.88
C PRO A 633 -19.10 -21.62 -15.17
N ASN A 634 -19.31 -22.91 -15.31
CA ASN A 634 -18.85 -23.63 -16.49
C ASN A 634 -19.20 -22.90 -17.79
N GLU A 635 -20.29 -22.15 -17.78
CA GLU A 635 -20.67 -21.38 -18.97
C GLU A 635 -19.71 -20.20 -19.14
N ALA A 636 -19.39 -19.51 -18.04
CA ALA A 636 -18.51 -18.34 -18.09
C ALA A 636 -17.15 -18.69 -18.68
N PHE A 637 -16.62 -19.84 -18.23
CA PHE A 637 -15.31 -20.32 -18.65
C PHE A 637 -15.27 -20.78 -20.10
N LEU A 638 -16.33 -21.41 -20.56
CA LEU A 638 -16.46 -21.77 -21.97
C LEU A 638 -16.59 -20.57 -22.90
N ASN A 639 -17.00 -19.42 -22.37
CA ASN A 639 -16.98 -18.17 -23.17
C ASN A 639 -15.69 -17.34 -23.07
N LEU A 640 -14.73 -17.80 -22.26
CA LEU A 640 -13.41 -17.22 -22.32
C LEU A 640 -12.95 -17.43 -23.77
N PRO A 641 -12.52 -16.35 -24.47
CA PRO A 641 -12.41 -16.45 -25.92
C PRO A 641 -11.38 -17.49 -26.27
N ALA A 642 -11.69 -18.33 -27.24
CA ALA A 642 -10.85 -19.47 -27.57
C ALA A 642 -9.57 -19.14 -28.32
N SER A 643 -9.28 -17.85 -28.53
CA SER A 643 -7.95 -17.42 -29.02
C SER A 643 -6.84 -17.45 -27.96
N LEU A 644 -7.10 -17.99 -26.78
CA LEU A 644 -6.20 -17.84 -25.65
C LEU A 644 -5.00 -18.79 -25.68
N THR A 645 -3.84 -18.20 -25.35
CA THR A 645 -2.55 -18.87 -25.15
C THR A 645 -2.11 -18.95 -23.66
N GLU A 646 -2.50 -17.93 -22.88
CA GLU A 646 -2.07 -17.77 -21.49
C GLU A 646 -3.20 -17.24 -20.65
N LEU A 647 -3.65 -18.08 -19.73
CA LEU A 647 -4.74 -17.73 -18.81
C LEU A 647 -4.15 -17.78 -17.44
N HIS A 648 -4.43 -16.74 -16.65
CA HIS A 648 -3.91 -16.63 -15.30
C HIS A 648 -5.05 -16.51 -14.30
N ILE A 649 -5.20 -17.55 -13.48
CA ILE A 649 -6.23 -17.50 -12.45
C ILE A 649 -5.65 -17.60 -11.04
N ASN A 650 -4.33 -17.65 -10.96
CA ASN A 650 -3.65 -17.67 -9.68
C ASN A 650 -4.10 -16.65 -8.62
N ASP A 651 -3.74 -16.92 -7.36
CA ASP A 651 -4.10 -16.07 -6.22
C ASP A 651 -5.60 -15.73 -6.13
N ASN A 652 -6.43 -16.75 -6.29
CA ASN A 652 -7.87 -16.68 -6.04
C ASN A 652 -8.12 -17.75 -4.96
N MET A 653 -9.38 -18.04 -4.63
CA MET A 653 -9.67 -19.07 -3.62
C MET A 653 -10.44 -20.24 -4.22
N LEU A 654 -10.05 -20.67 -5.42
CA LEU A 654 -10.71 -21.79 -6.08
C LEU A 654 -10.55 -23.11 -5.29
N LYS A 655 -11.65 -23.82 -5.04
CA LYS A 655 -11.59 -25.20 -4.53
C LYS A 655 -11.75 -26.21 -5.67
N PHE A 656 -12.44 -25.78 -6.73
CA PHE A 656 -12.78 -26.64 -7.86
C PHE A 656 -12.34 -26.06 -9.23
N PHE A 657 -11.75 -26.90 -10.07
CA PHE A 657 -11.46 -26.53 -11.44
C PHE A 657 -11.81 -27.67 -12.42
N ASN A 658 -12.77 -27.39 -13.31
CA ASN A 658 -13.25 -28.39 -14.26
C ASN A 658 -12.28 -28.53 -15.42
N TRP A 659 -11.47 -29.57 -15.37
CA TRP A 659 -10.43 -29.77 -16.38
C TRP A 659 -10.95 -30.13 -17.76
N THR A 660 -12.22 -30.48 -17.90
CA THR A 660 -12.72 -31.01 -19.19
C THR A 660 -12.84 -29.88 -20.20
N LEU A 661 -13.07 -28.67 -19.66
CA LEU A 661 -13.36 -27.46 -20.45
C LEU A 661 -12.18 -27.00 -21.31
N LEU A 662 -10.97 -27.43 -20.96
CA LEU A 662 -9.79 -27.17 -21.80
C LEU A 662 -9.80 -27.78 -23.22
N GLN A 663 -10.89 -28.46 -23.58
CA GLN A 663 -11.16 -28.80 -24.98
C GLN A 663 -11.60 -27.58 -25.75
N GLN A 664 -12.27 -26.65 -25.08
CA GLN A 664 -12.67 -25.40 -25.71
C GLN A 664 -11.44 -24.51 -26.08
N PHE A 665 -10.24 -24.93 -25.70
CA PHE A 665 -9.08 -24.06 -25.81
C PHE A 665 -7.87 -24.77 -26.44
N PRO A 666 -7.91 -24.96 -27.77
CA PRO A 666 -6.92 -25.78 -28.51
C PRO A 666 -5.60 -25.08 -28.76
N ARG A 667 -5.49 -23.82 -28.34
CA ARG A 667 -4.27 -23.05 -28.53
C ARG A 667 -3.72 -22.54 -27.20
N LEU A 668 -4.15 -23.14 -26.10
CA LEU A 668 -3.73 -22.73 -24.76
C LEU A 668 -2.42 -23.39 -24.38
N GLU A 669 -1.43 -22.59 -23.96
CA GLU A 669 -0.09 -23.10 -23.62
C GLU A 669 0.30 -22.94 -22.15
N LEU A 670 -0.29 -21.98 -21.47
CA LEU A 670 0.10 -21.72 -20.10
C LEU A 670 -1.13 -21.49 -19.22
N LEU A 671 -1.31 -22.40 -18.27
CA LEU A 671 -2.37 -22.25 -17.28
C LEU A 671 -1.72 -22.06 -15.94
N ASP A 672 -2.12 -20.97 -15.30
CA ASP A 672 -1.56 -20.58 -14.01
C ASP A 672 -2.67 -20.53 -12.96
N LEU A 673 -2.58 -21.52 -12.04
CA LEU A 673 -3.61 -21.76 -11.03
C LEU A 673 -3.08 -21.68 -9.61
N ARG A 674 -1.89 -21.13 -9.47
CA ARG A 674 -1.22 -21.01 -8.19
C ARG A 674 -2.00 -20.20 -7.15
N GLY A 675 -1.71 -20.42 -5.88
CA GLY A 675 -2.24 -19.56 -4.84
C GLY A 675 -3.74 -19.71 -4.74
N ASN A 676 -4.21 -20.94 -4.95
CA ASN A 676 -5.62 -21.31 -4.81
C ASN A 676 -5.73 -22.46 -3.82
N LYS A 677 -6.94 -23.00 -3.64
CA LYS A 677 -7.21 -24.05 -2.63
C LYS A 677 -7.58 -25.44 -3.20
N LEU A 678 -7.48 -25.61 -4.51
CA LEU A 678 -7.82 -26.86 -5.20
C LEU A 678 -7.37 -28.11 -4.44
N LEU A 679 -8.14 -29.19 -4.57
CA LEU A 679 -7.84 -30.45 -3.85
C LEU A 679 -7.48 -31.64 -4.74
N PHE A 680 -7.89 -31.65 -6.02
CA PHE A 680 -7.64 -32.80 -6.89
C PHE A 680 -7.27 -32.42 -8.33
N LEU A 681 -6.88 -33.42 -9.11
CA LEU A 681 -6.54 -33.28 -10.54
C LEU A 681 -7.25 -34.37 -11.35
N THR A 682 -7.56 -34.11 -12.62
CA THR A 682 -8.11 -35.17 -13.49
C THR A 682 -7.11 -36.32 -13.67
N ASP A 683 -7.61 -37.54 -13.88
CA ASP A 683 -6.70 -38.71 -14.00
C ASP A 683 -6.20 -38.95 -15.42
N SER A 684 -6.81 -38.27 -16.39
CA SER A 684 -6.27 -38.20 -17.74
C SER A 684 -6.44 -36.79 -18.28
N LEU A 685 -5.36 -36.01 -18.19
CA LEU A 685 -5.36 -34.64 -18.69
C LEU A 685 -5.21 -34.60 -20.23
N SER A 686 -4.34 -35.44 -20.80
CA SER A 686 -4.17 -35.56 -22.26
C SER A 686 -5.47 -35.58 -23.04
N ASP A 687 -6.52 -36.17 -22.48
CA ASP A 687 -7.84 -36.19 -23.15
C ASP A 687 -8.36 -34.77 -23.39
N PHE A 688 -8.24 -33.92 -22.38
CA PHE A 688 -8.88 -32.59 -22.41
C PHE A 688 -8.17 -31.52 -23.26
N THR A 689 -6.83 -31.54 -23.29
CA THR A 689 -6.05 -30.63 -24.14
C THR A 689 -4.82 -31.33 -24.62
N SER A 690 -4.37 -30.99 -25.82
CA SER A 690 -3.06 -31.45 -26.30
C SER A 690 -2.21 -30.27 -26.81
N SER A 691 -2.51 -29.06 -26.32
CA SER A 691 -1.76 -27.83 -26.65
C SER A 691 -1.09 -27.18 -25.42
N LEU A 692 -1.44 -27.62 -24.23
CA LEU A 692 -0.90 -27.04 -23.01
C LEU A 692 0.56 -27.45 -22.77
N ARG A 693 1.41 -26.45 -22.57
CA ARG A 693 2.83 -26.64 -22.36
C ARG A 693 3.22 -26.44 -20.89
N THR A 694 2.58 -25.48 -20.22
CA THR A 694 3.03 -25.09 -18.87
C THR A 694 1.86 -24.99 -17.91
N LEU A 695 1.96 -25.70 -16.79
CA LEU A 695 0.87 -25.78 -15.84
C LEU A 695 1.38 -25.48 -14.43
N LEU A 696 0.78 -24.49 -13.78
CA LEU A 696 1.31 -23.96 -12.52
C LEU A 696 0.36 -24.14 -11.35
N LEU A 697 0.64 -25.15 -10.54
CA LEU A 697 -0.22 -25.52 -9.39
C LEU A 697 0.35 -25.25 -7.99
N SER A 698 1.55 -24.66 -7.91
CA SER A 698 2.13 -24.32 -6.62
C SER A 698 1.19 -23.51 -5.73
N HIS A 699 1.34 -23.74 -4.42
CA HIS A 699 0.48 -23.16 -3.37
C HIS A 699 -1.00 -23.50 -3.57
N ASN A 700 -1.28 -24.78 -3.39
CA ASN A 700 -2.64 -25.32 -3.40
C ASN A 700 -2.77 -26.42 -2.35
N ARG A 701 -3.85 -27.22 -2.40
CA ARG A 701 -4.12 -28.24 -1.38
C ARG A 701 -4.17 -29.68 -1.93
N ILE A 702 -3.55 -29.89 -3.08
CA ILE A 702 -3.55 -31.17 -3.77
C ILE A 702 -2.69 -32.18 -3.04
N SER A 703 -3.27 -33.34 -2.69
CA SER A 703 -2.56 -34.39 -1.92
C SER A 703 -2.18 -35.64 -2.72
N HIS A 704 -2.85 -35.89 -3.85
CA HIS A 704 -2.67 -37.12 -4.62
C HIS A 704 -2.46 -36.82 -6.13
N LEU A 705 -1.47 -37.46 -6.72
CA LEU A 705 -1.30 -37.45 -8.18
C LEU A 705 -1.95 -38.67 -8.81
N PRO A 706 -3.04 -38.45 -9.57
CA PRO A 706 -3.73 -39.54 -10.28
C PRO A 706 -2.83 -40.48 -11.08
N SER A 707 -3.25 -41.74 -11.20
CA SER A 707 -2.59 -42.68 -12.11
C SER A 707 -2.55 -42.08 -13.51
N GLY A 708 -1.55 -42.49 -14.29
CA GLY A 708 -1.44 -42.09 -15.69
C GLY A 708 -1.93 -40.68 -15.95
N PHE A 709 -1.45 -39.74 -15.13
CA PHE A 709 -1.74 -38.33 -15.31
C PHE A 709 -0.73 -37.76 -16.31
N LEU A 710 0.54 -37.71 -15.90
CA LEU A 710 1.61 -37.21 -16.78
C LEU A 710 1.61 -37.95 -18.13
N SER A 711 1.23 -39.23 -18.11
CA SER A 711 1.08 -40.02 -19.32
C SER A 711 -0.30 -39.73 -19.94
N GLU A 712 -0.39 -39.29 -21.20
CA GLU A 712 0.74 -38.98 -22.09
C GLU A 712 0.59 -37.55 -22.63
N VAL A 713 0.55 -36.57 -21.73
CA VAL A 713 0.19 -35.20 -22.13
C VAL A 713 1.12 -34.71 -23.20
N SER A 714 2.41 -35.06 -23.10
CA SER A 714 3.39 -34.88 -24.18
C SER A 714 3.61 -33.40 -24.52
N SER A 715 2.53 -32.76 -24.99
CA SER A 715 2.40 -31.32 -24.99
C SER A 715 3.18 -30.69 -23.83
N LEU A 716 2.88 -31.15 -22.60
CA LEU A 716 3.28 -30.52 -21.33
C LEU A 716 4.76 -30.61 -20.98
N LYS A 717 5.45 -29.47 -21.07
CA LYS A 717 6.90 -29.37 -20.84
C LYS A 717 7.20 -29.02 -19.39
N HIS A 718 6.42 -28.09 -18.82
CA HIS A 718 6.68 -27.59 -17.46
C HIS A 718 5.46 -27.68 -16.52
N LEU A 719 5.64 -28.38 -15.39
CA LEU A 719 4.59 -28.62 -14.39
C LEU A 719 5.08 -28.27 -13.01
N ASP A 720 4.35 -27.35 -12.36
CA ASP A 720 4.73 -26.82 -11.06
C ASP A 720 3.76 -27.29 -10.01
N LEU A 721 4.27 -28.17 -9.14
CA LEU A 721 3.50 -28.79 -8.04
C LEU A 721 4.02 -28.44 -6.64
N SER A 722 5.01 -27.55 -6.56
CA SER A 722 5.60 -27.19 -5.27
C SER A 722 4.55 -26.70 -4.30
N SER A 723 4.93 -26.52 -3.03
CA SER A 723 4.00 -26.02 -1.99
C SER A 723 2.58 -26.58 -2.06
N ASN A 724 2.46 -27.89 -1.83
CA ASN A 724 1.17 -28.56 -1.83
C ASN A 724 1.13 -29.58 -0.68
N LEU A 725 0.39 -30.68 -0.84
CA LEU A 725 0.22 -31.67 0.23
C LEU A 725 0.57 -33.08 -0.20
N LEU A 726 1.47 -33.22 -1.14
CA LEU A 726 1.89 -34.55 -1.57
C LEU A 726 2.86 -35.17 -0.55
N LYS A 727 2.61 -36.44 -0.23
CA LYS A 727 3.47 -37.21 0.68
C LYS A 727 4.31 -38.28 -0.04
N THR A 728 3.81 -38.78 -1.17
CA THR A 728 4.58 -39.72 -2.02
C THR A 728 4.09 -39.54 -3.47
N ILE A 729 4.66 -40.28 -4.43
CA ILE A 729 4.24 -40.25 -5.85
C ILE A 729 4.14 -41.67 -6.45
N ASN A 730 2.90 -42.14 -6.60
CA ASN A 730 2.59 -43.55 -6.84
C ASN A 730 3.25 -44.17 -8.10
N LYS A 731 3.51 -45.47 -8.00
CA LYS A 731 3.98 -46.31 -9.11
C LYS A 731 3.09 -46.18 -10.38
N SER A 732 1.79 -45.94 -10.16
CA SER A 732 0.80 -45.84 -11.24
C SER A 732 0.78 -44.46 -11.90
N ALA A 733 1.12 -43.42 -11.13
CA ALA A 733 1.26 -42.07 -11.69
C ALA A 733 2.48 -41.96 -12.63
N LEU A 734 3.46 -42.85 -12.43
CA LEU A 734 4.68 -42.86 -13.23
C LEU A 734 4.41 -43.15 -14.72
N THR A 740 6.43 -39.03 -21.70
CA THR A 740 6.15 -37.58 -21.61
C THR A 740 7.40 -36.75 -21.97
N LYS A 741 7.17 -35.60 -22.57
CA LYS A 741 8.24 -34.71 -23.02
C LYS A 741 8.55 -33.67 -21.94
N LEU A 742 7.98 -33.92 -20.75
CA LEU A 742 8.26 -33.14 -19.55
C LEU A 742 9.75 -32.83 -19.42
N SER A 743 10.07 -31.54 -19.32
CA SER A 743 11.44 -31.11 -19.16
C SER A 743 11.70 -30.30 -17.87
N MET A 744 10.65 -30.07 -17.04
CA MET A 744 10.86 -29.51 -15.69
C MET A 744 9.69 -29.74 -14.74
N LEU A 745 10.03 -30.17 -13.52
CA LEU A 745 9.03 -30.55 -12.53
C LEU A 745 9.36 -29.97 -11.14
N GLU A 746 8.51 -29.08 -10.64
CA GLU A 746 8.75 -28.45 -9.33
C GLU A 746 7.99 -29.16 -8.19
N LEU A 747 8.72 -29.62 -7.17
CA LEU A 747 8.11 -30.35 -6.05
C LEU A 747 8.48 -29.86 -4.62
N HIS A 748 9.29 -28.83 -4.51
CA HIS A 748 9.70 -28.31 -3.21
C HIS A 748 8.50 -27.90 -2.35
N GLY A 749 8.70 -27.85 -1.03
CA GLY A 749 7.65 -27.45 -0.06
C GLY A 749 6.40 -28.36 0.00
N ASN A 750 6.61 -29.65 -0.29
CA ASN A 750 5.59 -30.70 -0.15
C ASN A 750 5.96 -31.67 0.96
N PRO A 751 5.05 -31.94 1.91
CA PRO A 751 5.45 -32.78 3.04
C PRO A 751 5.50 -34.25 2.65
N PHE A 752 6.72 -34.78 2.47
CA PHE A 752 6.90 -36.16 1.97
C PHE A 752 7.00 -37.21 3.08
N GLU A 753 6.74 -38.47 2.72
CA GLU A 753 6.96 -39.62 3.59
C GLU A 753 8.11 -40.47 3.04
N CYS A 754 9.35 -40.05 3.32
CA CYS A 754 10.55 -40.86 3.07
C CYS A 754 10.88 -41.40 4.43
N THR A 755 10.94 -42.72 4.63
CA THR A 755 10.95 -43.78 3.61
C THR A 755 9.54 -44.44 3.67
N CYS A 756 9.28 -45.62 3.09
CA CYS A 756 10.14 -46.33 2.13
C CYS A 756 9.36 -46.51 0.83
N ASP A 757 8.09 -46.14 0.83
CA ASP A 757 7.24 -46.26 -0.36
C ASP A 757 7.69 -45.28 -1.44
N ILE A 758 8.47 -44.27 -1.03
CA ILE A 758 9.00 -43.23 -1.93
C ILE A 758 9.98 -43.76 -2.98
N GLY A 759 10.67 -44.85 -2.66
CA GLY A 759 11.70 -45.44 -3.53
C GLY A 759 11.33 -45.56 -4.99
N ASP A 760 10.06 -45.81 -5.27
CA ASP A 760 9.55 -45.83 -6.66
C ASP A 760 9.95 -44.54 -7.37
N PHE A 761 9.53 -43.43 -6.77
CA PHE A 761 9.81 -42.10 -7.30
C PHE A 761 11.31 -41.89 -7.58
N ARG A 762 12.18 -42.32 -6.67
CA ARG A 762 13.62 -42.12 -6.84
C ARG A 762 14.21 -42.75 -8.11
N ARG A 763 13.96 -44.03 -8.32
CA ARG A 763 14.49 -44.70 -9.52
C ARG A 763 13.87 -44.11 -10.80
N TRP A 764 12.74 -43.41 -10.65
CA TRP A 764 12.17 -42.60 -11.75
C TRP A 764 13.00 -41.32 -11.94
N MET A 765 13.41 -40.70 -10.84
CA MET A 765 14.32 -39.55 -10.88
C MET A 765 15.69 -39.90 -11.45
N ASP A 766 16.04 -41.18 -11.54
CA ASP A 766 17.35 -41.57 -12.07
C ASP A 766 17.28 -42.04 -13.52
N GLU A 767 16.18 -42.69 -13.91
CA GLU A 767 15.98 -43.15 -15.29
C GLU A 767 15.48 -42.02 -16.18
N HIS A 768 15.02 -40.95 -15.56
CA HIS A 768 14.61 -39.76 -16.29
C HIS A 768 15.45 -38.57 -15.86
N LEU A 769 16.70 -38.56 -16.29
CA LEU A 769 17.60 -37.46 -15.96
C LEU A 769 17.27 -36.20 -16.75
N ASN A 770 16.46 -36.34 -17.81
CA ASN A 770 16.06 -35.19 -18.64
C ASN A 770 15.06 -34.27 -17.93
N VAL A 771 14.25 -34.87 -17.07
CA VAL A 771 13.25 -34.14 -16.32
C VAL A 771 13.98 -33.39 -15.25
N LYS A 772 14.27 -32.12 -15.51
CA LYS A 772 14.98 -31.27 -14.57
C LYS A 772 14.08 -31.03 -13.37
N ILE A 773 14.63 -31.22 -12.17
CA ILE A 773 13.89 -31.02 -10.94
C ILE A 773 14.65 -30.04 -10.09
N PRO A 774 14.22 -28.76 -10.12
CA PRO A 774 14.98 -27.68 -9.51
C PRO A 774 14.93 -27.75 -8.01
N ARG A 775 15.81 -27.02 -7.35
CA ARG A 775 15.59 -26.67 -5.97
C ARG A 775 15.53 -27.93 -5.08
N LEU A 776 16.35 -28.93 -5.39
CA LEU A 776 16.35 -30.23 -4.66
C LEU A 776 16.46 -30.09 -3.14
N VAL A 777 17.46 -29.35 -2.69
CA VAL A 777 17.57 -28.93 -1.31
C VAL A 777 16.22 -28.75 -0.59
N ASP A 778 15.22 -28.17 -1.28
CA ASP A 778 13.94 -27.79 -0.64
C ASP A 778 12.79 -28.76 -0.93
N VAL A 779 13.15 -29.93 -1.46
CA VAL A 779 12.31 -31.12 -1.50
C VAL A 779 12.55 -31.93 -0.21
N ILE A 780 11.79 -31.63 0.84
CA ILE A 780 12.11 -32.08 2.21
C ILE A 780 11.14 -33.14 2.72
N CYS A 781 11.71 -34.20 3.31
CA CYS A 781 10.97 -35.21 4.08
C CYS A 781 10.26 -34.52 5.22
N ALA A 782 8.96 -34.78 5.36
CA ALA A 782 8.23 -34.39 6.56
C ALA A 782 8.46 -35.44 7.66
N SER A 783 8.61 -36.70 7.25
CA SER A 783 8.56 -37.82 8.15
C SER A 783 9.10 -39.09 7.46
N PRO A 784 9.61 -40.07 8.23
CA PRO A 784 9.62 -40.02 9.70
C PRO A 784 10.59 -38.98 10.27
N GLY A 785 10.36 -38.56 11.51
CA GLY A 785 11.15 -37.50 12.17
C GLY A 785 12.66 -37.70 12.22
N ASP A 786 13.14 -38.91 11.97
CA ASP A 786 14.58 -39.16 11.77
C ASP A 786 15.05 -38.73 10.37
N GLN A 787 14.14 -38.75 9.40
CA GLN A 787 14.41 -38.18 8.07
C GLN A 787 14.08 -36.68 7.97
N ARG A 788 13.05 -36.24 8.71
CA ARG A 788 12.60 -34.85 8.68
C ARG A 788 13.73 -33.85 8.48
N GLY A 789 13.56 -32.97 7.51
CA GLY A 789 14.55 -31.94 7.20
C GLY A 789 15.57 -32.36 6.15
N LYS A 790 15.57 -33.63 5.76
CA LYS A 790 16.47 -34.14 4.71
C LYS A 790 15.85 -33.91 3.34
N SER A 791 16.69 -33.70 2.34
CA SER A 791 16.23 -33.78 0.96
C SER A 791 15.82 -35.22 0.76
N ILE A 792 14.87 -35.42 -0.14
CA ILE A 792 14.43 -36.78 -0.44
C ILE A 792 15.51 -37.50 -1.27
N VAL A 793 16.59 -36.81 -1.62
CA VAL A 793 17.71 -37.41 -2.36
C VAL A 793 18.81 -37.96 -1.44
N SER A 794 18.90 -37.42 -0.24
CA SER A 794 19.88 -37.88 0.75
C SER A 794 19.99 -39.42 0.86
N LEU A 795 18.87 -40.13 0.81
CA LEU A 795 18.86 -41.60 0.89
C LEU A 795 19.67 -42.18 -0.26
N SER B 11 -25.28 -21.78 26.49
CA SER B 11 -26.27 -21.97 25.38
C SER B 11 -25.61 -22.30 24.03
N TYR B 12 -26.44 -22.71 23.08
CA TYR B 12 -25.98 -23.06 21.75
C TYR B 12 -27.17 -22.98 20.80
N PRO B 13 -27.01 -22.41 19.61
CA PRO B 13 -25.75 -21.85 19.11
C PRO B 13 -25.61 -20.34 19.38
N CYS B 14 -26.62 -19.74 20.00
CA CYS B 14 -26.61 -18.31 20.24
C CYS B 14 -25.69 -18.00 21.44
N ASP B 15 -24.86 -16.97 21.30
CA ASP B 15 -24.15 -16.36 22.45
C ASP B 15 -25.21 -15.51 23.19
N GLU B 16 -25.50 -15.84 24.46
CA GLU B 16 -26.56 -15.13 25.25
C GLU B 16 -26.03 -14.43 26.51
N LYS B 17 -26.38 -13.14 26.67
CA LYS B 17 -25.85 -12.28 27.76
C LYS B 17 -26.87 -11.30 28.34
N ASP B 21 -32.35 -5.97 32.61
CA ASP B 21 -33.74 -5.72 32.20
C ASP B 21 -34.16 -6.25 30.80
N SER B 22 -33.31 -7.05 30.17
CA SER B 22 -33.60 -7.65 28.87
C SER B 22 -32.67 -8.85 28.70
N VAL B 23 -32.62 -9.43 27.51
CA VAL B 23 -31.62 -10.47 27.23
C VAL B 23 -31.48 -10.70 25.72
N ILE B 24 -30.23 -10.71 25.25
CA ILE B 24 -29.91 -10.67 23.83
C ILE B 24 -29.24 -11.97 23.44
N ALA B 25 -29.83 -12.68 22.49
CA ALA B 25 -29.22 -13.87 21.90
C ALA B 25 -28.57 -13.51 20.56
N GLU B 26 -27.24 -13.46 20.53
CA GLU B 26 -26.53 -13.18 19.28
C GLU B 26 -26.40 -14.46 18.50
N CYS B 27 -27.12 -14.53 17.39
CA CYS B 27 -27.00 -15.65 16.48
C CYS B 27 -26.57 -15.15 15.10
N SER B 28 -25.89 -14.01 15.08
CA SER B 28 -25.39 -13.51 13.82
C SER B 28 -24.38 -14.52 13.24
N ASN B 29 -24.26 -14.53 11.93
CA ASN B 29 -23.16 -15.22 11.27
C ASN B 29 -22.70 -16.54 11.88
N ARG B 30 -23.63 -17.48 12.00
CA ARG B 30 -23.33 -18.85 12.46
C ARG B 30 -23.77 -19.90 11.44
N ARG B 31 -23.95 -19.48 10.20
CA ARG B 31 -24.29 -20.41 9.11
C ARG B 31 -25.49 -21.25 9.47
N LEU B 32 -26.46 -20.68 10.16
CA LEU B 32 -27.69 -21.40 10.51
C LEU B 32 -28.62 -21.50 9.31
N GLN B 33 -29.29 -22.65 9.19
CA GLN B 33 -30.19 -22.94 8.07
C GLN B 33 -31.64 -22.95 8.51
N GLU B 34 -31.88 -22.82 9.82
CA GLU B 34 -33.23 -22.71 10.34
C GLU B 34 -33.21 -22.10 11.74
N VAL B 35 -34.23 -21.30 12.03
CA VAL B 35 -34.40 -20.66 13.33
C VAL B 35 -34.20 -21.67 14.44
N PRO B 36 -33.13 -21.53 15.23
CA PRO B 36 -32.85 -22.52 16.26
C PRO B 36 -34.01 -22.76 17.18
N GLN B 37 -34.13 -24.00 17.66
CA GLN B 37 -35.10 -24.36 18.69
C GLN B 37 -34.39 -24.47 20.03
N THR B 38 -33.07 -24.33 19.97
CA THR B 38 -32.22 -24.35 21.14
C THR B 38 -32.00 -22.90 21.64
N VAL B 39 -33.11 -22.20 21.90
CA VAL B 39 -33.09 -20.76 22.24
C VAL B 39 -33.77 -20.51 23.57
N GLY B 40 -33.00 -19.99 24.54
CA GLY B 40 -33.46 -19.74 25.91
C GLY B 40 -34.77 -18.99 25.96
N LYS B 41 -35.75 -19.52 26.69
CA LYS B 41 -37.12 -19.02 26.67
C LYS B 41 -37.18 -17.55 27.07
N TYR B 42 -36.34 -17.19 28.03
CA TYR B 42 -36.17 -15.80 28.42
C TYR B 42 -36.12 -14.85 27.20
N VAL B 43 -35.14 -15.07 26.33
CA VAL B 43 -34.71 -14.11 25.28
C VAL B 43 -35.81 -13.19 24.73
N THR B 44 -35.57 -11.87 24.84
CA THR B 44 -36.43 -10.80 24.32
C THR B 44 -35.86 -10.13 23.07
N GLU B 45 -34.62 -10.45 22.73
CA GLU B 45 -34.01 -9.91 21.54
C GLU B 45 -33.32 -11.06 20.82
N LEU B 46 -33.84 -11.45 19.66
CA LEU B 46 -33.25 -12.51 18.87
C LEU B 46 -32.60 -11.90 17.65
N ASP B 47 -31.28 -11.98 17.55
CA ASP B 47 -30.56 -11.52 16.35
C ASP B 47 -30.11 -12.71 15.50
N LEU B 48 -30.73 -12.88 14.31
CA LEU B 48 -30.42 -14.00 13.41
C LEU B 48 -29.75 -13.59 12.08
N SER B 49 -29.26 -12.36 12.00
CA SER B 49 -28.76 -11.84 10.71
C SER B 49 -27.58 -12.62 10.14
N ASP B 50 -27.39 -12.46 8.83
CA ASP B 50 -26.18 -12.93 8.13
C ASP B 50 -26.05 -14.46 8.22
N ASN B 51 -27.07 -15.15 7.71
CA ASN B 51 -27.19 -16.60 7.83
C ASN B 51 -27.73 -17.33 6.57
N PHE B 52 -27.93 -18.64 6.70
CA PHE B 52 -28.39 -19.49 5.60
C PHE B 52 -29.86 -19.87 5.77
N ILE B 53 -30.63 -19.02 6.42
CA ILE B 53 -32.04 -19.29 6.63
C ILE B 53 -32.86 -18.98 5.38
N THR B 54 -33.79 -19.89 5.11
CA THR B 54 -34.54 -19.94 3.88
C THR B 54 -36.03 -19.79 4.16
N HIS B 55 -36.51 -20.45 5.19
CA HIS B 55 -37.94 -20.42 5.53
C HIS B 55 -38.18 -19.90 6.94
N ILE B 56 -39.26 -19.15 7.12
CA ILE B 56 -39.73 -18.76 8.44
C ILE B 56 -41.22 -19.07 8.53
N THR B 57 -41.54 -20.16 9.23
CA THR B 57 -42.92 -20.53 9.41
C THR B 57 -43.34 -20.05 10.76
N ASN B 58 -44.61 -20.29 11.09
CA ASN B 58 -45.11 -19.93 12.41
C ASN B 58 -44.66 -20.94 13.47
N GLU B 59 -44.12 -22.06 12.99
CA GLU B 59 -43.40 -23.01 13.83
C GLU B 59 -42.11 -22.35 14.38
N SER B 60 -41.53 -21.43 13.62
CA SER B 60 -40.19 -20.91 13.93
C SER B 60 -40.11 -20.25 15.30
N PHE B 61 -41.13 -19.46 15.64
CA PHE B 61 -41.14 -18.76 16.93
C PHE B 61 -42.29 -19.24 17.85
N GLN B 62 -42.38 -20.55 18.00
CA GLN B 62 -43.20 -21.18 19.04
C GLN B 62 -42.49 -20.98 20.37
N GLY B 63 -43.26 -20.60 21.39
CA GLY B 63 -42.73 -20.44 22.75
C GLY B 63 -41.58 -19.46 22.89
N LEU B 64 -41.45 -18.53 21.95
CA LEU B 64 -40.53 -17.41 22.10
C LEU B 64 -41.41 -16.17 22.21
N GLN B 65 -42.43 -16.28 23.06
CA GLN B 65 -43.61 -15.40 23.03
C GLN B 65 -43.35 -14.07 23.72
N ASN B 66 -42.28 -13.99 24.52
CA ASN B 66 -41.79 -12.74 25.08
C ASN B 66 -40.51 -12.27 24.35
N LEU B 67 -40.64 -12.12 23.04
CA LEU B 67 -39.63 -11.46 22.21
C LEU B 67 -40.08 -10.03 21.93
N THR B 68 -39.11 -9.12 21.94
CA THR B 68 -39.30 -7.68 21.71
C THR B 68 -38.86 -7.31 20.29
N LYS B 69 -37.79 -7.95 19.84
CA LYS B 69 -37.12 -7.62 18.61
C LYS B 69 -36.58 -8.90 17.96
N ILE B 70 -36.79 -9.02 16.65
CA ILE B 70 -36.11 -10.02 15.86
C ILE B 70 -35.41 -9.33 14.70
N ASN B 71 -34.11 -9.61 14.54
CA ASN B 71 -33.40 -9.27 13.30
C ASN B 71 -33.37 -10.54 12.45
N LEU B 72 -33.62 -10.40 11.16
CA LEU B 72 -33.44 -11.49 10.23
C LEU B 72 -32.73 -11.00 8.97
N ASN B 73 -31.97 -9.94 9.11
CA ASN B 73 -31.42 -9.29 7.95
C ASN B 73 -30.46 -10.28 7.28
N HIS B 74 -30.29 -10.16 5.96
CA HIS B 74 -29.24 -10.89 5.21
C HIS B 74 -29.39 -12.42 5.28
N ASN B 75 -30.52 -12.91 4.77
CA ASN B 75 -30.85 -14.34 4.80
C ASN B 75 -31.55 -14.69 3.49
N PRO B 76 -30.86 -15.40 2.58
CA PRO B 76 -29.54 -16.02 2.84
C PRO B 76 -28.43 -15.68 1.82
N GLY B 91 -35.95 -16.11 -2.65
CA GLY B 91 -35.54 -15.36 -1.46
C GLY B 91 -35.91 -16.03 -0.14
N LEU B 92 -36.28 -15.24 0.87
CA LEU B 92 -36.74 -15.80 2.14
C LEU B 92 -38.27 -16.02 2.16
N ASN B 93 -38.67 -17.24 2.52
CA ASN B 93 -40.05 -17.68 2.43
C ASN B 93 -40.70 -17.51 3.80
N ILE B 94 -41.34 -16.36 3.99
CA ILE B 94 -42.08 -16.08 5.23
C ILE B 94 -43.58 -16.33 5.00
N THR B 95 -44.17 -17.14 5.88
CA THR B 95 -45.57 -17.57 5.71
C THR B 95 -46.56 -16.56 6.32
N ASP B 96 -47.82 -16.63 5.86
CA ASP B 96 -48.92 -15.81 6.39
C ASP B 96 -49.02 -15.87 7.90
N GLY B 97 -49.24 -14.72 8.52
CA GLY B 97 -49.28 -14.63 9.98
C GLY B 97 -48.19 -15.41 10.72
N ALA B 98 -46.97 -15.46 10.18
CA ALA B 98 -45.89 -16.21 10.84
C ALA B 98 -45.40 -15.54 12.12
N PHE B 99 -45.59 -14.21 12.16
CA PHE B 99 -45.15 -13.40 13.28
C PHE B 99 -46.34 -12.99 14.15
N LEU B 100 -47.54 -13.42 13.76
CA LEU B 100 -48.77 -13.01 14.45
C LEU B 100 -48.80 -13.49 15.90
N ASN B 101 -48.31 -14.70 16.15
CA ASN B 101 -48.28 -15.29 17.50
C ASN B 101 -47.76 -14.32 18.56
N LEU B 102 -46.76 -13.52 18.17
CA LEU B 102 -45.91 -12.74 19.09
C LEU B 102 -46.51 -11.37 19.42
N LYS B 103 -47.18 -11.31 20.57
CA LYS B 103 -47.93 -10.12 21.03
C LYS B 103 -47.03 -9.00 21.55
N ASN B 104 -45.84 -9.34 22.05
CA ASN B 104 -44.88 -8.34 22.53
C ASN B 104 -43.76 -7.99 21.50
N LEU B 105 -43.99 -8.25 20.19
CA LEU B 105 -42.99 -7.95 19.17
C LEU B 105 -43.16 -6.50 18.73
N ARG B 106 -42.05 -5.77 18.80
CA ARG B 106 -42.04 -4.30 18.58
C ARG B 106 -41.21 -3.92 17.36
N GLU B 107 -40.16 -4.70 17.12
CA GLU B 107 -39.17 -4.34 16.16
C GLU B 107 -38.83 -5.59 15.38
N LEU B 108 -39.09 -5.56 14.09
CA LEU B 108 -38.74 -6.64 13.20
C LEU B 108 -37.89 -6.04 12.13
N LEU B 109 -36.67 -6.53 11.96
CA LEU B 109 -35.82 -6.11 10.83
C LEU B 109 -35.72 -7.22 9.80
N LEU B 110 -36.06 -6.91 8.54
CA LEU B 110 -36.06 -7.89 7.43
C LEU B 110 -35.38 -7.32 6.20
N GLU B 111 -34.10 -6.99 6.32
CA GLU B 111 -33.35 -6.37 5.24
C GLU B 111 -32.50 -7.40 4.50
N ASP B 112 -32.32 -7.18 3.19
CA ASP B 112 -31.57 -8.11 2.31
C ASP B 112 -32.14 -9.55 2.37
N ASN B 113 -33.46 -9.67 2.25
CA ASN B 113 -34.13 -10.96 2.31
C ASN B 113 -34.79 -11.36 0.99
N GLN B 114 -34.52 -10.60 -0.09
CA GLN B 114 -35.07 -10.85 -1.44
C GLN B 114 -36.57 -11.13 -1.46
N LEU B 115 -37.34 -10.34 -0.72
CA LEU B 115 -38.80 -10.54 -0.63
C LEU B 115 -39.59 -9.92 -1.80
N PRO B 116 -40.63 -10.62 -2.25
CA PRO B 116 -41.46 -10.14 -3.37
C PRO B 116 -42.51 -9.14 -2.92
N GLN B 117 -42.90 -9.24 -1.66
CA GLN B 117 -44.00 -8.45 -1.15
C GLN B 117 -43.89 -8.38 0.36
N ILE B 118 -44.49 -7.35 0.93
CA ILE B 118 -44.54 -7.25 2.37
C ILE B 118 -45.20 -8.51 2.92
N PRO B 119 -44.73 -9.00 4.06
CA PRO B 119 -45.41 -10.14 4.66
C PRO B 119 -46.85 -9.86 5.09
N SER B 120 -47.73 -10.81 4.82
CA SER B 120 -49.10 -10.71 5.30
C SER B 120 -49.12 -11.18 6.72
N GLY B 121 -49.96 -10.56 7.53
CA GLY B 121 -50.13 -10.97 8.92
C GLY B 121 -48.98 -10.59 9.85
N LEU B 122 -48.52 -9.35 9.75
CA LEU B 122 -47.54 -8.86 10.68
C LEU B 122 -48.28 -8.42 11.94
N PRO B 123 -47.68 -8.63 13.13
CA PRO B 123 -48.36 -8.31 14.39
C PRO B 123 -48.61 -6.82 14.59
N GLU B 124 -49.84 -6.46 14.98
CA GLU B 124 -50.23 -5.04 15.14
C GLU B 124 -49.44 -4.32 16.24
N SER B 125 -48.75 -5.09 17.08
CA SER B 125 -47.88 -4.57 18.14
C SER B 125 -46.59 -3.91 17.62
N LEU B 126 -46.22 -4.16 16.36
CA LEU B 126 -44.98 -3.62 15.76
C LEU B 126 -44.93 -2.09 15.85
N THR B 127 -43.77 -1.57 16.25
CA THR B 127 -43.49 -0.14 16.23
C THR B 127 -42.34 0.26 15.32
N GLU B 128 -41.51 -0.68 14.87
CA GLU B 128 -40.49 -0.39 13.85
C GLU B 128 -40.35 -1.53 12.89
N LEU B 129 -40.52 -1.28 11.60
CA LEU B 129 -40.31 -2.28 10.57
C LEU B 129 -39.23 -1.81 9.59
N SER B 130 -38.37 -2.71 9.18
CA SER B 130 -37.46 -2.39 8.09
C SER B 130 -37.48 -3.46 7.03
N LEU B 131 -37.68 -3.02 5.79
CA LEU B 131 -37.79 -3.96 4.68
C LEU B 131 -36.86 -3.54 3.59
N ILE B 132 -35.68 -3.05 3.98
CA ILE B 132 -34.76 -2.46 3.00
C ILE B 132 -34.09 -3.61 2.24
N GLN B 133 -33.62 -3.30 1.03
CA GLN B 133 -32.96 -4.24 0.13
C GLN B 133 -33.77 -5.50 -0.12
N ASN B 134 -34.94 -5.31 -0.72
CA ASN B 134 -35.80 -6.43 -1.06
C ASN B 134 -36.37 -6.15 -2.46
N ASN B 135 -37.26 -7.01 -2.94
CA ASN B 135 -37.92 -6.77 -4.24
C ASN B 135 -39.36 -6.22 -4.17
N ILE B 136 -39.74 -5.68 -3.00
CA ILE B 136 -41.08 -5.19 -2.76
C ILE B 136 -41.41 -3.98 -3.61
N TYR B 137 -42.26 -4.23 -4.61
CA TYR B 137 -42.68 -3.24 -5.60
C TYR B 137 -44.07 -2.71 -5.38
N ASN B 138 -44.75 -3.22 -4.35
CA ASN B 138 -46.13 -2.86 -4.04
C ASN B 138 -46.30 -2.58 -2.56
N ILE B 139 -46.85 -1.41 -2.23
CA ILE B 139 -47.15 -1.03 -0.85
C ILE B 139 -48.67 -1.12 -0.61
N THR B 140 -49.15 -2.30 -0.30
CA THR B 140 -50.57 -2.56 -0.13
C THR B 140 -51.07 -2.25 1.28
N LYS B 141 -52.35 -1.88 1.40
CA LYS B 141 -53.01 -1.73 2.70
C LYS B 141 -53.13 -3.09 3.37
N GLU B 142 -53.50 -4.09 2.58
CA GLU B 142 -53.46 -5.49 2.98
C GLU B 142 -52.19 -5.80 3.83
N GLY B 143 -51.04 -5.26 3.41
CA GLY B 143 -49.76 -5.56 4.03
C GLY B 143 -49.45 -4.79 5.30
N ILE B 144 -49.72 -3.49 5.29
CA ILE B 144 -49.30 -2.61 6.39
C ILE B 144 -50.37 -1.71 7.04
N SER B 145 -51.55 -1.53 6.44
CA SER B 145 -52.49 -0.53 6.95
C SER B 145 -53.06 -0.90 8.32
N ARG B 146 -53.00 -2.19 8.68
CA ARG B 146 -53.42 -2.63 10.02
C ARG B 146 -52.33 -2.59 11.11
N LEU B 147 -51.16 -2.04 10.78
CA LEU B 147 -50.04 -1.92 11.73
C LEU B 147 -50.01 -0.55 12.41
N ILE B 148 -51.16 -0.16 12.95
CA ILE B 148 -51.38 1.19 13.43
C ILE B 148 -50.40 1.69 14.49
N ASN B 149 -49.66 0.80 15.14
CA ASN B 149 -48.67 1.24 16.12
C ASN B 149 -47.29 1.51 15.52
N LEU B 150 -47.16 1.43 14.20
CA LEU B 150 -45.90 1.70 13.56
C LEU B 150 -45.41 3.09 13.88
N LYS B 151 -44.14 3.19 14.28
CA LYS B 151 -43.48 4.48 14.46
C LYS B 151 -42.40 4.75 13.42
N ASN B 152 -41.73 3.71 12.94
CA ASN B 152 -40.55 3.85 12.07
C ASN B 152 -40.53 2.83 10.95
N LEU B 153 -40.91 3.25 9.75
CA LEU B 153 -41.03 2.35 8.60
C LEU B 153 -39.90 2.61 7.63
N TYR B 154 -39.27 1.54 7.13
CA TYR B 154 -38.17 1.66 6.15
C TYR B 154 -38.38 0.75 4.93
N LEU B 155 -38.54 1.35 3.77
CA LEU B 155 -38.65 0.57 2.55
C LEU B 155 -37.66 1.04 1.46
N ALA B 156 -36.55 1.66 1.86
CA ALA B 156 -35.54 2.10 0.90
C ALA B 156 -34.97 0.92 0.09
N TRP B 157 -34.18 1.23 -0.94
CA TRP B 157 -33.53 0.20 -1.79
C TRP B 157 -34.43 -1.04 -2.02
N ASN B 158 -35.51 -0.87 -2.78
CA ASN B 158 -36.37 -2.00 -3.20
C ASN B 158 -36.62 -2.06 -4.69
N CYS B 159 -37.04 -0.94 -5.27
CA CYS B 159 -37.23 -0.82 -6.71
C CYS B 159 -36.32 0.27 -7.29
N TYR B 160 -35.25 -0.17 -7.93
CA TYR B 160 -34.23 0.73 -8.46
C TYR B 160 -33.18 -0.02 -9.30
N PHE B 161 -32.65 0.64 -10.32
CA PHE B 161 -31.65 0.02 -11.18
C PHE B 161 -32.10 -1.39 -11.65
N ASN B 162 -33.41 -1.58 -11.87
CA ASN B 162 -33.95 -2.89 -12.27
C ASN B 162 -35.33 -2.79 -12.92
N LYS B 163 -35.73 -3.83 -13.65
CA LYS B 163 -36.70 -3.68 -14.77
C LYS B 163 -38.19 -3.31 -14.57
N VAL B 164 -38.98 -3.87 -13.64
CA VAL B 164 -38.65 -4.75 -12.49
C VAL B 164 -38.08 -4.03 -11.24
N CYS B 165 -38.89 -3.20 -10.58
CA CYS B 165 -40.20 -2.78 -11.09
C CYS B 165 -39.97 -1.55 -11.95
N GLU B 166 -40.90 -1.29 -12.86
CA GLU B 166 -40.88 -0.04 -13.64
C GLU B 166 -41.14 1.17 -12.70
N LYS B 167 -41.97 0.96 -11.70
CA LYS B 167 -42.31 1.99 -10.70
C LYS B 167 -43.00 1.39 -9.47
N THR B 168 -42.75 2.00 -8.32
CA THR B 168 -43.26 1.47 -7.06
C THR B 168 -44.72 1.85 -6.86
N ASN B 169 -45.57 0.82 -6.83
CA ASN B 169 -47.02 1.00 -6.77
C ASN B 169 -47.54 1.18 -5.34
N ILE B 170 -47.82 2.43 -4.95
CA ILE B 170 -48.14 2.77 -3.56
C ILE B 170 -49.62 3.08 -3.38
N GLU B 171 -50.35 2.12 -2.80
CA GLU B 171 -51.82 2.21 -2.70
C GLU B 171 -52.32 3.54 -2.15
N ASP B 172 -53.32 4.13 -2.81
CA ASP B 172 -53.81 5.42 -2.38
C ASP B 172 -54.20 5.29 -0.90
N GLY B 173 -53.64 6.17 -0.08
CA GLY B 173 -54.01 6.29 1.34
C GLY B 173 -53.44 5.22 2.26
N VAL B 174 -52.45 4.48 1.76
CA VAL B 174 -51.91 3.37 2.49
C VAL B 174 -51.35 3.79 3.86
N PHE B 175 -50.71 4.97 3.90
CA PHE B 175 -50.08 5.44 5.13
C PHE B 175 -50.98 6.25 6.04
N GLU B 176 -52.14 6.70 5.55
CA GLU B 176 -52.94 7.66 6.33
C GLU B 176 -53.57 7.03 7.57
N THR B 177 -53.56 5.70 7.67
CA THR B 177 -54.05 5.01 8.89
C THR B 177 -52.93 4.71 9.93
N LEU B 178 -51.69 5.10 9.62
CA LEU B 178 -50.58 4.95 10.54
C LEU B 178 -50.34 6.33 11.16
N THR B 179 -51.20 6.64 12.12
CA THR B 179 -51.27 8.01 12.66
C THR B 179 -50.25 8.21 13.77
N ASN B 180 -49.57 7.14 14.17
CA ASN B 180 -48.49 7.25 15.15
C ASN B 180 -47.10 7.18 14.50
N LEU B 181 -47.11 7.09 13.16
CA LEU B 181 -45.90 6.99 12.36
C LEU B 181 -45.10 8.26 12.41
N GLU B 182 -43.82 8.16 12.73
CA GLU B 182 -42.96 9.34 12.80
C GLU B 182 -41.90 9.45 11.67
N LEU B 183 -41.34 8.32 11.26
CA LEU B 183 -40.30 8.32 10.23
C LEU B 183 -40.78 7.43 9.11
N LEU B 184 -40.69 7.92 7.88
CA LEU B 184 -40.98 7.11 6.69
C LEU B 184 -39.83 7.34 5.70
N SER B 185 -39.21 6.23 5.27
CA SER B 185 -38.05 6.28 4.39
C SER B 185 -38.34 5.39 3.17
N LEU B 186 -38.45 6.05 2.03
CA LEU B 186 -38.64 5.39 0.75
C LEU B 186 -37.47 5.65 -0.17
N SER B 187 -36.34 6.11 0.37
CA SER B 187 -35.19 6.49 -0.44
C SER B 187 -34.75 5.32 -1.32
N PHE B 188 -34.22 5.63 -2.51
CA PHE B 188 -33.78 4.60 -3.47
C PHE B 188 -34.92 3.67 -3.87
N ASN B 189 -36.02 4.29 -4.30
CA ASN B 189 -37.09 3.64 -5.06
C ASN B 189 -37.57 4.59 -6.15
N SER B 190 -38.14 4.08 -7.23
CA SER B 190 -38.68 5.01 -8.23
C SER B 190 -40.15 5.30 -7.96
N LEU B 191 -40.44 6.53 -7.57
CA LEU B 191 -41.80 6.96 -7.26
C LEU B 191 -42.33 7.95 -8.28
N SER B 192 -41.47 8.88 -8.71
CA SER B 192 -41.76 9.89 -9.75
C SER B 192 -42.51 11.10 -9.19
N HIS B 193 -43.33 10.84 -8.18
CA HIS B 193 -44.04 11.91 -7.46
C HIS B 193 -44.16 11.52 -6.00
N VAL B 194 -44.33 12.52 -5.13
CA VAL B 194 -44.43 12.28 -3.71
C VAL B 194 -45.77 11.59 -3.39
N PRO B 195 -45.78 10.65 -2.41
CA PRO B 195 -47.03 9.94 -2.21
C PRO B 195 -48.11 10.78 -1.53
N PRO B 196 -49.35 10.71 -2.04
CA PRO B 196 -50.47 11.36 -1.40
C PRO B 196 -50.84 10.77 -0.04
N LYS B 197 -51.53 11.56 0.78
CA LYS B 197 -52.16 11.10 1.99
C LYS B 197 -51.15 10.59 2.99
N LEU B 198 -50.32 11.48 3.49
CA LEU B 198 -49.34 11.11 4.51
C LEU B 198 -49.80 11.57 5.91
N PRO B 199 -49.52 10.76 6.94
CA PRO B 199 -50.02 11.07 8.30
C PRO B 199 -49.37 12.28 8.97
N SER B 200 -50.20 13.15 9.53
CA SER B 200 -49.71 14.37 10.13
C SER B 200 -48.59 14.16 11.17
N SER B 201 -48.44 12.95 11.70
CA SER B 201 -47.43 12.71 12.75
C SER B 201 -45.99 12.54 12.24
N LEU B 202 -45.82 12.29 10.94
CA LEU B 202 -44.50 12.31 10.32
C LEU B 202 -43.62 13.42 10.86
N ARG B 203 -42.44 13.02 11.33
CA ARG B 203 -41.36 13.93 11.73
C ARG B 203 -40.11 13.82 10.82
N LYS B 204 -40.01 12.76 10.02
CA LYS B 204 -38.81 12.48 9.25
C LYS B 204 -39.20 11.71 8.01
N LEU B 205 -39.26 12.41 6.88
CA LEU B 205 -39.63 11.79 5.61
C LEU B 205 -38.38 11.74 4.81
N PHE B 206 -37.99 10.55 4.34
CA PHE B 206 -36.78 10.38 3.54
C PHE B 206 -37.15 9.96 2.09
N LEU B 207 -36.76 10.77 1.11
CA LEU B 207 -37.12 10.49 -0.26
C LEU B 207 -35.93 10.68 -1.18
N SER B 208 -34.76 10.26 -0.73
CA SER B 208 -33.56 10.43 -1.56
C SER B 208 -33.54 9.41 -2.69
N ASN B 209 -33.14 9.87 -3.86
CA ASN B 209 -32.99 9.01 -5.03
C ASN B 209 -34.28 8.25 -5.29
N THR B 210 -35.37 8.97 -5.45
CA THR B 210 -36.68 8.34 -5.69
C THR B 210 -37.28 8.72 -7.06
N GLN B 211 -36.56 9.58 -7.80
CA GLN B 211 -36.92 9.98 -9.16
C GLN B 211 -38.04 10.98 -9.20
N ILE B 212 -38.29 11.66 -8.10
CA ILE B 212 -39.23 12.76 -8.12
C ILE B 212 -38.46 13.85 -8.80
N LYS B 213 -39.13 14.66 -9.62
CA LYS B 213 -38.50 15.88 -10.19
C LYS B 213 -39.32 17.16 -10.03
N TYR B 214 -40.54 17.05 -9.53
CA TYR B 214 -41.32 18.24 -9.24
C TYR B 214 -41.92 18.04 -7.85
N ILE B 215 -41.98 19.11 -7.08
CA ILE B 215 -42.60 19.10 -5.76
C ILE B 215 -43.70 20.13 -5.78
N SER B 216 -44.95 19.68 -5.74
CA SER B 216 -46.08 20.60 -5.73
C SER B 216 -46.29 21.24 -4.36
N GLU B 217 -47.05 22.32 -4.40
CA GLU B 217 -47.58 22.95 -3.21
C GLU B 217 -48.26 21.92 -2.28
N GLU B 218 -48.93 20.93 -2.89
CA GLU B 218 -49.81 19.98 -2.20
C GLU B 218 -49.09 18.79 -1.52
N ASP B 219 -47.97 18.35 -2.10
CA ASP B 219 -47.26 17.15 -1.65
C ASP B 219 -46.95 17.07 -0.15
N PHE B 220 -46.30 18.10 0.40
CA PHE B 220 -45.98 18.12 1.83
C PHE B 220 -47.01 18.90 2.66
N LYS B 221 -48.29 18.73 2.34
CA LYS B 221 -49.33 19.53 2.99
C LYS B 221 -49.72 18.91 4.31
N GLY B 222 -49.84 19.75 5.34
CA GLY B 222 -50.39 19.37 6.62
C GLY B 222 -49.40 18.64 7.51
N LEU B 223 -48.18 18.45 7.01
CA LEU B 223 -47.14 17.78 7.73
C LEU B 223 -46.47 18.85 8.56
N ILE B 224 -47.02 19.10 9.74
CA ILE B 224 -46.59 20.24 10.57
C ILE B 224 -45.65 19.80 11.67
N ASN B 225 -45.44 18.48 11.76
CA ASN B 225 -44.55 17.89 12.74
C ASN B 225 -43.20 17.48 12.11
N LEU B 226 -43.03 17.73 10.79
CA LEU B 226 -41.78 17.40 10.09
C LEU B 226 -40.59 18.20 10.58
N THR B 227 -39.54 17.47 10.95
CA THR B 227 -38.29 18.03 11.38
C THR B 227 -37.14 17.74 10.37
N LEU B 228 -37.38 16.81 9.44
CA LEU B 228 -36.37 16.37 8.45
C LEU B 228 -37.01 15.95 7.13
N LEU B 229 -36.57 16.56 6.04
CA LEU B 229 -36.98 16.17 4.72
C LEU B 229 -35.74 15.90 3.91
N ASP B 230 -35.72 14.76 3.21
CA ASP B 230 -34.59 14.43 2.34
C ASP B 230 -35.02 14.20 0.89
N LEU B 231 -34.58 15.11 0.02
CA LEU B 231 -34.88 15.05 -1.43
C LEU B 231 -33.64 14.87 -2.35
N SER B 232 -32.54 14.41 -1.77
CA SER B 232 -31.28 14.31 -2.45
C SER B 232 -31.30 13.25 -3.57
N GLY B 233 -30.48 13.47 -4.58
CA GLY B 233 -30.42 12.57 -5.74
C GLY B 233 -31.63 12.61 -6.67
N ASN B 234 -32.40 13.69 -6.60
CA ASN B 234 -33.55 13.88 -7.46
C ASN B 234 -33.23 15.00 -8.43
N CYS B 235 -33.03 14.65 -9.71
CA CYS B 235 -32.30 15.48 -10.66
C CYS B 235 -30.85 15.64 -10.21
N PRO B 236 -30.15 14.50 -10.08
CA PRO B 236 -28.80 14.48 -9.51
C PRO B 236 -27.74 15.10 -10.39
N ARG B 237 -26.66 15.55 -9.75
CA ARG B 237 -25.42 15.93 -10.42
C ARG B 237 -24.66 14.64 -10.67
N CYS B 238 -24.99 14.02 -11.80
CA CYS B 238 -24.52 12.68 -12.14
C CYS B 238 -23.06 12.61 -12.44
N PHE B 239 -22.65 13.40 -13.43
CA PHE B 239 -21.29 13.31 -13.97
C PHE B 239 -20.27 13.19 -12.81
N ASN B 240 -19.42 12.17 -12.86
CA ASN B 240 -18.55 11.82 -11.71
C ASN B 240 -19.34 11.54 -10.40
N ALA B 241 -20.43 10.79 -10.55
CA ALA B 241 -21.11 10.14 -9.44
C ALA B 241 -20.68 8.67 -9.44
N PRO B 242 -20.36 8.12 -8.27
CA PRO B 242 -19.88 6.72 -8.20
C PRO B 242 -20.86 5.69 -8.80
N PHE B 243 -22.11 5.76 -8.36
CA PHE B 243 -23.15 4.73 -8.64
C PHE B 243 -23.96 5.19 -9.84
N PRO B 244 -24.63 4.26 -10.53
CA PRO B 244 -25.24 4.75 -11.76
C PRO B 244 -26.20 5.85 -11.42
N CYS B 245 -26.34 6.78 -12.34
CA CYS B 245 -26.91 8.05 -12.02
C CYS B 245 -27.48 8.65 -13.32
N VAL B 246 -28.60 9.37 -13.24
CA VAL B 246 -29.31 9.86 -14.45
C VAL B 246 -29.78 11.31 -14.35
N PRO B 247 -29.01 12.27 -14.92
CA PRO B 247 -29.48 13.65 -14.75
C PRO B 247 -30.86 13.82 -15.38
N CYS B 248 -31.65 14.74 -14.86
CA CYS B 248 -32.96 14.98 -15.44
C CYS B 248 -32.79 15.52 -16.86
N ASP B 249 -33.66 15.06 -17.77
CA ASP B 249 -33.72 15.56 -19.17
C ASP B 249 -33.24 17.02 -19.27
N GLY B 250 -32.18 17.23 -20.06
CA GLY B 250 -31.50 18.52 -20.13
C GLY B 250 -30.49 18.65 -19.01
N GLY B 251 -30.30 19.87 -18.51
CA GLY B 251 -29.50 20.11 -17.29
C GLY B 251 -30.40 20.42 -16.11
N ALA B 252 -31.60 19.83 -16.15
CA ALA B 252 -32.72 20.32 -15.37
C ALA B 252 -32.54 19.98 -13.91
N SER B 253 -32.75 20.97 -13.06
CA SER B 253 -32.82 20.76 -11.63
C SER B 253 -34.17 20.10 -11.30
N ILE B 254 -34.25 19.61 -10.06
CA ILE B 254 -35.53 19.31 -9.44
C ILE B 254 -36.34 20.60 -9.47
N ASN B 255 -37.63 20.55 -9.83
CA ASN B 255 -38.47 21.76 -9.70
C ASN B 255 -39.34 21.72 -8.46
N ILE B 256 -39.23 22.75 -7.63
CA ILE B 256 -39.86 22.77 -6.34
C ILE B 256 -40.72 24.00 -6.29
N ASP B 257 -42.04 23.83 -6.37
CA ASP B 257 -42.98 24.93 -6.19
C ASP B 257 -42.47 25.96 -5.17
N ARG B 258 -42.92 27.19 -5.32
CA ARG B 258 -42.66 28.23 -4.32
C ARG B 258 -43.08 27.85 -2.89
N PHE B 259 -44.31 27.33 -2.75
CA PHE B 259 -44.95 27.05 -1.45
C PHE B 259 -44.72 25.66 -0.82
N ALA B 260 -44.31 24.66 -1.62
CA ALA B 260 -44.07 23.26 -1.15
C ALA B 260 -43.90 23.07 0.35
N PHE B 261 -43.07 23.94 0.94
CA PHE B 261 -42.74 23.95 2.36
C PHE B 261 -43.47 24.99 3.23
N GLN B 262 -44.64 25.48 2.80
CA GLN B 262 -45.22 26.61 3.52
C GLN B 262 -45.67 26.21 4.93
N ASN B 263 -46.37 25.09 5.07
CA ASN B 263 -46.82 24.65 6.40
C ASN B 263 -45.81 23.70 7.07
N LEU B 264 -44.51 23.87 6.79
CA LEU B 264 -43.43 23.05 7.39
C LEU B 264 -42.53 23.89 8.35
N THR B 265 -43.16 24.57 9.31
CA THR B 265 -42.44 25.47 10.22
C THR B 265 -41.46 24.79 11.19
N GLN B 266 -41.61 23.46 11.34
CA GLN B 266 -40.89 22.69 12.37
C GLN B 266 -39.57 22.05 11.90
N LEU B 267 -39.17 22.29 10.65
CA LEU B 267 -38.09 21.53 10.04
C LEU B 267 -36.74 21.89 10.64
N ARG B 268 -35.94 20.86 10.93
CA ARG B 268 -34.56 21.03 11.38
C ARG B 268 -33.54 20.65 10.31
N TYR B 269 -33.89 19.68 9.48
CA TYR B 269 -32.97 19.09 8.53
C TYR B 269 -33.54 19.14 7.13
N LEU B 270 -32.89 19.88 6.23
CA LEU B 270 -33.25 19.84 4.79
C LEU B 270 -32.05 19.38 3.93
N ASN B 271 -32.26 18.28 3.22
CA ASN B 271 -31.23 17.69 2.37
C ASN B 271 -31.57 17.85 0.91
N LEU B 272 -30.95 18.85 0.29
CA LEU B 272 -31.08 19.06 -1.16
C LEU B 272 -29.83 18.72 -1.99
N SER B 273 -28.89 18.00 -1.39
CA SER B 273 -27.78 17.41 -2.11
C SER B 273 -28.14 16.77 -3.49
N SER B 274 -27.30 17.04 -4.51
CA SER B 274 -27.40 16.37 -5.80
C SER B 274 -28.81 16.46 -6.32
N THR B 275 -29.27 17.69 -6.46
CA THR B 275 -30.54 18.01 -7.10
C THR B 275 -30.32 18.93 -8.29
N SER B 276 -29.05 19.16 -8.60
CA SER B 276 -28.60 19.95 -9.75
C SER B 276 -29.21 21.32 -9.73
N LEU B 277 -29.32 21.88 -8.52
CA LEU B 277 -29.84 23.21 -8.30
C LEU B 277 -28.87 24.27 -8.80
N ARG B 278 -29.42 25.25 -9.51
CA ARG B 278 -28.71 26.47 -9.90
C ARG B 278 -29.19 27.67 -9.11
N LYS B 279 -30.47 27.66 -8.74
CA LYS B 279 -31.16 28.77 -8.10
C LYS B 279 -32.01 28.28 -6.91
N ILE B 280 -31.81 28.94 -5.77
CA ILE B 280 -32.44 28.56 -4.51
C ILE B 280 -33.41 29.66 -4.09
N ASN B 281 -34.68 29.29 -3.99
CA ASN B 281 -35.76 30.22 -3.75
C ASN B 281 -35.98 30.60 -2.27
N ALA B 282 -35.45 31.75 -1.82
CA ALA B 282 -35.50 32.16 -0.41
C ALA B 282 -36.89 32.04 0.23
N ALA B 283 -37.93 32.14 -0.61
CA ALA B 283 -39.31 31.96 -0.16
C ALA B 283 -39.55 30.61 0.47
N TRP B 284 -38.85 29.58 -0.04
CA TRP B 284 -38.87 28.23 0.50
C TRP B 284 -38.68 28.21 2.03
N PHE B 285 -37.88 29.15 2.54
CA PHE B 285 -37.52 29.23 3.95
C PHE B 285 -38.29 30.28 4.72
N LYS B 286 -39.25 30.98 4.12
CA LYS B 286 -39.97 32.01 4.87
C LYS B 286 -40.41 31.43 6.19
N ASN B 287 -41.18 30.34 6.10
CA ASN B 287 -41.90 29.81 7.25
C ASN B 287 -41.12 28.85 8.19
N MET B 288 -39.80 28.84 8.05
CA MET B 288 -38.99 27.71 8.49
C MET B 288 -37.88 28.20 9.41
N PRO B 289 -38.22 28.97 10.46
CA PRO B 289 -37.21 29.67 11.27
C PRO B 289 -36.35 28.82 12.21
N HIS B 290 -36.54 27.51 12.23
CA HIS B 290 -35.70 26.61 13.05
C HIS B 290 -34.80 25.63 12.26
N LEU B 291 -34.74 25.76 10.94
CA LEU B 291 -33.84 24.94 10.14
C LEU B 291 -32.44 25.03 10.73
N LYS B 292 -31.85 23.87 10.99
CA LYS B 292 -30.63 23.77 11.76
C LYS B 292 -29.47 23.26 10.90
N VAL B 293 -29.76 22.37 9.96
CA VAL B 293 -28.76 21.75 9.09
C VAL B 293 -29.26 21.82 7.68
N LEU B 294 -28.51 22.49 6.80
CA LEU B 294 -28.88 22.53 5.38
C LEU B 294 -27.79 21.90 4.54
N ASP B 295 -28.19 20.95 3.70
CA ASP B 295 -27.28 20.19 2.86
C ASP B 295 -27.54 20.50 1.37
N LEU B 296 -26.57 21.17 0.76
CA LEU B 296 -26.61 21.44 -0.71
C LEU B 296 -25.33 20.95 -1.41
N GLU B 297 -24.89 19.75 -1.08
CA GLU B 297 -23.76 19.16 -1.75
C GLU B 297 -24.16 18.79 -3.16
N PHE B 298 -23.21 18.85 -4.08
CA PHE B 298 -23.38 18.35 -5.44
C PHE B 298 -24.52 19.01 -6.16
N ASN B 299 -24.41 20.32 -6.29
CA ASN B 299 -25.35 21.12 -7.04
C ASN B 299 -24.56 22.11 -7.88
N TYR B 300 -25.22 23.09 -8.49
CA TYR B 300 -24.52 24.02 -9.35
C TYR B 300 -24.63 25.42 -8.82
N LEU B 301 -24.18 25.68 -7.61
CA LEU B 301 -24.58 26.92 -6.94
C LEU B 301 -23.47 27.93 -6.74
N VAL B 302 -22.58 28.04 -7.72
CA VAL B 302 -21.47 28.98 -7.56
C VAL B 302 -22.05 30.39 -7.64
N GLY B 303 -23.04 30.53 -8.54
CA GLY B 303 -23.85 31.73 -8.66
C GLY B 303 -24.58 32.11 -7.38
N GLU B 304 -25.31 31.15 -6.80
CA GLU B 304 -25.99 31.38 -5.51
C GLU B 304 -25.08 31.64 -4.30
N ILE B 305 -23.91 31.01 -4.24
CA ILE B 305 -22.94 31.36 -3.20
C ILE B 305 -22.52 32.83 -3.32
N ALA B 306 -22.57 33.35 -4.53
CA ALA B 306 -22.15 34.72 -4.77
C ALA B 306 -23.20 35.75 -4.33
N SER B 307 -24.40 35.60 -4.87
CA SER B 307 -25.54 36.49 -4.57
C SER B 307 -26.14 36.11 -3.23
N GLY B 308 -26.85 34.97 -3.20
CA GLY B 308 -27.30 34.36 -1.96
C GLY B 308 -28.35 35.14 -1.21
N ALA B 309 -29.53 35.24 -1.82
CA ALA B 309 -30.66 35.87 -1.16
C ALA B 309 -31.16 34.94 -0.07
N PHE B 310 -31.19 33.65 -0.39
CA PHE B 310 -31.65 32.64 0.57
C PHE B 310 -30.88 32.66 1.87
N LEU B 311 -29.67 33.24 1.86
CA LEU B 311 -28.83 33.27 3.05
C LEU B 311 -29.35 34.16 4.15
N THR B 312 -30.28 35.03 3.81
CA THR B 312 -30.89 35.94 4.77
C THR B 312 -32.08 35.32 5.51
N MET B 313 -32.55 34.18 5.04
CA MET B 313 -33.69 33.51 5.64
C MET B 313 -33.32 32.41 6.66
N LEU B 314 -32.15 32.47 7.29
CA LEU B 314 -31.62 31.34 8.07
C LEU B 314 -30.94 31.75 9.37
N PRO B 315 -31.68 32.40 10.26
CA PRO B 315 -31.11 32.87 11.52
C PRO B 315 -30.66 31.78 12.49
N ARG B 316 -31.23 30.60 12.42
CA ARG B 316 -30.89 29.55 13.39
C ARG B 316 -30.00 28.42 12.85
N LEU B 317 -29.60 28.51 11.57
CA LEU B 317 -28.88 27.44 10.87
C LEU B 317 -27.51 27.25 11.44
N GLU B 318 -27.15 25.97 11.66
CA GLU B 318 -25.90 25.58 12.38
C GLU B 318 -24.82 24.85 11.51
N ILE B 319 -25.26 24.13 10.48
CA ILE B 319 -24.36 23.42 9.59
C ILE B 319 -24.82 23.67 8.18
N LEU B 320 -24.02 24.38 7.42
CA LEU B 320 -24.28 24.57 5.99
C LEU B 320 -23.25 23.83 5.14
N ASP B 321 -23.73 23.16 4.11
CA ASP B 321 -22.87 22.34 3.23
C ASP B 321 -23.10 22.66 1.77
N LEU B 322 -22.14 23.36 1.20
CA LEU B 322 -22.15 23.74 -0.21
C LEU B 322 -21.06 23.01 -0.98
N SER B 323 -20.73 21.81 -0.53
CA SER B 323 -19.56 21.12 -1.05
C SER B 323 -19.83 20.61 -2.46
N PHE B 324 -18.75 20.51 -3.23
CA PHE B 324 -18.74 19.97 -4.60
C PHE B 324 -19.71 20.64 -5.57
N ASN B 325 -19.70 21.97 -5.57
CA ASN B 325 -20.48 22.78 -6.53
C ASN B 325 -19.65 23.39 -7.67
N TYR B 326 -18.40 22.93 -7.80
CA TYR B 326 -17.43 23.48 -8.76
C TYR B 326 -18.03 23.52 -10.16
N ILE B 327 -17.61 24.51 -10.94
CA ILE B 327 -18.01 24.57 -12.34
C ILE B 327 -17.01 23.75 -13.12
N LYS B 328 -17.47 22.78 -13.91
CA LYS B 328 -16.55 22.02 -14.74
C LYS B 328 -15.84 22.89 -15.79
N GLY B 329 -14.54 22.69 -15.93
CA GLY B 329 -13.72 23.53 -16.80
C GLY B 329 -12.91 24.54 -16.01
N SER B 330 -13.53 25.13 -15.01
CA SER B 330 -13.01 26.29 -14.30
C SER B 330 -12.04 25.99 -13.16
N TYR B 331 -11.17 26.95 -12.91
CA TYR B 331 -10.24 26.93 -11.79
C TYR B 331 -9.95 28.41 -11.53
N PRO B 332 -10.96 29.11 -11.01
CA PRO B 332 -10.92 30.55 -10.87
C PRO B 332 -9.95 31.02 -9.79
N GLN B 333 -9.39 32.21 -9.97
CA GLN B 333 -8.53 32.85 -8.98
C GLN B 333 -9.16 32.89 -7.60
N HIS B 334 -10.45 33.20 -7.51
CA HIS B 334 -11.02 33.52 -6.19
C HIS B 334 -12.37 32.92 -5.90
N ILE B 335 -12.72 32.94 -4.63
CA ILE B 335 -14.05 32.50 -4.22
C ILE B 335 -14.91 33.72 -3.86
N ASN B 336 -16.09 33.77 -4.51
CA ASN B 336 -17.04 34.87 -4.39
C ASN B 336 -18.08 34.50 -3.35
N ILE B 337 -17.90 35.04 -2.14
CA ILE B 337 -18.72 34.73 -0.95
C ILE B 337 -19.64 35.91 -0.62
N SER B 338 -20.94 35.76 -0.88
CA SER B 338 -21.91 36.81 -0.55
C SER B 338 -21.72 37.43 0.85
N ARG B 339 -21.87 38.75 0.93
CA ARG B 339 -21.98 39.45 2.24
C ARG B 339 -23.12 38.84 3.09
N ASN B 340 -24.16 38.29 2.43
CA ASN B 340 -25.33 37.72 3.11
C ASN B 340 -25.04 36.47 3.94
N PHE B 341 -23.80 35.98 3.87
CA PHE B 341 -23.26 34.99 4.80
C PHE B 341 -23.14 35.48 6.22
N SER B 342 -23.14 36.80 6.42
CA SER B 342 -23.05 37.37 7.78
C SER B 342 -24.39 37.37 8.48
N LYS B 343 -25.46 37.06 7.73
CA LYS B 343 -26.81 36.88 8.29
C LYS B 343 -27.06 35.42 8.70
N LEU B 344 -26.02 34.78 9.25
CA LEU B 344 -26.03 33.34 9.56
C LEU B 344 -25.48 33.25 10.95
N LEU B 345 -26.18 33.89 11.90
CA LEU B 345 -25.61 34.16 13.24
C LEU B 345 -25.43 32.92 14.10
N SER B 346 -26.18 31.89 13.75
CA SER B 346 -26.16 30.63 14.48
C SER B 346 -25.23 29.58 13.84
N LEU B 347 -24.43 29.95 12.85
CA LEU B 347 -23.65 28.98 12.08
C LEU B 347 -22.53 28.45 12.92
N ARG B 348 -22.40 27.14 12.93
CA ARG B 348 -21.40 26.45 13.75
C ARG B 348 -20.29 25.84 12.90
N ALA B 349 -20.65 25.44 11.68
CA ALA B 349 -19.77 24.71 10.81
C ALA B 349 -20.16 24.90 9.36
N LEU B 350 -19.23 25.41 8.57
CA LEU B 350 -19.43 25.60 7.13
C LEU B 350 -18.59 24.62 6.28
N HIS B 351 -19.22 23.95 5.32
CA HIS B 351 -18.51 22.99 4.47
C HIS B 351 -18.40 23.42 3.00
N LEU B 352 -17.24 23.96 2.65
CA LEU B 352 -16.92 24.39 1.29
C LEU B 352 -15.84 23.56 0.59
N ARG B 353 -16.06 22.24 0.48
CA ARG B 353 -15.14 21.40 -0.29
C ARG B 353 -15.53 21.35 -1.75
N GLY B 354 -14.55 21.15 -2.61
CA GLY B 354 -14.80 21.01 -4.02
C GLY B 354 -15.41 22.25 -4.67
N TYR B 355 -15.14 23.44 -4.14
CA TYR B 355 -15.48 24.67 -4.85
C TYR B 355 -14.45 24.91 -5.97
N VAL B 356 -13.18 24.83 -5.58
CA VAL B 356 -12.01 24.84 -6.49
C VAL B 356 -11.65 26.26 -6.85
N PHE B 357 -10.62 26.80 -6.23
CA PHE B 357 -10.21 28.15 -6.54
C PHE B 357 -8.78 28.34 -6.12
N GLN B 358 -8.03 29.17 -6.86
CA GLN B 358 -6.59 29.28 -6.70
C GLN B 358 -6.11 30.04 -5.44
N GLU B 359 -6.71 31.18 -5.11
CA GLU B 359 -6.23 32.00 -3.98
C GLU B 359 -7.32 32.44 -2.99
N LEU B 360 -7.02 32.44 -1.69
CA LEU B 360 -7.99 32.88 -0.69
C LEU B 360 -7.47 34.15 -0.09
N ARG B 361 -8.18 35.24 -0.36
CA ARG B 361 -7.81 36.54 0.18
C ARG B 361 -8.51 36.79 1.50
N GLU B 362 -7.79 37.43 2.42
CA GLU B 362 -8.36 37.91 3.70
C GLU B 362 -9.77 38.47 3.52
N ASP B 363 -9.88 39.34 2.52
CA ASP B 363 -11.10 40.03 2.14
C ASP B 363 -12.26 39.12 1.66
N ASP B 364 -11.95 37.94 1.12
CA ASP B 364 -12.99 37.01 0.63
C ASP B 364 -13.81 36.32 1.74
N PHE B 365 -13.25 36.25 2.94
CA PHE B 365 -13.91 35.67 4.12
C PHE B 365 -14.25 36.71 5.18
N GLN B 366 -14.57 37.94 4.79
CA GLN B 366 -15.07 38.95 5.76
C GLN B 366 -16.43 38.55 6.35
N PRO B 367 -17.40 38.16 5.49
CA PRO B 367 -18.72 37.80 5.97
C PRO B 367 -18.77 36.73 7.09
N LEU B 368 -17.75 35.88 7.24
CA LEU B 368 -17.79 34.86 8.27
C LEU B 368 -17.14 35.29 9.58
N MET B 369 -16.48 36.45 9.59
CA MET B 369 -15.66 36.86 10.75
C MET B 369 -16.44 37.33 11.98
N GLN B 370 -17.68 37.78 11.79
CA GLN B 370 -18.50 38.19 12.93
C GLN B 370 -19.46 37.11 13.41
N LEU B 371 -19.52 35.99 12.71
CA LEU B 371 -20.39 34.90 13.11
C LEU B 371 -19.84 34.34 14.41
N PRO B 372 -20.52 34.62 15.52
CA PRO B 372 -19.92 34.38 16.84
C PRO B 372 -19.66 32.93 17.20
N ASN B 373 -20.40 31.98 16.63
CA ASN B 373 -20.24 30.55 17.01
C ASN B 373 -19.68 29.62 15.90
N LEU B 374 -19.06 30.21 14.88
CA LEU B 374 -18.40 29.44 13.83
C LEU B 374 -17.12 28.83 14.39
N SER B 375 -17.02 27.50 14.31
CA SER B 375 -15.88 26.72 14.86
C SER B 375 -15.18 25.79 13.84
N THR B 376 -15.88 25.42 12.77
CA THR B 376 -15.34 24.62 11.67
C THR B 376 -15.52 25.28 10.30
N ILE B 377 -14.39 25.59 9.66
CA ILE B 377 -14.36 25.92 8.23
C ILE B 377 -13.66 24.80 7.48
N ASN B 378 -14.36 24.26 6.49
CA ASN B 378 -13.87 23.06 5.83
C ASN B 378 -13.58 23.41 4.39
N LEU B 379 -12.30 23.54 4.05
CA LEU B 379 -11.92 23.94 2.69
C LEU B 379 -11.23 22.84 1.93
N GLY B 380 -11.34 21.61 2.39
CA GLY B 380 -10.71 20.47 1.74
C GLY B 380 -10.98 20.38 0.25
N ILE B 381 -10.05 19.76 -0.46
CA ILE B 381 -10.17 19.47 -1.90
C ILE B 381 -10.59 20.70 -2.73
N ASN B 382 -9.92 21.82 -2.53
CA ASN B 382 -10.16 23.02 -3.37
C ASN B 382 -9.00 23.34 -4.32
N PHE B 383 -7.86 22.64 -4.15
CA PHE B 383 -6.62 22.95 -4.88
C PHE B 383 -6.18 24.45 -4.78
N ILE B 384 -6.20 24.98 -3.58
CA ILE B 384 -5.88 26.35 -3.32
C ILE B 384 -4.37 26.53 -3.26
N LYS B 385 -3.81 27.39 -4.12
CA LYS B 385 -2.35 27.64 -4.13
C LYS B 385 -1.87 28.52 -2.97
N GLN B 386 -2.65 29.54 -2.65
CA GLN B 386 -2.29 30.50 -1.61
C GLN B 386 -3.43 30.77 -0.64
N ILE B 387 -3.06 31.07 0.59
CA ILE B 387 -3.99 31.53 1.59
C ILE B 387 -3.37 32.65 2.43
N ASP B 388 -4.01 33.81 2.42
CA ASP B 388 -3.65 34.89 3.31
C ASP B 388 -3.99 34.48 4.76
N PHE B 389 -3.09 33.71 5.38
CA PHE B 389 -3.37 33.01 6.65
C PHE B 389 -3.77 33.91 7.83
N LYS B 390 -3.31 35.16 7.84
CA LYS B 390 -3.65 36.02 8.96
C LYS B 390 -5.18 36.18 9.14
N LEU B 391 -5.97 35.81 8.12
CA LEU B 391 -7.41 35.94 8.20
C LEU B 391 -8.05 35.06 9.22
N PHE B 392 -7.38 33.98 9.63
CA PHE B 392 -7.93 33.08 10.66
C PHE B 392 -7.69 33.60 12.07
N GLN B 393 -6.98 34.72 12.20
CA GLN B 393 -6.89 35.41 13.47
C GLN B 393 -8.16 36.21 13.85
N ASN B 394 -8.89 36.75 12.86
CA ASN B 394 -10.18 37.46 13.13
C ASN B 394 -11.42 36.51 13.13
N PHE B 395 -11.40 35.55 14.06
CA PHE B 395 -12.48 34.61 14.28
C PHE B 395 -12.26 34.25 15.72
N SER B 396 -13.26 34.44 16.57
CA SER B 396 -13.06 34.26 18.03
C SER B 396 -13.44 32.87 18.56
N ASN B 397 -13.96 32.01 17.68
CA ASN B 397 -14.36 30.65 18.07
C ASN B 397 -13.90 29.52 17.12
N LEU B 398 -12.91 29.77 16.25
CA LEU B 398 -12.44 28.70 15.35
C LEU B 398 -11.68 27.65 16.13
N GLU B 399 -12.20 26.42 16.10
CA GLU B 399 -11.52 25.28 16.67
C GLU B 399 -10.95 24.34 15.60
N ILE B 400 -11.43 24.47 14.36
CA ILE B 400 -11.14 23.49 13.30
C ILE B 400 -11.05 24.16 11.93
N ILE B 401 -9.82 24.37 11.47
CA ILE B 401 -9.53 24.84 10.11
C ILE B 401 -9.01 23.66 9.30
N TYR B 402 -9.83 23.13 8.41
CA TYR B 402 -9.47 21.90 7.70
C TYR B 402 -9.14 22.20 6.24
N LEU B 403 -7.84 22.21 5.93
CA LEU B 403 -7.31 22.58 4.60
C LEU B 403 -6.60 21.43 3.83
N SER B 404 -7.03 20.20 4.03
CA SER B 404 -6.44 19.08 3.30
C SER B 404 -6.71 19.11 1.79
N GLU B 405 -5.76 18.59 1.02
CA GLU B 405 -5.85 18.47 -0.43
C GLU B 405 -5.95 19.85 -1.10
N ASN B 406 -5.20 20.78 -0.57
CA ASN B 406 -4.94 22.03 -1.26
C ASN B 406 -3.48 22.05 -1.69
N ARG B 407 -3.00 23.16 -2.22
CA ARG B 407 -1.68 23.22 -2.81
C ARG B 407 -0.81 24.30 -2.18
N ILE B 408 -1.01 24.54 -0.90
CA ILE B 408 -0.14 25.46 -0.20
C ILE B 408 1.27 24.98 -0.45
N SER B 409 2.17 25.95 -0.69
CA SER B 409 3.59 25.67 -0.99
C SER B 409 4.46 26.17 0.17
N PRO B 410 5.73 25.76 0.23
CA PRO B 410 6.56 26.36 1.24
C PRO B 410 6.56 27.85 1.08
N LEU B 411 6.53 28.55 2.20
CA LEU B 411 6.40 29.98 2.23
C LEU B 411 7.76 30.53 2.58
N VAL B 412 8.33 31.29 1.66
CA VAL B 412 9.69 31.81 1.79
C VAL B 412 9.69 33.33 1.79
N LYS B 413 8.62 33.95 2.26
CA LYS B 413 8.52 35.40 2.14
C LYS B 413 7.81 36.06 3.30
N ASP B 414 8.28 37.26 3.64
CA ASP B 414 7.65 38.11 4.66
C ASP B 414 6.32 38.72 4.15
N THR B 415 5.71 39.56 4.98
CA THR B 415 4.42 40.17 4.66
C THR B 415 4.57 41.70 4.47
N PHE B 439 -23.64 1.14 -1.06
CA PHE B 439 -22.92 0.17 -0.23
C PHE B 439 -23.73 -0.24 1.00
N ASP B 440 -23.80 0.65 2.00
CA ASP B 440 -24.58 0.42 3.23
C ASP B 440 -25.83 1.27 3.12
N PRO B 441 -27.01 0.66 3.25
CA PRO B 441 -28.24 1.45 3.07
C PRO B 441 -28.36 2.65 4.01
N HIS B 442 -28.10 2.43 5.30
CA HIS B 442 -28.29 3.43 6.33
C HIS B 442 -27.05 4.32 6.44
N SER B 443 -26.60 4.89 5.32
CA SER B 443 -25.42 5.77 5.32
C SER B 443 -25.72 7.07 4.60
N ASN B 444 -24.99 8.10 5.02
CA ASN B 444 -25.05 9.40 4.40
C ASN B 444 -24.17 9.45 3.13
N PHE B 445 -24.79 9.28 1.98
CA PHE B 445 -24.12 9.37 0.69
C PHE B 445 -23.27 10.63 0.40
N TYR B 446 -23.70 11.80 0.87
CA TYR B 446 -23.18 13.06 0.36
C TYR B 446 -22.37 13.87 1.37
N HIS B 447 -22.50 13.52 2.66
CA HIS B 447 -21.82 14.25 3.73
C HIS B 447 -20.80 13.35 4.42
N PHE B 448 -19.60 13.88 4.64
CA PHE B 448 -18.54 13.10 5.24
C PHE B 448 -18.77 12.98 6.72
N THR B 449 -19.44 11.89 7.11
CA THR B 449 -19.89 11.71 8.50
C THR B 449 -18.78 11.80 9.58
N ARG B 450 -17.64 11.16 9.32
CA ARG B 450 -16.56 11.04 10.32
C ARG B 450 -15.84 12.37 10.66
N PRO B 451 -15.33 12.48 11.88
CA PRO B 451 -14.66 13.74 12.23
C PRO B 451 -13.54 14.12 11.25
N LEU B 452 -13.47 15.39 10.90
CA LEU B 452 -12.48 15.90 9.95
C LEU B 452 -11.06 15.69 10.46
N ILE B 453 -10.90 15.77 11.77
CA ILE B 453 -9.62 15.65 12.40
C ILE B 453 -9.78 14.65 13.53
N LYS B 454 -8.76 13.84 13.76
CA LYS B 454 -8.85 12.87 14.83
C LYS B 454 -9.15 13.60 16.15
N PRO B 455 -10.17 13.14 16.88
CA PRO B 455 -10.59 13.72 18.16
C PRO B 455 -9.46 13.91 19.16
N GLN B 456 -8.64 12.90 19.29
CA GLN B 456 -7.48 12.93 20.16
C GLN B 456 -6.55 14.14 19.97
N CYS B 457 -6.54 14.68 18.74
CA CYS B 457 -5.77 15.88 18.34
C CYS B 457 -6.58 17.15 18.56
N ALA B 458 -7.80 17.17 18.08
CA ALA B 458 -8.63 18.34 18.22
C ALA B 458 -8.91 18.68 19.69
N ALA B 459 -9.00 17.65 20.54
CA ALA B 459 -9.24 17.84 21.99
C ALA B 459 -8.31 18.85 22.66
N TYR B 460 -7.08 19.00 22.13
CA TYR B 460 -6.13 19.98 22.66
C TYR B 460 -6.38 21.44 22.31
N GLY B 461 -7.24 21.72 21.33
CA GLY B 461 -7.54 23.11 20.97
C GLY B 461 -7.67 23.40 19.47
N LYS B 462 -7.17 24.56 19.05
CA LYS B 462 -7.27 24.96 17.65
C LYS B 462 -6.46 23.99 16.77
N ALA B 463 -7.12 23.50 15.72
CA ALA B 463 -6.56 22.48 14.86
C ALA B 463 -6.54 22.96 13.42
N LEU B 464 -5.35 22.83 12.85
CA LEU B 464 -5.07 23.13 11.47
C LEU B 464 -4.65 21.86 10.77
N ASP B 465 -5.41 21.42 9.79
CA ASP B 465 -5.01 20.27 8.96
C ASP B 465 -4.56 20.72 7.55
N LEU B 466 -3.27 20.57 7.30
CA LEU B 466 -2.67 20.89 5.99
C LEU B 466 -2.16 19.63 5.31
N SER B 467 -2.69 18.48 5.70
CA SER B 467 -2.34 17.23 4.99
C SER B 467 -2.57 17.34 3.46
N LEU B 468 -1.83 16.53 2.71
CA LEU B 468 -1.98 16.41 1.27
C LEU B 468 -1.91 17.78 0.52
N ASN B 469 -0.91 18.58 0.91
CA ASN B 469 -0.65 19.87 0.26
C ASN B 469 0.64 19.81 -0.53
N SER B 470 1.37 20.92 -0.66
CA SER B 470 2.63 20.91 -1.42
C SER B 470 3.76 21.55 -0.63
N ILE B 471 3.81 21.21 0.65
CA ILE B 471 4.81 21.77 1.53
C ILE B 471 6.00 20.83 1.57
N PHE B 472 6.85 20.91 0.54
CA PHE B 472 7.98 19.99 0.41
C PHE B 472 9.13 20.30 1.39
N PHE B 473 9.30 21.56 1.74
CA PHE B 473 10.06 21.87 2.96
C PHE B 473 9.29 22.89 3.81
N ILE B 474 9.65 23.02 5.08
CA ILE B 474 8.94 23.97 5.92
C ILE B 474 9.58 25.31 5.67
N GLY B 475 8.79 26.26 5.17
CA GLY B 475 9.29 27.60 4.88
C GLY B 475 9.53 28.41 6.14
N PRO B 476 10.41 29.41 6.07
CA PRO B 476 10.65 30.26 7.24
C PRO B 476 9.39 31.01 7.73
N ASN B 477 8.51 31.42 6.83
CA ASN B 477 7.23 32.04 7.19
C ASN B 477 6.03 31.11 7.01
N GLN B 478 6.19 29.82 7.25
CA GLN B 478 5.11 28.86 6.97
C GLN B 478 3.97 29.00 7.94
N PHE B 479 4.32 29.28 9.20
CA PHE B 479 3.37 29.36 10.29
C PHE B 479 3.24 30.76 10.92
N GLU B 480 3.84 31.77 10.30
CA GLU B 480 3.66 33.17 10.75
C GLU B 480 2.22 33.49 10.50
N ASN B 481 1.64 34.35 11.32
CA ASN B 481 0.25 34.76 11.09
C ASN B 481 -0.77 33.62 11.21
N LEU B 482 -0.46 32.63 12.05
CA LEU B 482 -1.41 31.61 12.45
C LEU B 482 -1.88 31.98 13.84
N PRO B 483 -3.14 31.59 14.17
CA PRO B 483 -3.62 31.68 15.56
C PRO B 483 -2.91 30.65 16.44
N ASP B 484 -3.08 30.72 17.76
CA ASP B 484 -2.42 29.74 18.64
C ASP B 484 -2.96 28.35 18.37
N ILE B 485 -2.11 27.50 17.80
CA ILE B 485 -2.52 26.24 17.19
C ILE B 485 -2.04 25.09 18.03
N ALA B 486 -2.95 24.19 18.39
CA ALA B 486 -2.59 23.07 19.28
C ALA B 486 -2.39 21.74 18.55
N CYS B 487 -3.03 21.60 17.38
CA CYS B 487 -3.15 20.34 16.71
C CYS B 487 -2.83 20.64 15.30
N LEU B 488 -1.78 20.03 14.75
CA LEU B 488 -1.37 20.32 13.38
C LEU B 488 -1.18 19.05 12.57
N ASN B 489 -1.85 18.95 11.44
CA ASN B 489 -1.58 17.90 10.48
C ASN B 489 -0.73 18.40 9.29
N LEU B 490 0.51 17.92 9.20
CA LEU B 490 1.39 18.18 8.04
C LEU B 490 1.65 16.91 7.25
N SER B 491 0.75 15.96 7.35
CA SER B 491 0.90 14.65 6.74
C SER B 491 0.92 14.70 5.23
N ALA B 492 1.62 13.76 4.59
CA ALA B 492 1.52 13.57 3.13
C ALA B 492 1.77 14.81 2.35
N ASN B 493 2.91 15.44 2.63
CA ASN B 493 3.36 16.62 1.90
C ASN B 493 4.70 16.46 1.19
N SER B 494 5.21 15.24 1.05
CA SER B 494 6.52 15.04 0.41
C SER B 494 7.54 15.94 1.05
N ASN B 495 7.40 16.10 2.36
CA ASN B 495 8.12 17.13 3.05
C ASN B 495 9.47 16.65 3.57
N ALA B 496 10.54 17.24 3.07
CA ALA B 496 11.90 16.71 3.28
C ALA B 496 12.72 17.57 4.23
N GLN B 497 12.04 18.37 5.02
CA GLN B 497 12.70 19.30 5.91
C GLN B 497 13.69 18.64 6.86
N VAL B 498 14.77 19.38 7.14
CA VAL B 498 15.78 18.96 8.08
C VAL B 498 15.42 19.67 9.37
N LEU B 499 14.86 18.93 10.29
CA LEU B 499 14.38 19.53 11.53
C LEU B 499 15.52 19.95 12.43
N SER B 500 15.61 21.25 12.67
CA SER B 500 16.68 21.86 13.46
C SER B 500 16.21 22.61 14.72
N GLY B 501 14.93 22.49 15.08
CA GLY B 501 14.42 23.11 16.30
C GLY B 501 13.98 24.55 16.17
N THR B 502 13.99 25.11 14.96
CA THR B 502 13.59 26.49 14.76
C THR B 502 12.37 26.62 13.90
N GLU B 503 11.92 25.53 13.28
CA GLU B 503 10.91 25.60 12.20
C GLU B 503 9.51 25.87 12.73
N PHE B 504 9.29 25.49 14.01
CA PHE B 504 7.96 25.55 14.60
C PHE B 504 7.72 26.66 15.64
N SER B 505 8.68 27.57 15.76
CA SER B 505 8.64 28.58 16.84
C SER B 505 7.40 29.57 16.83
N ALA B 506 6.87 29.91 15.65
CA ALA B 506 5.64 30.71 15.52
C ALA B 506 4.31 30.10 16.06
N ILE B 507 4.29 28.80 16.28
CA ILE B 507 3.13 28.10 16.86
C ILE B 507 3.70 27.10 17.86
N PRO B 508 4.32 27.64 18.91
CA PRO B 508 5.11 26.76 19.77
C PRO B 508 4.27 25.95 20.74
N HIS B 509 2.95 26.17 20.73
CA HIS B 509 2.06 25.51 21.68
C HIS B 509 1.36 24.29 21.14
N VAL B 510 1.90 23.75 20.06
CA VAL B 510 1.44 22.51 19.50
C VAL B 510 1.63 21.39 20.52
N LYS B 511 0.57 20.61 20.72
CA LYS B 511 0.57 19.46 21.65
C LYS B 511 0.46 18.13 20.91
N TYR B 512 -0.30 18.15 19.82
CA TYR B 512 -0.44 17.03 18.89
C TYR B 512 0.13 17.45 17.55
N LEU B 513 1.08 16.68 17.03
CA LEU B 513 1.68 16.93 15.74
C LEU B 513 1.75 15.66 14.87
N ASP B 514 1.19 15.74 13.67
CA ASP B 514 1.13 14.62 12.76
C ASP B 514 2.03 14.87 11.55
N LEU B 515 3.13 14.13 11.44
CA LEU B 515 4.05 14.29 10.27
C LEU B 515 4.12 13.05 9.34
N THR B 516 3.34 12.03 9.64
CA THR B 516 3.26 10.82 8.83
C THR B 516 3.28 11.02 7.32
N ASN B 517 3.83 10.03 6.62
CA ASN B 517 3.98 10.05 5.16
C ASN B 517 4.74 11.23 4.62
N ASN B 518 5.88 11.51 5.20
CA ASN B 518 6.75 12.53 4.65
C ASN B 518 8.16 11.99 4.49
N ARG B 519 9.12 12.87 4.22
CA ARG B 519 10.52 12.50 4.13
C ARG B 519 11.35 13.40 5.02
N LEU B 520 11.06 13.40 6.31
CA LEU B 520 11.75 14.31 7.24
C LEU B 520 13.04 13.73 7.76
N ASP B 521 13.97 14.61 8.05
CA ASP B 521 15.24 14.27 8.66
C ASP B 521 15.19 14.86 10.05
N PHE B 522 15.27 14.01 11.07
CA PHE B 522 15.37 14.45 12.49
C PHE B 522 16.56 13.77 13.13
N ASP B 523 17.69 13.74 12.41
CA ASP B 523 18.93 13.24 12.98
C ASP B 523 19.64 14.34 13.85
N ASN B 524 19.10 15.55 13.89
CA ASN B 524 19.57 16.55 14.82
C ASN B 524 18.84 16.49 16.17
N ALA B 525 19.59 16.62 17.27
CA ALA B 525 19.03 16.45 18.62
C ALA B 525 18.13 17.59 19.07
N SER B 526 18.19 18.73 18.38
CA SER B 526 17.28 19.87 18.62
C SER B 526 15.91 19.76 17.95
N ALA B 527 15.68 18.69 17.20
CA ALA B 527 14.56 18.62 16.32
C ALA B 527 13.26 18.74 17.07
N LEU B 528 12.42 19.70 16.68
CA LEU B 528 11.08 19.90 17.26
C LEU B 528 11.05 20.43 18.72
N THR B 529 12.22 20.62 19.33
CA THR B 529 12.30 20.96 20.75
C THR B 529 11.74 22.35 21.07
N GLU B 530 11.46 23.15 20.02
CA GLU B 530 10.67 24.40 20.17
C GLU B 530 9.18 24.23 20.57
N LEU B 531 8.73 22.97 20.67
CA LEU B 531 7.34 22.69 20.96
C LEU B 531 7.37 22.01 22.29
N SER B 532 7.70 22.75 23.33
CA SER B 532 8.03 22.11 24.62
C SER B 532 6.81 21.46 25.27
N ASP B 533 5.61 21.87 24.86
CA ASP B 533 4.36 21.31 25.36
C ASP B 533 3.85 20.08 24.58
N LEU B 534 4.70 19.51 23.73
CA LEU B 534 4.29 18.48 22.81
C LEU B 534 4.03 17.20 23.58
N GLU B 535 2.86 16.62 23.35
CA GLU B 535 2.44 15.38 24.01
C GLU B 535 2.26 14.24 23.00
N VAL B 536 1.76 14.53 21.80
CA VAL B 536 1.62 13.48 20.79
C VAL B 536 2.38 13.84 19.51
N LEU B 537 3.24 12.93 19.07
CA LEU B 537 4.02 13.11 17.86
C LEU B 537 3.92 11.85 16.97
N ASP B 538 3.33 12.00 15.78
CA ASP B 538 3.30 10.93 14.81
C ASP B 538 4.28 11.14 13.64
N LEU B 539 5.23 10.21 13.53
CA LEU B 539 6.20 10.17 12.45
C LEU B 539 6.10 8.82 11.71
N SER B 540 4.95 8.19 11.73
CA SER B 540 4.81 6.94 11.00
C SER B 540 5.04 7.13 9.50
N TYR B 541 5.67 6.15 8.86
CA TYR B 541 5.93 6.14 7.41
C TYR B 541 6.78 7.29 6.97
N ASN B 542 7.79 7.60 7.75
CA ASN B 542 8.78 8.55 7.32
C ASN B 542 9.99 7.75 6.94
N SER B 543 10.60 8.11 5.82
CA SER B 543 11.78 7.41 5.33
C SER B 543 12.54 8.40 4.44
N HIS B 544 13.80 8.12 4.10
CA HIS B 544 14.52 8.97 3.14
C HIS B 544 13.86 8.82 1.74
N TYR B 545 13.91 9.92 0.98
CA TYR B 545 13.27 10.05 -0.33
C TYR B 545 13.68 8.94 -1.32
N PHE B 546 14.96 8.60 -1.30
CA PHE B 546 15.54 7.59 -2.19
C PHE B 546 15.20 6.16 -1.74
N GLY B 550 18.47 2.23 3.50
CA GLY B 550 19.67 2.16 4.36
C GLY B 550 20.04 3.46 5.06
N VAL B 551 19.14 3.97 5.91
CA VAL B 551 19.28 5.30 6.49
C VAL B 551 19.54 5.28 7.99
N THR B 552 20.46 6.13 8.42
CA THR B 552 20.76 6.24 9.84
C THR B 552 19.68 7.04 10.52
N HIS B 553 19.46 6.71 11.77
CA HIS B 553 18.58 7.51 12.59
C HIS B 553 19.35 7.89 13.85
N HIS B 554 19.10 9.11 14.30
CA HIS B 554 19.61 9.59 15.57
C HIS B 554 18.35 10.03 16.33
N LEU B 555 18.07 9.38 17.46
CA LEU B 555 16.82 9.62 18.19
C LEU B 555 17.04 10.27 19.56
N GLU B 556 17.97 11.21 19.63
CA GLU B 556 18.24 11.90 20.89
C GLU B 556 17.18 12.97 21.16
N PHE B 557 16.50 13.49 20.14
CA PHE B 557 15.57 14.60 20.40
C PHE B 557 14.52 14.22 21.46
N ILE B 558 14.02 12.99 21.42
CA ILE B 558 12.95 12.56 22.34
C ILE B 558 13.17 13.03 23.80
N GLN B 559 14.37 12.76 24.30
CA GLN B 559 14.80 13.05 25.68
C GLN B 559 14.54 14.47 26.09
N ASN B 560 14.76 15.41 25.18
CA ASN B 560 14.61 16.79 25.56
C ASN B 560 13.18 17.19 25.98
N PHE B 561 12.16 16.42 25.60
CA PHE B 561 10.77 16.86 25.81
C PHE B 561 10.25 16.65 27.23
N THR B 562 9.81 17.73 27.85
CA THR B 562 9.39 17.65 29.22
C THR B 562 8.12 16.83 29.37
N ASN B 563 7.23 16.96 28.39
CA ASN B 563 5.86 16.49 28.50
C ASN B 563 5.35 15.67 27.33
N LEU B 564 6.15 14.72 26.85
CA LEU B 564 5.79 13.95 25.65
C LEU B 564 5.18 12.60 26.05
N LYS B 565 3.95 12.37 25.59
CA LYS B 565 3.12 11.25 26.02
C LYS B 565 3.19 10.04 25.03
N VAL B 566 3.20 10.34 23.72
CA VAL B 566 2.97 9.35 22.67
C VAL B 566 3.88 9.57 21.46
N LEU B 567 4.74 8.61 21.21
CA LEU B 567 5.67 8.72 20.11
C LEU B 567 5.36 7.57 19.16
N ASN B 568 5.00 7.89 17.92
CA ASN B 568 4.79 6.85 16.89
C ASN B 568 5.82 6.93 15.78
N LEU B 569 6.70 5.93 15.71
CA LEU B 569 7.68 5.76 14.63
C LEU B 569 7.46 4.47 13.85
N SER B 570 6.21 4.04 13.69
CA SER B 570 5.99 2.82 12.94
C SER B 570 6.56 2.98 11.52
N HIS B 571 6.90 1.87 10.89
CA HIS B 571 7.29 1.83 9.49
C HIS B 571 8.27 2.90 9.12
N ASN B 572 9.34 3.00 9.91
CA ASN B 572 10.44 3.93 9.64
C ASN B 572 11.69 3.19 9.22
N ASN B 573 11.59 1.87 9.06
CA ASN B 573 12.77 1.03 8.76
C ASN B 573 14.03 1.50 9.45
N ILE B 574 13.93 1.41 10.78
CA ILE B 574 14.99 1.79 11.70
C ILE B 574 15.76 0.53 12.03
N TYR B 575 17.00 0.51 11.57
CA TYR B 575 17.91 -0.58 11.85
C TYR B 575 19.16 -0.10 12.61
N THR B 576 19.47 1.20 12.58
CA THR B 576 20.60 1.71 13.39
C THR B 576 20.49 3.12 13.89
N LEU B 577 21.06 3.32 15.07
CA LEU B 577 21.13 4.62 15.73
C LEU B 577 22.60 5.07 15.80
N THR B 578 22.85 6.32 15.43
CA THR B 578 24.19 6.87 15.46
C THR B 578 24.45 7.42 16.84
N ASP B 579 25.70 7.35 17.27
CA ASP B 579 26.17 7.96 18.52
C ASP B 579 25.55 7.37 19.79
N LYS B 580 24.30 7.71 20.09
CA LYS B 580 23.56 7.16 21.23
C LYS B 580 22.73 5.95 20.80
N TYR B 581 22.78 4.88 21.59
CA TYR B 581 22.04 3.64 21.29
C TYR B 581 20.81 3.42 22.20
N ASN B 582 20.48 4.40 23.05
CA ASN B 582 19.28 4.34 23.89
C ASN B 582 18.31 5.47 23.62
N LEU B 583 17.07 5.26 24.01
CA LEU B 583 16.04 6.31 23.92
C LEU B 583 15.68 6.64 25.35
N GLU B 584 15.64 7.92 25.66
CA GLU B 584 15.48 8.34 27.05
C GLU B 584 14.28 9.28 27.21
N SER B 585 13.46 9.06 28.23
CA SER B 585 12.35 9.95 28.53
C SER B 585 11.71 9.54 29.86
N LYS B 586 11.21 10.55 30.57
CA LYS B 586 10.54 10.40 31.87
C LYS B 586 9.07 10.72 31.73
N SER B 587 8.66 11.12 30.55
CA SER B 587 7.27 11.45 30.28
C SER B 587 6.58 10.34 29.50
N LEU B 588 7.28 9.81 28.50
CA LEU B 588 6.68 8.93 27.52
C LEU B 588 6.00 7.75 28.12
N VAL B 589 4.76 7.59 27.68
CA VAL B 589 3.86 6.55 28.13
C VAL B 589 3.63 5.49 27.06
N GLU B 590 3.53 5.90 25.79
CA GLU B 590 3.33 5.00 24.65
C GLU B 590 4.43 5.14 23.60
N LEU B 591 5.11 4.04 23.25
CA LEU B 591 5.98 4.03 22.06
C LEU B 591 5.45 3.00 21.08
N VAL B 592 5.33 3.40 19.81
CA VAL B 592 5.06 2.44 18.72
C VAL B 592 6.30 2.26 17.86
N PHE B 593 6.76 1.03 17.73
CA PHE B 593 7.98 0.80 17.01
C PHE B 593 7.81 -0.27 15.93
N SER B 594 6.59 -0.37 15.41
CA SER B 594 6.25 -1.43 14.45
C SER B 594 6.87 -1.12 13.13
N GLY B 595 7.10 -2.14 12.32
CA GLY B 595 7.65 -1.93 10.98
C GLY B 595 9.04 -1.34 10.97
N ASN B 596 9.83 -1.74 11.95
CA ASN B 596 11.22 -1.33 12.03
C ASN B 596 12.02 -2.59 12.10
N ARG B 597 13.31 -2.45 12.34
CA ARG B 597 14.18 -3.58 12.24
C ARG B 597 14.83 -3.78 13.56
N LEU B 598 14.05 -4.10 14.57
CA LEU B 598 14.61 -4.46 15.85
C LEU B 598 15.51 -5.67 15.68
N ASP B 599 15.03 -6.66 14.93
CA ASP B 599 15.80 -7.87 14.66
C ASP B 599 17.29 -7.61 14.39
N ILE B 600 17.61 -6.51 13.70
CA ILE B 600 18.99 -6.16 13.40
C ILE B 600 19.67 -5.62 14.64
N LEU B 601 19.09 -4.57 15.18
CA LEU B 601 19.58 -3.92 16.40
C LEU B 601 19.89 -4.87 17.56
N TRP B 602 19.15 -5.96 17.69
CA TRP B 602 19.35 -6.93 18.76
C TRP B 602 20.17 -8.21 18.39
N ASN B 603 20.40 -8.45 17.10
CA ASN B 603 21.36 -9.47 16.65
C ASN B 603 22.69 -8.80 16.43
N ASP B 604 22.84 -7.64 17.06
CA ASP B 604 23.97 -6.78 16.89
C ASP B 604 25.18 -7.40 17.57
N ASP B 605 26.26 -7.53 16.82
CA ASP B 605 27.45 -8.25 17.28
C ASP B 605 28.08 -7.64 18.51
N ASP B 606 27.97 -6.32 18.68
CA ASP B 606 28.57 -5.65 19.84
C ASP B 606 27.56 -5.22 20.92
N ASN B 607 26.36 -5.79 20.90
CA ASN B 607 25.35 -5.52 21.93
C ASN B 607 25.00 -4.05 22.16
N ARG B 608 25.23 -3.17 21.18
CA ARG B 608 25.05 -1.74 21.42
C ARG B 608 23.65 -1.36 21.86
N TYR B 609 22.64 -2.15 21.46
CA TYR B 609 21.22 -1.78 21.64
C TYR B 609 20.44 -2.64 22.63
N ILE B 610 21.13 -3.28 23.57
CA ILE B 610 20.50 -4.15 24.56
C ILE B 610 19.51 -3.36 25.40
N SER B 611 19.72 -2.05 25.47
CA SER B 611 18.92 -1.17 26.31
C SER B 611 18.34 0.07 25.59
N ILE B 612 17.91 -0.13 24.34
CA ILE B 612 17.23 0.91 23.54
C ILE B 612 16.16 1.59 24.38
N PHE B 613 15.16 0.79 24.78
CA PHE B 613 13.98 1.33 25.45
C PHE B 613 14.17 1.35 26.95
N LYS B 614 15.30 0.78 27.41
CA LYS B 614 15.58 0.62 28.85
C LYS B 614 15.28 1.87 29.61
N GLY B 615 15.54 3.03 28.98
CA GLY B 615 15.40 4.33 29.62
C GLY B 615 14.11 5.12 29.43
N LEU B 616 13.06 4.46 28.98
CA LEU B 616 11.77 5.14 28.88
C LEU B 616 11.02 4.73 30.15
N LYS B 617 11.32 5.43 31.25
CA LYS B 617 11.04 4.96 32.60
C LYS B 617 9.57 4.99 32.91
N ASN B 618 8.80 5.85 32.25
CA ASN B 618 7.34 5.95 32.43
C ASN B 618 6.50 5.13 31.41
N LEU B 619 7.14 4.31 30.58
CA LEU B 619 6.47 3.57 29.51
C LEU B 619 5.52 2.52 29.97
N THR B 620 4.26 2.61 29.56
CA THR B 620 3.30 1.52 29.80
C THR B 620 2.82 0.72 28.57
N ARG B 621 3.08 1.19 27.35
CA ARG B 621 2.66 0.48 26.15
C ARG B 621 3.75 0.48 25.08
N LEU B 622 4.25 -0.70 24.74
CA LEU B 622 5.28 -0.82 23.70
C LEU B 622 4.85 -1.80 22.59
N ASP B 623 5.03 -1.40 21.33
CA ASP B 623 4.55 -2.17 20.19
C ASP B 623 5.69 -2.56 19.28
N LEU B 624 6.09 -3.82 19.37
CA LEU B 624 7.14 -4.33 18.53
C LEU B 624 6.63 -5.25 17.40
N SER B 625 5.36 -5.08 17.03
CA SER B 625 4.80 -5.79 15.89
C SER B 625 5.61 -5.53 14.63
N LEU B 626 5.62 -6.51 13.73
CA LEU B 626 6.28 -6.35 12.44
C LEU B 626 7.69 -5.90 12.57
N ASN B 627 8.44 -6.60 13.41
CA ASN B 627 9.86 -6.33 13.50
C ASN B 627 10.73 -7.44 12.96
N ARG B 628 10.12 -8.49 12.42
CA ARG B 628 10.88 -9.62 11.88
C ARG B 628 11.77 -10.28 12.95
N LEU B 629 11.23 -10.35 14.16
CA LEU B 629 11.99 -10.91 15.29
C LEU B 629 11.83 -12.39 15.25
N LYS B 630 12.96 -13.07 15.10
CA LYS B 630 12.99 -14.51 15.19
C LYS B 630 13.11 -14.83 16.67
N HIS B 631 14.14 -14.23 17.27
CA HIS B 631 14.51 -14.49 18.64
C HIS B 631 14.71 -13.17 19.38
N ILE B 632 14.34 -13.12 20.65
CA ILE B 632 14.71 -11.98 21.50
C ILE B 632 15.82 -12.38 22.49
N PRO B 633 16.99 -11.71 22.42
CA PRO B 633 18.04 -11.90 23.42
C PRO B 633 17.48 -11.82 24.83
N ASN B 634 17.74 -12.81 25.67
CA ASN B 634 17.09 -12.85 26.99
C ASN B 634 17.22 -11.57 27.79
N GLU B 635 18.42 -10.99 27.81
CA GLU B 635 18.68 -9.81 28.64
C GLU B 635 17.96 -8.57 28.09
N ALA B 636 17.97 -8.42 26.76
CA ALA B 636 17.32 -7.29 26.10
C ALA B 636 15.85 -7.27 26.47
N PHE B 637 15.21 -8.42 26.45
CA PHE B 637 13.84 -8.49 26.95
C PHE B 637 13.71 -7.91 28.36
N LEU B 638 14.56 -8.36 29.28
CA LEU B 638 14.57 -7.86 30.68
C LEU B 638 14.87 -6.34 30.85
N ASN B 639 15.47 -5.75 29.82
CA ASN B 639 15.66 -4.31 29.78
C ASN B 639 14.53 -3.55 29.10
N LEU B 640 13.32 -4.10 29.12
CA LEU B 640 12.15 -3.33 28.69
C LEU B 640 11.59 -2.64 29.94
N PRO B 641 11.16 -1.40 29.81
CA PRO B 641 10.69 -0.71 31.00
C PRO B 641 9.78 -1.55 31.83
N ALA B 642 10.16 -1.88 33.06
CA ALA B 642 9.32 -2.70 33.94
C ALA B 642 8.04 -2.00 34.33
N SER B 643 7.89 -0.76 33.89
CA SER B 643 6.60 -0.06 34.00
C SER B 643 5.46 -0.61 33.11
N LEU B 644 5.77 -1.48 32.14
CA LEU B 644 4.82 -1.84 31.08
C LEU B 644 3.52 -2.45 31.57
N THR B 645 2.43 -1.96 31.02
CA THR B 645 1.11 -2.53 31.19
C THR B 645 0.74 -3.43 30.03
N GLU B 646 1.27 -3.15 28.84
CA GLU B 646 0.80 -3.76 27.58
C GLU B 646 1.94 -3.87 26.61
N LEU B 647 2.24 -5.09 26.17
CA LEU B 647 3.38 -5.37 25.32
C LEU B 647 2.91 -6.15 24.13
N HIS B 648 3.20 -5.64 22.94
CA HIS B 648 2.78 -6.25 21.69
C HIS B 648 4.05 -6.73 20.97
N ILE B 649 4.15 -8.04 20.76
CA ILE B 649 5.24 -8.57 19.93
C ILE B 649 4.67 -9.37 18.75
N ASN B 650 3.42 -9.14 18.44
CA ASN B 650 2.71 -9.83 17.35
C ASN B 650 3.24 -9.62 15.93
N ASP B 651 2.85 -10.49 15.02
CA ASP B 651 3.29 -10.45 13.60
C ASP B 651 4.81 -10.30 13.46
N ASN B 652 5.49 -11.19 14.17
CA ASN B 652 6.90 -11.45 14.00
C ASN B 652 7.05 -12.93 13.69
N MET B 653 8.28 -13.45 13.85
CA MET B 653 8.61 -14.84 13.56
C MET B 653 9.23 -15.51 14.79
N LEU B 654 8.46 -15.57 15.88
CA LEU B 654 8.99 -16.07 17.14
C LEU B 654 8.79 -17.57 17.33
N LYS B 655 9.89 -18.33 17.32
CA LYS B 655 9.83 -19.79 17.60
C LYS B 655 9.89 -20.12 19.10
N PHE B 656 10.56 -19.27 19.87
CA PHE B 656 10.65 -19.45 21.32
C PHE B 656 10.26 -18.19 22.09
N PHE B 657 9.59 -18.35 23.21
CA PHE B 657 9.35 -17.21 24.09
C PHE B 657 9.57 -17.58 25.57
N ASN B 658 10.55 -16.91 26.21
CA ASN B 658 10.97 -17.20 27.60
C ASN B 658 9.98 -16.74 28.68
N TRP B 659 9.00 -17.59 28.94
CA TRP B 659 7.92 -17.27 29.82
C TRP B 659 8.29 -16.92 31.24
N THR B 660 9.57 -17.05 31.62
CA THR B 660 10.00 -16.80 33.01
C THR B 660 10.22 -15.33 33.26
N LEU B 661 10.61 -14.60 32.20
CA LEU B 661 11.03 -13.20 32.30
C LEU B 661 9.87 -12.25 32.57
N LEU B 662 8.73 -12.80 32.95
CA LEU B 662 7.55 -12.03 33.26
C LEU B 662 7.40 -11.75 34.74
N GLN B 663 8.35 -12.26 35.54
CA GLN B 663 8.46 -11.88 36.93
C GLN B 663 8.98 -10.46 36.97
N GLN B 664 9.84 -10.14 36.00
CA GLN B 664 10.42 -8.80 35.85
C GLN B 664 9.38 -7.73 35.44
N PHE B 665 8.19 -8.13 35.01
CA PHE B 665 7.20 -7.16 34.54
C PHE B 665 5.92 -7.20 35.38
N PRO B 666 6.04 -6.80 36.66
CA PRO B 666 4.96 -6.93 37.66
C PRO B 666 3.68 -6.17 37.39
N ARG B 667 3.72 -5.20 36.49
CA ARG B 667 2.51 -4.45 36.17
C ARG B 667 1.76 -4.95 34.95
N LEU B 668 2.35 -5.91 34.24
CA LEU B 668 1.86 -6.33 32.92
C LEU B 668 0.43 -6.90 32.90
N GLU B 669 -0.49 -6.18 32.26
CA GLU B 669 -1.90 -6.61 32.12
C GLU B 669 -2.17 -7.37 30.83
N LEU B 670 -1.52 -6.98 29.71
CA LEU B 670 -1.87 -7.50 28.41
C LEU B 670 -0.65 -7.84 27.63
N LEU B 671 -0.51 -9.10 27.22
CA LEU B 671 0.66 -9.53 26.42
C LEU B 671 0.15 -10.10 25.10
N ASP B 672 0.67 -9.58 23.98
CA ASP B 672 0.19 -9.93 22.62
C ASP B 672 1.25 -10.54 21.73
N LEU B 673 1.13 -11.87 21.56
CA LEU B 673 2.12 -12.66 20.82
C LEU B 673 1.60 -13.23 19.49
N ARG B 674 0.50 -12.68 18.97
CA ARG B 674 -0.21 -13.24 17.82
C ARG B 674 0.59 -13.22 16.55
N GLY B 675 0.48 -14.28 15.76
CA GLY B 675 1.07 -14.27 14.44
C GLY B 675 2.55 -14.43 14.53
N ASN B 676 2.94 -15.58 15.06
CA ASN B 676 4.34 -15.95 15.28
C ASN B 676 4.45 -17.44 15.06
N LYS B 677 5.54 -18.05 15.52
CA LYS B 677 5.74 -19.48 15.33
C LYS B 677 5.98 -20.23 16.67
N LEU B 678 5.38 -19.77 17.75
CA LEU B 678 5.64 -20.37 19.05
C LEU B 678 5.17 -21.83 19.09
N LEU B 679 6.06 -22.74 19.51
CA LEU B 679 5.77 -24.18 19.58
C LEU B 679 5.23 -24.65 20.95
N PHE B 680 5.48 -23.93 22.05
CA PHE B 680 4.99 -24.39 23.38
C PHE B 680 4.93 -23.33 24.51
N LEU B 681 4.36 -23.71 25.65
CA LEU B 681 4.23 -22.83 26.82
C LEU B 681 4.15 -23.52 28.20
N THR B 682 4.85 -22.94 29.18
CA THR B 682 4.59 -23.21 30.60
C THR B 682 3.08 -23.05 30.91
N ASP B 683 2.36 -23.93 31.64
CA ASP B 683 2.81 -25.02 32.56
C ASP B 683 2.87 -24.54 34.03
N SER B 684 3.39 -23.32 34.26
CA SER B 684 3.42 -22.73 35.60
C SER B 684 3.38 -21.19 35.52
N LEU B 685 2.42 -20.66 34.77
CA LEU B 685 2.35 -19.21 34.48
C LEU B 685 2.31 -18.42 35.77
N SER B 686 1.58 -18.95 36.73
CA SER B 686 1.41 -18.32 38.03
C SER B 686 2.75 -17.93 38.66
N ASP B 687 3.71 -18.85 38.64
CA ASP B 687 5.04 -18.58 39.20
C ASP B 687 5.63 -17.30 38.60
N PHE B 688 5.43 -17.11 37.29
CA PHE B 688 6.07 -16.04 36.52
C PHE B 688 5.31 -14.71 36.48
N THR B 689 4.00 -14.73 36.66
CA THR B 689 3.30 -13.46 36.89
C THR B 689 1.90 -13.65 37.45
N SER B 690 1.44 -12.64 38.17
CA SER B 690 0.11 -12.61 38.72
C SER B 690 -0.67 -11.33 38.35
N SER B 691 -0.20 -10.55 37.37
CA SER B 691 -0.90 -9.32 36.93
C SER B 691 -1.55 -9.44 35.55
N LEU B 692 -1.12 -10.47 34.80
CA LEU B 692 -1.48 -10.67 33.40
C LEU B 692 -2.96 -11.00 33.23
N ARG B 693 -3.71 -10.11 32.59
CA ARG B 693 -5.14 -10.29 32.37
C ARG B 693 -5.51 -10.81 30.96
N THR B 694 -4.63 -10.58 29.99
CA THR B 694 -4.98 -10.78 28.61
C THR B 694 -3.77 -11.24 27.88
N LEU B 695 -3.83 -12.53 27.54
CA LEU B 695 -2.77 -13.22 26.81
C LEU B 695 -3.35 -13.65 25.46
N LEU B 696 -2.65 -13.28 24.39
CA LEU B 696 -3.08 -13.50 23.00
C LEU B 696 -2.06 -14.29 22.18
N LEU B 697 -2.46 -15.54 21.88
CA LEU B 697 -1.63 -16.50 21.19
C LEU B 697 -2.11 -16.93 19.79
N SER B 698 -3.25 -16.39 19.37
CA SER B 698 -3.75 -16.56 17.98
C SER B 698 -2.67 -16.59 16.94
N HIS B 699 -2.63 -17.67 16.16
CA HIS B 699 -1.74 -17.83 14.97
C HIS B 699 -0.33 -18.23 15.28
N ASN B 700 -0.22 -19.21 16.16
CA ASN B 700 1.02 -19.88 16.44
C ASN B 700 0.90 -21.39 16.24
N ARG B 701 2.00 -22.10 16.52
CA ARG B 701 2.10 -23.55 16.36
C ARG B 701 2.00 -24.31 17.68
N ILE B 702 1.17 -23.84 18.61
CA ILE B 702 1.08 -24.52 19.90
C ILE B 702 0.19 -25.72 19.68
N SER B 703 0.73 -26.91 19.95
CA SER B 703 -0.06 -28.15 19.85
C SER B 703 -0.48 -28.73 21.21
N HIS B 704 0.22 -28.35 22.29
CA HIS B 704 -0.12 -28.81 23.62
C HIS B 704 -0.58 -27.67 24.49
N LEU B 705 -1.60 -27.91 25.28
CA LEU B 705 -2.07 -26.92 26.22
C LEU B 705 -2.09 -27.56 27.61
N PRO B 706 -1.14 -27.18 28.49
CA PRO B 706 -1.16 -27.67 29.89
C PRO B 706 -2.47 -27.32 30.65
N SER B 707 -2.85 -28.01 31.74
CA SER B 707 -2.14 -29.13 32.40
C SER B 707 -1.17 -28.45 33.33
N GLY B 708 -1.74 -27.56 34.14
CA GLY B 708 -0.95 -26.58 34.90
C GLY B 708 -1.23 -25.16 34.41
N PHE B 709 -1.89 -25.05 33.25
CA PHE B 709 -2.53 -23.82 32.78
C PHE B 709 -3.90 -23.79 33.45
N LEU B 710 -4.31 -22.59 33.88
CA LEU B 710 -5.59 -22.38 34.60
C LEU B 710 -5.64 -22.99 36.00
N SER B 711 -4.51 -23.57 36.43
CA SER B 711 -4.40 -24.23 37.74
C SER B 711 -3.03 -23.89 38.35
N GLU B 712 -2.81 -22.63 38.74
CA GLU B 712 -3.81 -21.57 38.62
C GLU B 712 -3.19 -20.27 38.13
N VAL B 713 -3.83 -19.60 37.16
CA VAL B 713 -3.36 -18.28 36.69
C VAL B 713 -4.24 -17.11 37.16
N SER B 714 -5.50 -17.39 37.50
CA SER B 714 -6.34 -16.46 38.28
C SER B 714 -6.41 -15.02 37.74
N SER B 715 -5.23 -14.37 37.63
CA SER B 715 -5.08 -13.07 36.96
C SER B 715 -5.74 -13.01 35.58
N LEU B 716 -5.63 -14.07 34.77
CA LEU B 716 -6.08 -14.11 33.37
C LEU B 716 -7.60 -13.99 33.19
N LYS B 717 -8.01 -13.03 32.36
CA LYS B 717 -9.40 -12.81 32.08
C LYS B 717 -9.75 -13.22 30.65
N HIS B 718 -8.75 -13.31 29.78
CA HIS B 718 -8.97 -13.54 28.37
C HIS B 718 -7.78 -14.28 27.76
N LEU B 719 -7.98 -15.55 27.46
CA LEU B 719 -6.93 -16.34 26.83
C LEU B 719 -7.34 -16.63 25.41
N ASP B 720 -6.48 -16.30 24.44
CA ASP B 720 -6.81 -16.42 23.02
C ASP B 720 -5.87 -17.35 22.27
N LEU B 721 -6.37 -18.58 22.11
CA LEU B 721 -5.63 -19.67 21.48
C LEU B 721 -6.15 -20.05 20.09
N SER B 722 -6.93 -19.17 19.48
CA SER B 722 -7.43 -19.41 18.12
C SER B 722 -6.30 -19.69 17.09
N SER B 723 -6.67 -20.36 16.00
CA SER B 723 -5.74 -20.64 14.91
C SER B 723 -4.42 -21.19 15.40
N ASN B 724 -4.46 -22.12 16.34
CA ASN B 724 -3.25 -22.88 16.69
C ASN B 724 -3.30 -24.31 16.14
N LEU B 725 -2.45 -25.19 16.65
CA LEU B 725 -2.39 -26.60 16.26
C LEU B 725 -2.77 -27.52 17.41
N LEU B 726 -3.69 -27.13 18.27
CA LEU B 726 -4.16 -28.09 19.27
C LEU B 726 -4.86 -29.22 18.56
N LYS B 727 -4.70 -30.43 19.08
CA LYS B 727 -5.59 -31.56 18.75
C LYS B 727 -6.61 -31.77 19.85
N THR B 728 -6.29 -31.38 21.08
CA THR B 728 -7.21 -31.56 22.20
C THR B 728 -6.80 -30.75 23.44
N ILE B 729 -7.69 -30.72 24.42
CA ILE B 729 -7.43 -30.12 25.75
C ILE B 729 -7.38 -31.23 26.80
N ASN B 730 -6.25 -31.40 27.50
CA ASN B 730 -6.05 -32.62 28.34
C ASN B 730 -6.98 -32.71 29.58
N LYS B 731 -7.03 -33.90 30.18
CA LYS B 731 -7.78 -34.13 31.44
C LYS B 731 -7.02 -33.59 32.66
N SER B 732 -5.69 -33.68 32.63
CA SER B 732 -4.83 -32.99 33.58
C SER B 732 -4.88 -31.49 33.30
N ALA B 733 -5.22 -31.11 32.07
CA ALA B 733 -5.29 -29.70 31.65
C ALA B 733 -6.41 -28.84 32.25
N LEU B 734 -7.32 -29.46 33.00
CA LEU B 734 -8.55 -28.81 33.47
C LEU B 734 -8.56 -28.50 34.97
N THR B 740 -12.21 -21.71 39.72
CA THR B 740 -11.13 -20.73 39.52
C THR B 740 -11.37 -20.01 38.16
N LYS B 741 -11.19 -18.68 38.15
CA LYS B 741 -11.91 -17.80 37.22
C LYS B 741 -11.14 -17.19 36.02
N LEU B 742 -11.89 -17.06 34.93
CA LEU B 742 -11.46 -16.60 33.61
C LEU B 742 -12.78 -16.32 32.84
N SER B 743 -12.81 -15.40 31.88
CA SER B 743 -14.10 -15.02 31.32
C SER B 743 -14.21 -15.06 29.79
N MET B 744 -13.09 -15.24 29.07
CA MET B 744 -13.15 -15.50 27.63
C MET B 744 -11.99 -16.33 27.13
N LEU B 745 -12.34 -17.33 26.31
CA LEU B 745 -11.45 -18.39 25.87
C LEU B 745 -11.72 -18.59 24.39
N GLU B 746 -10.66 -18.58 23.60
CA GLU B 746 -10.78 -18.55 22.16
C GLU B 746 -10.03 -19.71 21.54
N LEU B 747 -10.81 -20.69 21.08
CA LEU B 747 -10.28 -21.94 20.55
C LEU B 747 -10.52 -22.17 19.07
N HIS B 748 -11.48 -21.46 18.46
CA HIS B 748 -11.78 -21.68 17.04
C HIS B 748 -10.52 -21.71 16.19
N GLY B 749 -10.53 -22.55 15.14
CA GLY B 749 -9.44 -22.65 14.16
C GLY B 749 -8.42 -23.71 14.43
N ASN B 750 -8.73 -24.62 15.36
CA ASN B 750 -7.79 -25.68 15.75
C ASN B 750 -8.19 -26.99 15.14
N PRO B 751 -7.21 -27.87 14.88
CA PRO B 751 -7.58 -29.19 14.35
C PRO B 751 -7.98 -30.18 15.43
N PHE B 752 -9.12 -29.93 16.07
CA PHE B 752 -9.63 -30.81 17.12
C PHE B 752 -9.90 -32.28 16.69
N GLU B 753 -9.44 -33.22 17.53
CA GLU B 753 -9.62 -34.67 17.35
C GLU B 753 -10.88 -35.06 18.09
N CYS B 754 -11.94 -35.44 17.37
CA CYS B 754 -13.27 -35.42 17.98
C CYS B 754 -13.80 -36.73 18.60
N THR B 755 -12.91 -37.67 18.91
CA THR B 755 -13.31 -38.90 19.59
C THR B 755 -12.13 -39.48 20.37
N CYS B 756 -12.43 -40.19 21.48
CA CYS B 756 -13.72 -40.11 22.21
C CYS B 756 -13.47 -39.22 23.43
N ASP B 757 -12.24 -38.76 23.54
CA ASP B 757 -11.90 -37.59 24.32
C ASP B 757 -11.23 -36.57 23.38
N ILE B 758 -11.44 -35.29 23.59
CA ILE B 758 -11.98 -34.83 24.86
C ILE B 758 -13.51 -34.60 24.90
N GLY B 759 -14.13 -35.37 25.77
CA GLY B 759 -15.42 -35.07 26.32
C GLY B 759 -15.21 -34.39 27.65
N ASP B 760 -14.03 -34.53 28.26
CA ASP B 760 -13.72 -33.84 29.53
C ASP B 760 -13.82 -32.32 29.40
N PHE B 761 -13.54 -31.81 28.20
CA PHE B 761 -13.52 -30.37 27.94
C PHE B 761 -14.95 -29.98 27.71
N ARG B 762 -15.66 -30.86 27.02
CA ARG B 762 -17.09 -30.75 26.85
C ARG B 762 -17.82 -30.64 28.20
N ARG B 763 -17.42 -31.44 29.17
CA ARG B 763 -17.98 -31.36 30.52
C ARG B 763 -17.44 -30.13 31.26
N TRP B 764 -16.16 -29.84 31.07
CA TRP B 764 -15.53 -28.66 31.66
C TRP B 764 -16.15 -27.35 31.16
N MET B 765 -16.68 -27.36 29.94
CA MET B 765 -17.48 -26.24 29.45
C MET B 765 -18.81 -26.16 30.17
N ASP B 766 -19.46 -27.32 30.33
CA ASP B 766 -20.69 -27.40 31.13
C ASP B 766 -20.40 -27.00 32.59
N GLU B 767 -19.41 -27.65 33.21
CA GLU B 767 -19.03 -27.39 34.61
C GLU B 767 -18.84 -25.88 34.86
N HIS B 768 -17.98 -25.28 34.04
CA HIS B 768 -17.65 -23.85 34.08
C HIS B 768 -18.43 -23.05 32.99
N LEU B 769 -19.69 -22.75 33.29
CA LEU B 769 -20.54 -21.91 32.41
C LEU B 769 -20.06 -20.47 32.29
N ASN B 770 -19.52 -19.91 33.39
CA ASN B 770 -19.05 -18.53 33.41
C ASN B 770 -18.09 -18.18 32.24
N VAL B 771 -17.21 -19.13 31.87
CA VAL B 771 -16.11 -18.89 30.91
C VAL B 771 -16.57 -18.82 29.45
N LYS B 772 -17.37 -17.81 29.11
CA LYS B 772 -17.76 -17.58 27.73
C LYS B 772 -16.72 -17.99 26.68
N ILE B 773 -17.13 -18.79 25.70
CA ILE B 773 -16.30 -19.14 24.53
C ILE B 773 -16.96 -18.62 23.27
N PRO B 774 -16.33 -17.69 22.57
CA PRO B 774 -16.98 -17.18 21.39
C PRO B 774 -16.88 -18.12 20.21
N ARG B 775 -17.76 -17.92 19.24
CA ARG B 775 -17.60 -18.49 17.90
C ARG B 775 -17.56 -20.05 17.91
N LEU B 776 -18.21 -20.65 18.89
CA LEU B 776 -18.31 -22.12 19.04
C LEU B 776 -18.42 -22.84 17.71
N VAL B 777 -19.38 -22.35 16.94
CA VAL B 777 -19.72 -22.87 15.64
C VAL B 777 -18.49 -23.10 14.76
N ASP B 778 -17.41 -22.37 15.00
CA ASP B 778 -16.16 -22.54 14.22
C ASP B 778 -15.08 -23.27 14.98
N VAL B 779 -15.43 -23.82 16.14
CA VAL B 779 -14.53 -24.74 16.86
C VAL B 779 -14.73 -26.14 16.28
N ILE B 780 -13.88 -26.51 15.32
CA ILE B 780 -14.21 -27.51 14.27
C ILE B 780 -13.36 -28.81 14.36
N CYS B 781 -14.06 -29.96 14.43
CA CYS B 781 -13.45 -31.31 14.31
C CYS B 781 -12.69 -31.45 12.99
N ALA B 782 -11.38 -31.65 13.04
CA ALA B 782 -10.63 -31.90 11.81
C ALA B 782 -10.56 -33.38 11.53
N SER B 783 -10.95 -34.20 12.49
CA SER B 783 -10.67 -35.61 12.43
C SER B 783 -11.50 -36.36 13.41
N PRO B 784 -12.07 -37.50 12.98
CA PRO B 784 -11.94 -38.01 11.61
C PRO B 784 -13.26 -37.83 10.87
N GLY B 785 -13.24 -37.50 9.57
CA GLY B 785 -14.48 -37.52 8.76
C GLY B 785 -14.95 -38.92 9.03
N ASP B 786 -16.19 -39.17 9.46
CA ASP B 786 -17.35 -38.26 9.52
C ASP B 786 -17.24 -36.87 10.12
N GLN B 787 -16.59 -36.80 11.27
CA GLN B 787 -16.58 -35.60 12.10
C GLN B 787 -16.03 -34.36 11.41
N ARG B 788 -14.95 -34.52 10.63
CA ARG B 788 -14.33 -33.43 9.86
C ARG B 788 -15.29 -32.36 9.38
N GLY B 789 -15.25 -31.19 10.00
CA GLY B 789 -16.12 -30.07 9.62
C GLY B 789 -17.33 -29.82 10.53
N LYS B 790 -17.40 -30.52 11.67
CA LYS B 790 -18.48 -30.29 12.64
C LYS B 790 -18.01 -29.52 13.90
N SER B 791 -18.95 -28.99 14.67
CA SER B 791 -18.60 -28.31 15.92
C SER B 791 -18.48 -29.34 17.05
N ILE B 792 -17.42 -29.20 17.85
CA ILE B 792 -17.16 -30.14 18.93
C ILE B 792 -18.30 -30.21 19.94
N VAL B 793 -19.28 -29.30 19.88
CA VAL B 793 -20.40 -29.36 20.84
C VAL B 793 -21.48 -30.36 20.39
N SER B 794 -21.42 -30.78 19.13
CA SER B 794 -22.47 -31.64 18.58
C SER B 794 -22.40 -33.13 18.95
N LEU B 795 -21.21 -33.63 19.34
CA LEU B 795 -21.00 -35.08 19.47
C LEU B 795 -21.69 -35.69 20.71
N GLU B 796 -21.40 -36.97 20.99
CA GLU B 796 -21.82 -37.61 22.24
C GLU B 796 -20.62 -38.13 23.03
#